data_4BCA
#
_entry.id   4BCA
#
_cell.length_a   61.680
_cell.length_b   99.320
_cell.length_c   107.980
_cell.angle_alpha   90.43
_cell.angle_beta   92.12
_cell.angle_gamma   95.20
#
_symmetry.space_group_name_H-M   'P 1'
#
loop_
_entity.id
_entity.type
_entity.pdbx_description
1 polymer 'ALKYLDIHYDROXYACETONEPHOSPHATE SYNTHASE, PEROXISOMAL'
2 non-polymer 'FLAVIN-ADENINE DINUCLEOTIDE'
3 non-polymer 'CHLORIDE ION'
4 non-polymer 'SULFATE ION'
5 water water
#
_entity_poly.entity_id   1
_entity_poly.type   'polypeptide(L)'
_entity_poly.pdbx_seq_one_letter_code
;MAEAAAAAAAAAAAGETSASSGSAAERDPDQDRAGRRLRVLSGHLLGRPQEALSTNECKARRAASAATAAPTATPAAPES
GIIPKKRQELMKWNGWGYNDSKFFLNKKGQLELTGKRYPLSGVALPTFKDWIQNTFGINLDHKTTSKASLNPSDTPPSIV
NEDFLHELKKTNISYSQEADDRVFRAHGHCLHEIFLLREGMFERIPDIVLWPTCHDDVVKIVNLACKYNLCIIPIGGGTS
VSYGLMCPADETRTIISLDTSQMNRILWVDENNLTAHVEAGITGQELERQLKESGYCTGHEPDSLEFSTVGGWISTRASG
MKKNIYGNIEDLVVHMKVVTPRGVIEKSCQGPRMSTGPDIHHFIMGSEGTLGVITEATIKIRPTPEYQKYGSVAFPNFEQ
GVACLREIAKQRCAPASIRLMDNQQFQFGHALKPQVSSIFTSFLDGLKKFYITKFKGFDPNQLSVATLLFEGDREKVLQH
EKQVYDIAAKFGGLAAGEDNGQRGYLLTYVIAYMRDLGLEYYIIGESFETSAPWDRVVDLCRNVKERIRRECKEKGVQFP
PLSTCRVTQTYDAGACIFFYFAFNYRGISDPLAVFEQTEAAAREEILANGGSLSHHHGVGKLRKQWLKESISDVGFGMLK
SVKDYVDPTNIFGNRNLL
;
_entity_poly.pdbx_strand_id   A,B,C,D
#
loop_
_chem_comp.id
_chem_comp.type
_chem_comp.name
_chem_comp.formula
CL non-polymer 'CHLORIDE ION' 'Cl -1'
FAD non-polymer 'FLAVIN-ADENINE DINUCLEOTIDE' 'C27 H33 N9 O15 P2'
SO4 non-polymer 'SULFATE ION' 'O4 S -2'
#
# COMPACT_ATOMS: atom_id res chain seq x y z
N GLY A 81 7.74 25.68 -5.56
CA GLY A 81 8.46 24.73 -6.45
C GLY A 81 9.97 24.75 -6.21
N ILE A 82 10.46 25.88 -5.63
CA ILE A 82 11.81 25.98 -5.02
C ILE A 82 11.77 25.16 -3.72
N ILE A 83 12.83 24.39 -3.51
CA ILE A 83 12.94 23.73 -2.22
C ILE A 83 13.57 24.77 -1.24
N PRO A 84 12.80 25.18 -0.19
CA PRO A 84 13.42 26.02 0.87
C PRO A 84 14.32 25.11 1.75
N LYS A 85 15.12 25.70 2.60
CA LYS A 85 16.22 24.98 3.23
C LYS A 85 15.79 23.85 4.15
N LYS A 86 14.87 24.13 5.08
CA LYS A 86 14.31 23.11 5.96
C LYS A 86 13.14 22.48 5.23
N ARG A 87 13.44 21.42 4.50
CA ARG A 87 12.47 20.73 3.72
C ARG A 87 11.30 20.16 4.54
N GLN A 88 11.54 19.68 5.75
CA GLN A 88 10.47 18.99 6.48
C GLN A 88 9.32 19.93 6.84
N GLU A 89 9.51 21.22 6.68
CA GLU A 89 8.41 22.17 6.80
C GLU A 89 7.33 21.95 5.74
N LEU A 90 7.74 21.38 4.61
CA LEU A 90 6.87 21.27 3.45
C LEU A 90 6.71 19.80 3.02
N MET A 91 7.82 19.05 3.13
CA MET A 91 7.86 17.66 2.71
C MET A 91 7.85 16.68 3.88
N LYS A 92 7.33 15.49 3.64
CA LYS A 92 7.28 14.47 4.66
C LYS A 92 8.70 14.09 4.97
N TRP A 93 9.02 14.00 6.26
CA TRP A 93 10.35 13.56 6.69
C TRP A 93 10.48 12.04 6.58
N ASN A 94 9.36 11.34 6.48
CA ASN A 94 9.37 9.90 6.61
C ASN A 94 8.67 9.24 5.47
N GLY A 95 8.62 9.91 4.32
CA GLY A 95 8.00 9.35 3.12
C GLY A 95 7.87 10.29 1.94
N TRP A 96 7.06 9.94 0.95
CA TRP A 96 6.99 10.70 -0.30
C TRP A 96 6.28 12.07 -0.20
N GLY A 97 6.87 13.12 -0.74
CA GLY A 97 6.10 14.28 -1.19
C GLY A 97 5.70 15.22 -0.09
N TYR A 98 4.54 15.86 -0.24
CA TYR A 98 4.17 16.95 0.64
C TYR A 98 3.45 16.50 1.91
N ASN A 99 3.72 17.20 3.01
CA ASN A 99 2.94 17.11 4.24
C ASN A 99 1.46 17.18 4.05
N ASP A 100 1.00 18.09 3.22
CA ASP A 100 -0.43 18.36 3.16
C ASP A 100 -1.21 17.26 2.35
N SER A 101 -0.49 16.26 1.85
CA SER A 101 -1.03 15.34 0.88
C SER A 101 -0.78 13.90 1.33
N LYS A 102 -1.80 13.27 1.93
CA LYS A 102 -1.77 11.83 2.22
C LYS A 102 -3.13 11.25 2.09
N PHE A 103 -3.18 9.94 1.94
CA PHE A 103 -4.43 9.24 1.90
C PHE A 103 -4.99 9.09 3.28
N PHE A 104 -6.30 9.20 3.42
CA PHE A 104 -6.96 8.92 4.72
C PHE A 104 -8.37 8.43 4.45
N LEU A 105 -9.03 7.97 5.51
CA LEU A 105 -10.41 7.53 5.41
C LEU A 105 -11.30 8.70 5.71
N ASN A 106 -12.21 9.01 4.80
CA ASN A 106 -13.11 10.15 4.98
C ASN A 106 -14.26 9.78 5.88
N LYS A 107 -15.09 10.77 6.23
CA LYS A 107 -16.26 10.61 7.09
C LYS A 107 -17.25 9.52 6.69
N LYS A 108 -17.15 9.00 5.47
CA LYS A 108 -17.96 7.84 5.16
C LYS A 108 -17.14 6.61 4.89
N GLY A 109 -15.92 6.58 5.43
CA GLY A 109 -15.04 5.44 5.28
C GLY A 109 -14.55 5.16 3.86
N GLN A 110 -14.37 6.19 3.04
CA GLN A 110 -13.81 6.05 1.70
C GLN A 110 -12.41 6.67 1.71
N LEU A 111 -11.49 6.10 0.96
CA LEU A 111 -10.16 6.64 0.83
C LEU A 111 -10.13 7.92 0.01
N GLU A 112 -9.34 8.84 0.50
CA GLU A 112 -9.34 10.16 -0.06
C GLU A 112 -8.00 10.80 0.22
N LEU A 113 -7.46 11.50 -0.78
CA LEU A 113 -6.22 12.22 -0.57
C LEU A 113 -6.51 13.56 0.07
N THR A 114 -5.80 13.95 1.11
CA THR A 114 -5.98 15.28 1.69
C THR A 114 -5.42 16.41 0.83
N GLY A 115 -5.70 17.65 1.22
CA GLY A 115 -5.07 18.80 0.57
C GLY A 115 -5.77 19.19 -0.71
N LYS A 116 -5.10 20.04 -1.48
CA LYS A 116 -5.64 20.68 -2.68
C LYS A 116 -4.68 20.58 -3.87
N ARG A 117 -3.57 19.85 -3.72
CA ARG A 117 -2.48 19.81 -4.71
C ARG A 117 -2.68 19.09 -6.04
N TYR A 118 -3.36 17.97 -6.04
CA TYR A 118 -3.48 17.19 -7.23
C TYR A 118 -4.94 17.22 -7.73
N PRO A 119 -5.19 16.84 -9.00
CA PRO A 119 -6.56 16.64 -9.54
C PRO A 119 -7.43 15.61 -8.75
N LEU A 120 -6.79 14.61 -8.18
CA LEU A 120 -7.47 13.67 -7.32
C LEU A 120 -7.59 14.17 -5.87
N SER A 121 -6.90 15.26 -5.51
CA SER A 121 -6.98 15.77 -4.13
C SER A 121 -8.41 16.15 -3.74
N GLY A 122 -8.85 15.70 -2.58
CA GLY A 122 -10.20 15.95 -2.12
C GLY A 122 -11.28 15.14 -2.84
N VAL A 123 -10.91 14.20 -3.71
CA VAL A 123 -11.90 13.36 -4.39
C VAL A 123 -12.00 11.99 -3.70
N ALA A 124 -13.19 11.66 -3.19
CA ALA A 124 -13.47 10.34 -2.61
C ALA A 124 -13.33 9.25 -3.63
N LEU A 125 -12.67 8.18 -3.21
CA LEU A 125 -12.37 7.07 -4.08
C LEU A 125 -13.12 5.86 -3.57
N PRO A 126 -14.40 5.72 -3.93
CA PRO A 126 -15.30 4.78 -3.24
C PRO A 126 -14.94 3.28 -3.38
N THR A 127 -14.20 2.92 -4.44
CA THR A 127 -13.91 1.51 -4.68
C THR A 127 -12.45 1.16 -4.36
N PHE A 128 -11.71 2.11 -3.78
CA PHE A 128 -10.27 1.92 -3.56
C PHE A 128 -10.04 0.99 -2.36
N LYS A 129 -10.75 1.23 -1.26
CA LYS A 129 -10.77 0.28 -0.16
C LYS A 129 -11.07 -1.19 -0.58
N ASP A 130 -12.15 -1.44 -1.29
CA ASP A 130 -12.42 -2.77 -1.77
C ASP A 130 -11.25 -3.40 -2.55
N TRP A 131 -10.68 -2.65 -3.49
CA TRP A 131 -9.61 -3.18 -4.31
C TRP A 131 -8.41 -3.60 -3.45
N ILE A 132 -8.02 -2.73 -2.53
CA ILE A 132 -6.98 -3.05 -1.58
C ILE A 132 -7.29 -4.33 -0.81
N GLN A 133 -8.51 -4.48 -0.30
CA GLN A 133 -8.90 -5.69 0.40
C GLN A 133 -8.91 -6.91 -0.50
N ASN A 134 -9.41 -6.79 -1.73
CA ASN A 134 -9.41 -7.93 -2.61
C ASN A 134 -7.98 -8.33 -2.96
N THR A 135 -7.10 -7.35 -3.08
CA THR A 135 -5.78 -7.59 -3.63
C THR A 135 -4.77 -8.00 -2.56
N PHE A 136 -4.98 -7.56 -1.32
CA PHE A 136 -3.99 -7.80 -0.27
C PHE A 136 -4.47 -8.61 0.92
N GLY A 137 -5.78 -8.72 1.07
CA GLY A 137 -6.37 -9.54 2.13
C GLY A 137 -6.20 -8.92 3.51
N ILE A 138 -6.37 -7.60 3.59
CA ILE A 138 -6.31 -6.92 4.88
C ILE A 138 -7.69 -6.36 5.14
N ASN A 139 -8.02 -6.01 6.39
CA ASN A 139 -9.33 -5.40 6.64
C ASN A 139 -9.41 -3.92 6.23
N LEU A 140 -8.30 -3.21 6.43
CA LEU A 140 -8.20 -1.75 6.38
C LEU A 140 -8.77 -1.24 7.68
N ASP A 141 -8.40 -2.00 8.70
CA ASP A 141 -8.75 -1.73 10.08
C ASP A 141 -7.43 -1.71 10.84
N HIS A 142 -6.70 -2.83 10.83
CA HIS A 142 -5.45 -2.93 11.59
C HIS A 142 -4.27 -2.11 11.02
N LYS A 143 -3.99 -1.03 11.72
CA LYS A 143 -3.05 -0.01 11.33
C LYS A 143 -1.70 -0.23 12.05
N THR A 144 -0.73 0.64 11.75
CA THR A 144 0.48 0.79 12.57
C THR A 144 0.92 2.25 12.71
N ASP A 154 20.38 9.64 20.68
CA ASP A 154 19.45 9.39 19.56
C ASP A 154 20.13 9.33 18.12
N THR A 155 20.18 10.45 17.42
CA THR A 155 20.90 10.51 16.15
C THR A 155 22.43 10.64 16.43
N PRO A 156 23.30 10.12 15.52
CA PRO A 156 24.74 10.26 15.78
C PRO A 156 25.13 11.75 15.87
N PRO A 157 26.14 12.08 16.68
CA PRO A 157 26.58 13.49 16.83
C PRO A 157 27.33 14.04 15.61
N SER A 158 27.29 15.36 15.47
CA SER A 158 27.93 16.00 14.33
C SER A 158 29.45 16.27 14.57
N ILE A 159 30.28 15.50 13.87
CA ILE A 159 31.73 15.56 14.03
C ILE A 159 32.32 16.39 12.88
N VAL A 160 32.78 17.61 13.20
CA VAL A 160 33.32 18.58 12.21
C VAL A 160 34.51 19.39 12.77
N ASN A 161 35.62 19.35 12.03
CA ASN A 161 36.86 20.12 12.31
C ASN A 161 36.50 21.58 12.53
N GLU A 162 36.80 22.10 13.72
CA GLU A 162 36.61 23.51 14.03
C GLU A 162 37.34 24.53 13.10
N ASP A 163 38.50 24.17 12.56
CA ASP A 163 39.17 25.05 11.59
C ASP A 163 38.38 25.09 10.29
N PHE A 164 37.99 23.92 9.79
CA PHE A 164 37.13 23.87 8.61
C PHE A 164 35.98 24.82 8.80
N LEU A 165 35.30 24.67 9.92
CA LEU A 165 34.17 25.49 10.28
C LEU A 165 34.50 26.99 10.17
N HIS A 166 35.66 27.37 10.70
CA HIS A 166 36.16 28.74 10.67
C HIS A 166 36.18 29.30 9.26
N GLU A 167 36.79 28.57 8.34
CA GLU A 167 36.87 28.97 6.94
C GLU A 167 35.53 28.93 6.27
N LEU A 168 34.67 28.02 6.72
CA LEU A 168 33.36 27.93 6.17
C LEU A 168 32.52 29.19 6.48
N LYS A 169 32.67 29.74 7.67
CA LYS A 169 31.96 30.98 8.01
C LYS A 169 32.42 32.16 7.13
N LYS A 170 33.73 32.33 6.97
CA LYS A 170 34.26 33.33 6.03
C LYS A 170 33.58 33.34 4.62
N THR A 171 33.12 32.19 4.13
CA THR A 171 32.47 32.16 2.80
C THR A 171 31.02 32.63 2.78
N ASN A 172 30.39 32.78 3.95
CA ASN A 172 28.98 33.11 3.99
C ASN A 172 28.02 32.07 3.31
N ILE A 173 28.54 30.88 2.97
CA ILE A 173 27.72 29.77 2.49
C ILE A 173 26.94 29.19 3.68
N SER A 174 25.63 29.17 3.51
CA SER A 174 24.66 28.68 4.45
C SER A 174 24.84 27.17 4.85
N TYR A 175 24.74 26.82 6.13
CA TYR A 175 25.06 25.45 6.56
C TYR A 175 24.26 25.00 7.77
N SER A 176 24.29 23.69 8.09
CA SER A 176 23.55 23.22 9.27
C SER A 176 24.13 21.94 9.88
N GLN A 177 24.09 21.83 11.20
CA GLN A 177 24.45 20.58 11.86
C GLN A 177 23.23 20.08 12.63
N GLU A 178 22.07 20.68 12.38
CA GLU A 178 20.86 20.26 13.07
C GLU A 178 20.56 18.84 12.63
N ALA A 179 20.25 17.98 13.58
CA ALA A 179 19.96 16.60 13.28
C ALA A 179 18.83 16.40 12.23
N ASP A 180 17.74 17.14 12.25
CA ASP A 180 16.73 16.90 11.18
C ASP A 180 17.08 17.32 9.74
N ASP A 181 17.97 18.31 9.58
CA ASP A 181 18.51 18.62 8.26
C ASP A 181 19.41 17.48 7.82
N ARG A 182 20.14 16.89 8.79
CA ARG A 182 21.08 15.82 8.43
C ARG A 182 20.36 14.52 8.10
N VAL A 183 19.38 14.13 8.93
CA VAL A 183 18.59 12.90 8.70
C VAL A 183 17.70 12.98 7.41
N PHE A 184 17.17 14.16 7.11
CA PHE A 184 16.36 14.32 5.91
C PHE A 184 17.18 13.98 4.65
N ARG A 185 18.48 14.20 4.72
CA ARG A 185 19.32 14.15 3.58
C ARG A 185 20.16 12.91 3.70
N ALA A 186 19.77 12.00 4.60
CA ALA A 186 20.52 10.73 4.74
C ALA A 186 19.96 9.57 3.91
N HIS A 187 19.00 9.86 3.06
CA HIS A 187 18.31 8.81 2.30
C HIS A 187 17.62 9.39 1.05
N GLY A 188 17.12 8.45 0.22
CA GLY A 188 16.22 8.68 -0.93
C GLY A 188 14.91 7.91 -0.71
N HIS A 189 14.35 7.29 -1.75
CA HIS A 189 13.02 6.67 -1.61
C HIS A 189 12.85 5.19 -1.84
N CYS A 190 13.88 4.45 -1.46
CA CYS A 190 13.82 3.03 -1.40
C CYS A 190 12.93 2.59 -0.21
N LEU A 191 12.24 1.47 -0.38
CA LEU A 191 11.42 0.91 0.68
C LEU A 191 12.26 0.77 1.93
N HIS A 192 13.42 0.15 1.75
CA HIS A 192 14.32 -0.13 2.85
C HIS A 192 14.65 1.11 3.64
N GLU A 193 14.94 2.20 2.96
CA GLU A 193 15.29 3.43 3.65
C GLU A 193 14.07 3.92 4.40
N ILE A 194 12.92 3.90 3.74
CA ILE A 194 11.68 4.51 4.25
C ILE A 194 11.28 3.81 5.55
N PHE A 195 11.52 2.51 5.55
CA PHE A 195 11.20 1.63 6.63
C PHE A 195 11.97 1.94 7.88
N LEU A 196 13.31 1.96 7.78
CA LEU A 196 14.16 2.48 8.89
C LEU A 196 13.68 3.85 9.44
N LEU A 197 13.56 4.85 8.56
CA LEU A 197 12.91 6.13 8.95
C LEU A 197 11.71 5.95 9.92
N ARG A 198 10.76 5.12 9.49
CA ARG A 198 9.57 4.84 10.30
C ARG A 198 9.88 4.08 11.60
N GLU A 199 10.91 3.24 11.56
CA GLU A 199 11.03 2.19 12.57
C GLU A 199 12.31 2.22 13.41
N GLY A 200 13.25 3.14 13.12
CA GLY A 200 14.59 3.14 13.78
C GLY A 200 15.45 4.37 13.54
N MET A 201 16.78 4.17 13.41
CA MET A 201 17.70 5.24 12.89
C MET A 201 18.83 4.75 11.99
N PHE A 202 19.26 5.65 11.08
CA PHE A 202 20.33 5.37 10.11
C PHE A 202 21.62 5.16 10.85
N GLU A 203 22.45 4.28 10.30
CA GLU A 203 23.77 4.01 10.79
C GLU A 203 24.68 5.22 10.66
N ARG A 204 24.52 5.94 9.57
CA ARG A 204 25.42 7.02 9.22
C ARG A 204 24.60 8.07 8.52
N ILE A 205 24.77 9.31 8.96
CA ILE A 205 24.07 10.41 8.33
C ILE A 205 25.10 11.50 8.02
N PRO A 206 24.79 12.43 7.11
CA PRO A 206 25.81 13.45 6.89
C PRO A 206 26.17 14.24 8.16
N ASP A 207 27.41 14.68 8.29
CA ASP A 207 27.81 15.47 9.44
C ASP A 207 27.44 16.97 9.28
N ILE A 208 27.35 17.47 8.04
CA ILE A 208 27.01 18.87 7.87
C ILE A 208 26.26 19.05 6.54
N VAL A 209 25.25 19.92 6.50
CA VAL A 209 24.56 20.19 5.21
C VAL A 209 25.03 21.54 4.73
N LEU A 210 25.57 21.66 3.52
CA LEU A 210 25.88 23.00 2.99
C LEU A 210 24.82 23.38 1.92
N TRP A 211 24.52 24.66 1.74
CA TRP A 211 23.68 25.03 0.60
C TRP A 211 24.38 26.08 -0.34
N PRO A 212 25.24 25.63 -1.25
CA PRO A 212 25.82 26.60 -2.19
C PRO A 212 24.70 27.27 -3.05
N THR A 213 24.87 28.54 -3.41
CA THR A 213 23.91 29.26 -4.29
C THR A 213 24.44 29.40 -5.74
N CYS A 214 25.71 29.06 -5.98
CA CYS A 214 26.24 29.17 -7.35
C CYS A 214 27.42 28.20 -7.57
N HIS A 215 27.83 28.07 -8.83
CA HIS A 215 29.05 27.42 -9.22
C HIS A 215 30.28 27.76 -8.37
N ASP A 216 30.64 29.03 -8.19
CA ASP A 216 31.88 29.37 -7.40
C ASP A 216 31.84 28.88 -5.94
N ASP A 217 30.67 28.89 -5.30
CA ASP A 217 30.46 28.26 -3.99
C ASP A 217 30.82 26.80 -4.05
N VAL A 218 30.40 26.13 -5.13
CA VAL A 218 30.76 24.74 -5.23
C VAL A 218 32.30 24.58 -5.35
N VAL A 219 32.97 25.46 -6.10
CA VAL A 219 34.44 25.41 -6.23
C VAL A 219 35.08 25.59 -4.84
N LYS A 220 34.78 26.68 -4.14
CA LYS A 220 35.08 26.79 -2.71
C LYS A 220 34.91 25.55 -1.83
N ILE A 221 33.75 24.90 -1.87
CA ILE A 221 33.51 23.75 -1.02
C ILE A 221 34.46 22.63 -1.39
N VAL A 222 34.60 22.37 -2.70
CA VAL A 222 35.44 21.25 -3.11
C VAL A 222 36.90 21.44 -2.69
N ASN A 223 37.44 22.62 -2.92
CA ASN A 223 38.69 23.05 -2.37
C ASN A 223 38.77 22.88 -0.84
N LEU A 224 37.76 23.27 -0.08
CA LEU A 224 37.81 23.08 1.36
C LEU A 224 37.86 21.60 1.75
N ALA A 225 37.24 20.74 0.94
CA ALA A 225 37.26 19.29 1.18
C ALA A 225 38.62 18.64 0.84
N CYS A 226 39.32 19.13 -0.17
CA CYS A 226 40.71 18.71 -0.37
C CYS A 226 41.53 19.08 0.87
N LYS A 227 41.39 20.34 1.29
CA LYS A 227 42.22 20.85 2.34
C LYS A 227 41.92 20.13 3.67
N TYR A 228 40.67 19.92 3.96
CA TYR A 228 40.37 19.36 5.26
C TYR A 228 40.06 17.86 5.28
N ASN A 229 40.43 17.13 4.21
CA ASN A 229 40.15 15.68 4.10
C ASN A 229 38.67 15.32 4.37
N LEU A 230 37.76 15.96 3.64
CA LEU A 230 36.31 15.80 3.83
C LEU A 230 35.64 14.94 2.76
N CYS A 231 34.44 14.46 3.01
CA CYS A 231 33.77 13.61 2.05
C CYS A 231 32.55 14.42 1.55
N ILE A 232 32.27 14.44 0.27
CA ILE A 232 31.05 15.14 -0.16
C ILE A 232 30.05 14.21 -0.82
N ILE A 233 28.78 14.27 -0.39
CA ILE A 233 27.72 13.61 -1.10
C ILE A 233 26.68 14.61 -1.67
N PRO A 234 26.64 14.82 -2.99
CA PRO A 234 25.67 15.83 -3.49
C PRO A 234 24.27 15.29 -3.44
N ILE A 235 23.31 16.15 -3.12
CA ILE A 235 21.88 15.76 -3.12
C ILE A 235 21.11 16.82 -3.80
N GLY A 236 20.15 16.42 -4.64
CA GLY A 236 19.25 17.36 -5.32
C GLY A 236 17.87 17.17 -4.69
N GLY A 237 16.99 16.45 -5.40
CA GLY A 237 15.65 16.11 -4.89
C GLY A 237 15.59 15.10 -3.75
N GLY A 238 16.67 14.38 -3.51
CA GLY A 238 16.64 13.22 -2.64
C GLY A 238 15.62 12.18 -3.12
N THR A 239 15.33 12.10 -4.43
CA THR A 239 14.39 11.07 -4.92
C THR A 239 15.08 9.77 -5.41
N SER A 240 16.38 9.60 -5.14
CA SER A 240 17.08 8.37 -5.53
C SER A 240 16.30 7.13 -5.07
N VAL A 241 16.32 6.09 -5.90
CA VAL A 241 15.70 4.84 -5.56
C VAL A 241 16.71 3.69 -5.69
N SER A 242 18.02 3.96 -5.55
CA SER A 242 19.05 2.93 -5.72
C SER A 242 20.06 2.93 -4.60
N TYR A 243 19.73 3.60 -3.51
CA TYR A 243 20.65 3.80 -2.38
C TYR A 243 21.70 4.83 -2.68
N GLY A 244 21.48 5.59 -3.76
CA GLY A 244 22.50 6.52 -4.23
C GLY A 244 22.99 7.58 -3.24
N LEU A 245 22.27 7.79 -2.15
CA LEU A 245 22.53 8.87 -1.18
C LEU A 245 22.92 8.33 0.21
N MET A 246 22.77 7.04 0.40
CA MET A 246 23.13 6.42 1.62
C MET A 246 24.64 6.65 1.91
N CYS A 247 24.95 7.15 3.10
CA CYS A 247 26.34 7.32 3.51
C CYS A 247 26.89 5.98 3.95
N PRO A 248 28.02 5.53 3.36
CA PRO A 248 28.55 4.23 3.77
C PRO A 248 28.88 4.24 5.26
N ALA A 249 28.51 3.20 5.99
CA ALA A 249 28.58 3.23 7.44
C ALA A 249 30.01 3.44 7.98
N ASP A 250 31.00 2.97 7.24
CA ASP A 250 32.37 3.04 7.70
C ASP A 250 33.18 4.20 7.08
N GLU A 251 32.49 5.12 6.38
CA GLU A 251 33.08 6.43 6.09
C GLU A 251 33.41 7.13 7.42
N THR A 252 34.68 7.45 7.67
CA THR A 252 35.07 8.04 8.95
C THR A 252 35.37 9.53 8.82
N ARG A 253 35.71 9.99 7.62
CA ARG A 253 35.80 11.43 7.34
C ARG A 253 34.44 12.13 7.64
N THR A 254 34.48 13.42 7.98
CA THR A 254 33.31 14.31 7.97
C THR A 254 32.62 14.31 6.59
N ILE A 255 31.33 14.01 6.56
CA ILE A 255 30.57 13.95 5.33
C ILE A 255 29.76 15.22 5.12
N ILE A 256 30.03 15.96 4.07
CA ILE A 256 29.19 17.10 3.71
C ILE A 256 28.07 16.61 2.79
N SER A 257 26.84 16.91 3.17
CA SER A 257 25.71 16.78 2.28
C SER A 257 25.68 18.07 1.47
N LEU A 258 26.07 18.03 0.21
CA LEU A 258 26.12 19.25 -0.55
C LEU A 258 24.79 19.30 -1.28
N ASP A 259 23.87 20.09 -0.72
CA ASP A 259 22.54 20.27 -1.24
C ASP A 259 22.48 21.38 -2.33
N THR A 260 21.82 21.06 -3.44
CA THR A 260 21.91 21.94 -4.60
C THR A 260 20.69 22.73 -4.79
N SER A 261 19.71 22.60 -3.87
CA SER A 261 18.39 23.16 -4.08
C SER A 261 18.35 24.70 -4.12
N GLN A 262 19.32 25.35 -3.51
CA GLN A 262 19.37 26.82 -3.62
C GLN A 262 20.08 27.26 -4.92
N MET A 263 20.59 26.29 -5.69
CA MET A 263 21.31 26.55 -6.92
C MET A 263 20.34 26.22 -8.05
N ASN A 264 19.42 27.15 -8.33
CA ASN A 264 18.19 26.81 -9.05
C ASN A 264 17.71 27.81 -10.11
N ARG A 265 18.59 28.71 -10.56
CA ARG A 265 18.20 29.69 -11.55
C ARG A 265 18.34 29.20 -12.95
N ILE A 266 17.42 29.68 -13.80
CA ILE A 266 17.62 29.77 -15.25
C ILE A 266 18.57 30.95 -15.62
N LEU A 267 19.75 30.67 -16.16
CA LEU A 267 20.72 31.71 -16.33
C LEU A 267 20.56 32.46 -17.68
N TRP A 268 20.22 31.74 -18.75
CA TRP A 268 19.75 32.38 -19.99
C TRP A 268 18.87 31.42 -20.77
N VAL A 269 17.87 31.96 -21.46
CA VAL A 269 17.05 31.22 -22.40
C VAL A 269 17.41 31.77 -23.76
N ASP A 270 17.98 30.93 -24.63
CA ASP A 270 18.46 31.34 -25.98
C ASP A 270 17.42 30.88 -27.00
N GLU A 271 16.59 31.80 -27.48
CA GLU A 271 15.51 31.46 -28.39
C GLU A 271 16.04 31.24 -29.82
N ASN A 272 17.23 31.71 -30.11
CA ASN A 272 17.79 31.45 -31.42
C ASN A 272 18.13 29.97 -31.55
N ASN A 273 18.78 29.41 -30.51
CA ASN A 273 19.31 28.08 -30.63
C ASN A 273 18.35 27.08 -29.98
N LEU A 274 17.20 27.57 -29.48
CA LEU A 274 16.33 26.77 -28.55
C LEU A 274 17.11 25.98 -27.53
N THR A 275 17.90 26.70 -26.75
CA THR A 275 18.52 26.13 -25.53
C THR A 275 18.30 26.99 -24.29
N ALA A 276 18.48 26.38 -23.13
CA ALA A 276 18.36 27.13 -21.89
C ALA A 276 19.51 26.70 -21.00
N HIS A 277 20.21 27.65 -20.38
CA HIS A 277 21.34 27.30 -19.53
C HIS A 277 20.87 27.46 -18.09
N VAL A 278 20.99 26.39 -17.30
CA VAL A 278 20.38 26.35 -16.00
C VAL A 278 21.39 25.88 -14.93
N GLU A 279 21.16 26.30 -13.69
CA GLU A 279 21.82 25.76 -12.50
C GLU A 279 21.24 24.40 -12.16
N ALA A 280 22.05 23.51 -11.63
CA ALA A 280 21.65 22.11 -11.73
C ALA A 280 20.71 21.66 -10.66
N GLY A 281 20.33 22.56 -9.79
CA GLY A 281 19.50 22.17 -8.64
C GLY A 281 18.06 22.57 -8.86
N ILE A 282 17.76 23.14 -10.04
CA ILE A 282 16.37 23.49 -10.38
C ILE A 282 15.52 22.20 -10.57
N THR A 283 14.31 22.15 -10.01
CA THR A 283 13.46 20.99 -10.18
C THR A 283 12.76 20.96 -11.53
N GLY A 284 12.26 19.81 -11.96
CA GLY A 284 11.49 19.68 -13.18
C GLY A 284 10.31 20.62 -13.17
N GLN A 285 9.62 20.70 -12.05
CA GLN A 285 8.44 21.56 -11.93
C GLN A 285 8.74 23.02 -12.18
N GLU A 286 9.82 23.51 -11.58
CA GLU A 286 10.09 24.91 -11.54
C GLU A 286 10.69 25.31 -12.94
N LEU A 287 11.47 24.42 -13.52
CA LEU A 287 12.01 24.57 -14.88
C LEU A 287 10.85 24.78 -15.83
N GLU A 288 9.87 23.89 -15.79
CA GLU A 288 8.79 23.98 -16.76
C GLU A 288 7.90 25.16 -16.47
N ARG A 289 7.71 25.50 -15.21
CA ARG A 289 6.84 26.60 -14.89
C ARG A 289 7.53 27.88 -15.41
N GLN A 290 8.83 27.98 -15.17
CA GLN A 290 9.55 29.16 -15.62
C GLN A 290 9.71 29.28 -17.14
N LEU A 291 9.92 28.18 -17.84
CA LEU A 291 10.01 28.24 -19.27
C LEU A 291 8.66 28.57 -19.89
N LYS A 292 7.58 28.11 -19.27
CA LYS A 292 6.25 28.26 -19.83
C LYS A 292 5.89 29.75 -20.00
N GLU A 293 6.42 30.57 -19.09
CA GLU A 293 6.19 32.02 -19.05
C GLU A 293 6.84 32.67 -20.23
N SER A 294 7.73 31.94 -20.88
CA SER A 294 8.37 32.47 -22.09
C SER A 294 7.82 31.87 -23.34
N GLY A 295 7.05 30.80 -23.21
CA GLY A 295 6.42 30.15 -24.36
C GLY A 295 7.11 28.86 -24.71
N TYR A 296 7.99 28.38 -23.83
CA TYR A 296 8.87 27.18 -23.99
C TYR A 296 8.70 26.09 -22.89
N CYS A 297 9.24 24.90 -23.16
CA CYS A 297 9.30 23.80 -22.23
C CYS A 297 10.48 22.89 -22.59
N THR A 298 10.92 22.03 -21.69
CA THR A 298 11.88 20.97 -21.99
C THR A 298 11.15 19.68 -22.33
N GLY A 299 9.96 19.48 -21.78
CA GLY A 299 9.22 18.22 -22.03
C GLY A 299 9.84 16.97 -21.39
N HIS A 300 10.88 17.17 -20.58
CA HIS A 300 11.43 16.13 -19.76
C HIS A 300 10.61 15.94 -18.50
N GLU A 301 9.86 14.85 -18.50
CA GLU A 301 8.82 14.61 -17.49
C GLU A 301 8.95 13.24 -16.75
N PRO A 302 9.97 13.07 -15.91
CA PRO A 302 9.99 11.86 -15.10
C PRO A 302 8.89 11.96 -14.06
N ASP A 303 8.43 10.83 -13.53
CA ASP A 303 7.39 10.84 -12.51
C ASP A 303 7.79 11.58 -11.21
N SER A 304 9.08 11.83 -10.99
CA SER A 304 9.56 12.52 -9.78
C SER A 304 9.85 13.97 -10.03
N LEU A 305 9.30 14.52 -11.11
CA LEU A 305 9.66 15.87 -11.58
C LEU A 305 9.36 17.03 -10.61
N GLU A 306 8.53 16.80 -9.60
CA GLU A 306 8.19 17.84 -8.65
C GLU A 306 9.39 18.08 -7.80
N PHE A 307 10.27 17.09 -7.67
CA PHE A 307 11.45 17.19 -6.76
C PHE A 307 12.79 16.88 -7.39
N SER A 308 12.82 16.06 -8.44
CA SER A 308 14.06 15.64 -8.99
C SER A 308 14.72 16.81 -9.72
N THR A 309 16.06 16.80 -9.83
CA THR A 309 16.72 17.96 -10.37
C THR A 309 17.52 17.71 -11.69
N VAL A 310 17.86 18.80 -12.39
CA VAL A 310 18.68 18.71 -13.56
C VAL A 310 19.91 17.92 -13.23
N GLY A 311 20.67 18.29 -12.19
CA GLY A 311 21.89 17.60 -11.83
C GLY A 311 21.62 16.15 -11.54
N GLY A 312 20.50 15.89 -10.86
CA GLY A 312 20.09 14.54 -10.56
C GLY A 312 19.90 13.74 -11.84
N TRP A 313 19.20 14.32 -12.81
CA TRP A 313 18.86 13.60 -14.04
C TRP A 313 20.12 13.22 -14.77
N ILE A 314 21.08 14.13 -14.71
CA ILE A 314 22.27 13.96 -15.52
C ILE A 314 23.03 12.84 -14.81
N SER A 315 23.02 12.88 -13.47
CA SER A 315 23.74 11.88 -12.66
C SER A 315 23.20 10.45 -12.85
N THR A 316 21.89 10.32 -13.06
CA THR A 316 21.31 8.98 -12.96
C THR A 316 20.87 8.52 -14.35
N ARG A 317 21.06 9.37 -15.36
CA ARG A 317 20.62 9.05 -16.71
C ARG A 317 19.11 8.85 -16.72
N ALA A 318 18.40 9.90 -16.34
CA ALA A 318 17.00 9.83 -16.11
C ALA A 318 16.28 9.78 -17.46
N SER A 319 15.09 9.18 -17.45
CA SER A 319 14.22 9.12 -18.60
C SER A 319 12.85 9.68 -18.25
N GLY A 320 12.28 10.49 -19.12
CA GLY A 320 10.98 11.03 -18.81
C GLY A 320 9.89 10.45 -19.67
N MET A 321 8.66 10.73 -19.25
CA MET A 321 7.49 10.13 -19.92
C MET A 321 7.33 10.47 -21.42
N LYS A 322 7.87 11.59 -21.87
CA LYS A 322 7.60 12.03 -23.25
C LYS A 322 8.90 12.05 -24.06
N LYS A 323 9.81 11.15 -23.71
CA LYS A 323 11.10 11.06 -24.42
C LYS A 323 10.93 10.84 -25.94
N ASN A 324 9.86 10.15 -26.34
CA ASN A 324 9.61 9.91 -27.75
C ASN A 324 9.66 11.20 -28.54
N ILE A 325 9.19 12.28 -27.93
CA ILE A 325 9.25 13.57 -28.56
C ILE A 325 10.47 14.33 -28.12
N TYR A 326 10.85 14.28 -26.85
CA TYR A 326 11.86 15.25 -26.38
C TYR A 326 13.25 14.67 -26.18
N GLY A 327 13.34 13.33 -26.19
CA GLY A 327 14.60 12.66 -25.93
C GLY A 327 14.70 12.37 -24.45
N ASN A 328 15.54 11.40 -24.07
CA ASN A 328 16.01 11.21 -22.67
C ASN A 328 17.12 12.22 -22.27
N ILE A 329 17.49 12.25 -20.98
CA ILE A 329 18.50 13.21 -20.56
C ILE A 329 19.70 13.32 -21.51
N GLU A 330 20.22 12.19 -22.01
CA GLU A 330 21.41 12.21 -22.87
C GLU A 330 21.19 12.86 -24.22
N ASP A 331 19.93 12.95 -24.65
CA ASP A 331 19.62 13.68 -25.87
C ASP A 331 19.39 15.18 -25.61
N LEU A 332 18.88 15.53 -24.42
CA LEU A 332 18.51 16.90 -24.04
C LEU A 332 19.68 17.79 -23.69
N VAL A 333 20.76 17.24 -23.13
CA VAL A 333 21.83 18.05 -22.62
C VAL A 333 22.83 18.35 -23.70
N VAL A 334 23.14 19.63 -23.89
CA VAL A 334 24.01 20.06 -24.96
C VAL A 334 25.36 20.46 -24.37
N HIS A 335 25.35 20.79 -23.09
CA HIS A 335 26.51 21.34 -22.42
C HIS A 335 26.36 21.16 -20.88
N MET A 336 27.50 21.10 -20.20
CA MET A 336 27.55 21.02 -18.75
C MET A 336 28.90 21.49 -18.24
N LYS A 337 28.91 21.93 -16.98
CA LYS A 337 30.09 22.36 -16.20
C LYS A 337 30.11 21.50 -14.94
N VAL A 338 31.26 20.88 -14.60
CA VAL A 338 31.32 19.91 -13.49
C VAL A 338 32.54 20.26 -12.68
N VAL A 339 32.38 20.48 -11.37
CA VAL A 339 33.51 20.78 -10.46
C VAL A 339 33.99 19.48 -9.86
N THR A 340 35.24 19.08 -10.08
CA THR A 340 35.74 17.78 -9.58
C THR A 340 36.97 18.17 -8.81
N PRO A 341 37.50 17.29 -7.95
CA PRO A 341 38.69 17.66 -7.20
C PRO A 341 39.88 18.02 -8.10
N ARG A 342 39.91 17.45 -9.29
CA ARG A 342 40.98 17.81 -10.21
C ARG A 342 40.86 19.17 -10.94
N GLY A 343 39.71 19.77 -10.89
CA GLY A 343 39.42 20.99 -11.65
C GLY A 343 38.01 20.83 -12.23
N VAL A 344 37.68 21.69 -13.16
CA VAL A 344 36.37 21.88 -13.71
C VAL A 344 36.35 21.34 -15.11
N ILE A 345 35.43 20.44 -15.36
CA ILE A 345 35.14 19.95 -16.69
C ILE A 345 34.04 20.77 -17.38
N GLU A 346 34.30 21.16 -18.63
CA GLU A 346 33.37 21.87 -19.50
C GLU A 346 33.94 21.82 -20.94
N LYS A 347 33.09 21.69 -21.96
CA LYS A 347 33.57 21.90 -23.32
C LYS A 347 33.66 23.39 -23.71
N SER A 348 34.48 23.73 -24.70
CA SER A 348 34.63 25.14 -24.99
C SER A 348 33.63 25.69 -25.99
N CYS A 349 32.82 24.85 -26.64
CA CYS A 349 31.74 25.36 -27.50
C CYS A 349 30.35 24.75 -27.23
N GLN A 350 29.35 25.30 -27.91
CA GLN A 350 27.99 24.98 -27.62
C GLN A 350 27.33 24.34 -28.84
N GLY A 351 28.16 23.78 -29.73
CA GLY A 351 27.72 23.10 -30.94
C GLY A 351 26.88 21.84 -30.68
N PRO A 352 26.03 21.46 -31.65
CA PRO A 352 25.10 20.43 -31.44
C PRO A 352 25.75 19.05 -31.46
N ARG A 353 26.85 18.89 -32.19
CA ARG A 353 27.37 17.53 -32.37
C ARG A 353 28.81 17.56 -32.82
N MET A 354 29.63 16.79 -32.12
CA MET A 354 31.07 16.79 -32.38
C MET A 354 31.79 15.46 -32.51
N SER A 355 32.92 15.55 -33.15
CA SER A 355 33.82 14.41 -33.25
C SER A 355 35.19 14.90 -32.79
N THR A 356 35.34 14.95 -31.46
CA THR A 356 36.58 15.30 -30.83
C THR A 356 36.95 14.28 -29.79
N GLY A 357 36.93 12.97 -30.13
CA GLY A 357 37.38 11.92 -29.23
C GLY A 357 36.18 11.39 -28.47
N PRO A 358 36.39 10.49 -27.51
CA PRO A 358 35.23 9.98 -26.74
C PRO A 358 34.53 11.13 -26.05
N ASP A 359 33.22 11.07 -25.91
CA ASP A 359 32.38 12.21 -25.55
C ASP A 359 32.33 12.26 -24.05
N ILE A 360 33.11 13.17 -23.50
CA ILE A 360 33.24 13.29 -22.05
C ILE A 360 31.94 13.61 -21.32
N HIS A 361 30.98 14.21 -22.02
CA HIS A 361 29.64 14.34 -21.44
C HIS A 361 29.09 12.95 -21.00
N HIS A 362 29.45 11.90 -21.75
CA HIS A 362 29.07 10.55 -21.37
C HIS A 362 29.90 9.97 -20.26
N PHE A 363 31.08 10.52 -19.98
CA PHE A 363 31.79 10.15 -18.78
C PHE A 363 31.07 10.60 -17.54
N ILE A 364 30.28 11.67 -17.62
CA ILE A 364 29.62 12.24 -16.43
C ILE A 364 28.16 11.81 -16.34
N MET A 365 27.50 11.66 -17.49
CA MET A 365 26.17 11.13 -17.44
C MET A 365 26.21 9.72 -16.91
N GLY A 366 25.45 9.49 -15.81
CA GLY A 366 25.33 8.18 -15.14
C GLY A 366 26.35 8.05 -14.02
N SER A 367 27.09 9.14 -13.69
CA SER A 367 28.20 9.00 -12.75
C SER A 367 27.76 8.90 -11.25
N GLU A 368 26.44 9.06 -11.01
CA GLU A 368 25.89 8.92 -9.65
C GLU A 368 26.67 9.56 -8.46
N GLY A 369 27.10 10.80 -8.63
CA GLY A 369 27.68 11.56 -7.51
C GLY A 369 29.05 11.10 -7.12
N THR A 370 29.65 10.28 -7.96
CA THR A 370 30.94 9.68 -7.61
C THR A 370 32.14 10.53 -8.04
N LEU A 371 31.92 11.46 -8.97
CA LEU A 371 32.99 12.16 -9.64
C LEU A 371 33.05 13.66 -9.23
N GLY A 372 31.92 14.32 -9.06
CA GLY A 372 31.99 15.70 -8.55
C GLY A 372 30.62 16.26 -8.76
N VAL A 373 30.50 17.58 -8.84
CA VAL A 373 29.20 18.22 -8.81
C VAL A 373 28.89 18.81 -10.19
N ILE A 374 27.75 18.41 -10.78
CA ILE A 374 27.27 19.08 -11.99
C ILE A 374 26.68 20.39 -11.47
N THR A 375 27.24 21.52 -11.93
CA THR A 375 26.75 22.81 -11.42
C THR A 375 25.82 23.51 -12.31
N GLU A 376 25.93 23.30 -13.63
CA GLU A 376 25.18 24.09 -14.61
C GLU A 376 25.01 23.22 -15.82
N ALA A 377 23.89 23.33 -16.55
CA ALA A 377 23.75 22.55 -17.79
C ALA A 377 22.99 23.34 -18.83
N THR A 378 23.35 23.17 -20.09
CA THR A 378 22.53 23.70 -21.17
C THR A 378 21.60 22.59 -21.66
N ILE A 379 20.33 22.91 -21.78
CA ILE A 379 19.33 21.92 -22.13
C ILE A 379 18.55 22.37 -23.32
N LYS A 380 18.20 21.43 -24.19
CA LYS A 380 17.31 21.78 -25.28
C LYS A 380 15.91 22.24 -24.81
N ILE A 381 15.27 23.15 -25.53
CA ILE A 381 13.89 23.51 -25.20
C ILE A 381 13.08 23.52 -26.49
N ARG A 382 11.77 23.68 -26.40
CA ARG A 382 10.86 23.61 -27.55
C ARG A 382 9.68 24.48 -27.21
N PRO A 383 9.08 25.11 -28.22
CA PRO A 383 7.82 25.82 -28.01
C PRO A 383 6.84 24.92 -27.30
N THR A 384 6.07 25.47 -26.39
CA THR A 384 4.96 24.80 -25.74
C THR A 384 4.05 24.23 -26.80
N PRO A 385 3.76 22.94 -26.74
CA PRO A 385 2.89 22.29 -27.74
C PRO A 385 1.50 22.96 -27.77
N GLU A 386 1.08 23.34 -28.97
CA GLU A 386 -0.26 23.96 -29.25
C GLU A 386 -1.46 23.16 -28.65
N TYR A 387 -1.38 21.83 -28.68
CA TYR A 387 -2.53 21.00 -28.48
C TYR A 387 -2.14 19.67 -27.84
N GLN A 388 -2.90 19.20 -26.85
CA GLN A 388 -2.75 17.85 -26.33
C GLN A 388 -4.04 17.06 -26.48
N LYS A 389 -3.89 15.75 -26.67
CA LYS A 389 -4.99 14.81 -26.71
C LYS A 389 -4.64 13.50 -25.98
N TYR A 390 -5.58 12.98 -25.18
CA TYR A 390 -5.43 11.66 -24.56
C TYR A 390 -6.24 10.65 -25.30
N GLY A 391 -5.94 9.37 -25.07
CA GLY A 391 -6.65 8.31 -25.74
C GLY A 391 -6.38 7.02 -25.00
N SER A 392 -6.98 5.94 -25.45
CA SER A 392 -6.74 4.68 -24.82
C SER A 392 -7.24 3.56 -25.71
N VAL A 393 -6.60 2.41 -25.56
CA VAL A 393 -6.91 1.27 -26.38
C VAL A 393 -6.88 0.04 -25.48
N ALA A 394 -7.85 -0.82 -25.67
CA ALA A 394 -7.97 -2.07 -24.93
C ALA A 394 -7.63 -3.19 -25.87
N PHE A 395 -6.99 -4.23 -25.35
CA PHE A 395 -6.52 -5.30 -26.24
C PHE A 395 -6.99 -6.63 -25.67
N PRO A 396 -7.21 -7.65 -26.52
CA PRO A 396 -7.72 -8.91 -25.99
C PRO A 396 -6.85 -9.43 -24.84
N ASN A 397 -5.53 -9.29 -24.94
CA ASN A 397 -4.64 -9.69 -23.87
C ASN A 397 -3.35 -8.87 -23.91
N PHE A 398 -2.41 -9.17 -23.01
CA PHE A 398 -1.19 -8.41 -22.87
C PHE A 398 -0.29 -8.64 -24.09
N GLU A 399 -0.29 -9.88 -24.60
CA GLU A 399 0.63 -10.29 -25.71
C GLU A 399 0.27 -9.48 -26.92
N GLN A 400 -1.02 -9.38 -27.19
CA GLN A 400 -1.52 -8.66 -28.31
C GLN A 400 -1.17 -7.19 -28.21
N GLY A 401 -1.29 -6.66 -27.00
CA GLY A 401 -0.85 -5.32 -26.68
C GLY A 401 0.61 -5.11 -27.01
N VAL A 402 1.48 -6.07 -26.64
CA VAL A 402 2.93 -5.93 -26.90
C VAL A 402 3.24 -5.93 -28.43
N ALA A 403 2.64 -6.88 -29.11
CA ALA A 403 2.79 -6.96 -30.57
C ALA A 403 2.38 -5.61 -31.21
N CYS A 404 1.34 -4.95 -30.65
CA CYS A 404 0.92 -3.66 -31.21
C CYS A 404 1.95 -2.56 -30.92
N LEU A 405 2.40 -2.46 -29.68
CA LEU A 405 3.50 -1.53 -29.43
C LEU A 405 4.72 -1.78 -30.34
N ARG A 406 5.11 -3.05 -30.48
CA ARG A 406 6.16 -3.40 -31.41
C ARG A 406 5.93 -2.84 -32.82
N GLU A 407 4.70 -2.95 -33.34
CA GLU A 407 4.38 -2.46 -34.67
C GLU A 407 4.44 -0.96 -34.71
N ILE A 408 3.93 -0.30 -33.69
CA ILE A 408 3.96 1.14 -33.68
C ILE A 408 5.42 1.60 -33.75
N ALA A 409 6.31 0.94 -33.01
CA ALA A 409 7.74 1.31 -33.02
C ALA A 409 8.41 0.96 -34.39
N LYS A 410 8.00 -0.15 -34.99
CA LYS A 410 8.52 -0.52 -36.28
C LYS A 410 8.20 0.52 -37.37
N GLN A 411 7.03 1.18 -37.24
CA GLN A 411 6.62 2.22 -38.18
C GLN A 411 7.04 3.66 -37.73
N ARG A 412 7.76 3.71 -36.61
CA ARG A 412 8.24 4.94 -36.04
C ARG A 412 7.17 5.98 -35.83
N CYS A 413 6.04 5.58 -35.27
CA CYS A 413 4.98 6.55 -35.04
C CYS A 413 4.45 6.56 -33.61
N ALA A 414 5.32 6.29 -32.66
CA ALA A 414 4.93 6.29 -31.23
C ALA A 414 4.65 7.68 -30.88
N PRO A 415 3.54 7.91 -30.21
CA PRO A 415 3.17 9.27 -29.87
C PRO A 415 4.04 9.78 -28.73
N ALA A 416 3.79 11.00 -28.26
CA ALA A 416 4.45 11.56 -27.06
C ALA A 416 4.64 10.51 -25.94
N SER A 417 3.58 9.80 -25.62
CA SER A 417 3.64 8.78 -24.62
C SER A 417 2.68 7.65 -24.98
N ILE A 418 3.12 6.42 -24.75
CA ILE A 418 2.30 5.24 -24.98
C ILE A 418 2.73 4.26 -23.92
N ARG A 419 1.78 3.75 -23.17
CA ARG A 419 2.07 2.81 -22.11
C ARG A 419 1.04 1.70 -22.18
N LEU A 420 1.52 0.48 -22.03
CA LEU A 420 0.65 -0.64 -22.03
C LEU A 420 0.66 -1.29 -20.68
N MET A 421 -0.50 -1.38 -20.08
CA MET A 421 -0.69 -1.99 -18.78
C MET A 421 -1.29 -3.37 -18.83
N ASP A 422 -0.83 -4.23 -17.92
CA ASP A 422 -1.40 -5.58 -17.85
C ASP A 422 -2.77 -5.49 -17.21
N ASN A 423 -3.49 -6.61 -17.24
CA ASN A 423 -4.85 -6.68 -16.71
C ASN A 423 -4.94 -6.17 -15.27
N GLN A 424 -4.01 -6.59 -14.41
CA GLN A 424 -4.04 -6.19 -13.00
C GLN A 424 -4.01 -4.66 -12.86
N GLN A 425 -3.17 -3.98 -13.63
CA GLN A 425 -3.11 -2.49 -13.62
C GLN A 425 -4.36 -1.84 -14.19
N PHE A 426 -4.91 -2.45 -15.23
CA PHE A 426 -6.20 -2.00 -15.74
C PHE A 426 -7.30 -2.02 -14.65
N GLN A 427 -7.44 -3.16 -13.97
CA GLN A 427 -8.35 -3.34 -12.83
C GLN A 427 -8.09 -2.35 -11.69
N PHE A 428 -6.83 -2.14 -11.33
CA PHE A 428 -6.41 -1.14 -10.36
C PHE A 428 -7.00 0.21 -10.71
N GLY A 429 -6.70 0.69 -11.92
CA GLY A 429 -7.20 1.96 -12.40
C GLY A 429 -8.71 2.06 -12.33
N HIS A 430 -9.41 0.97 -12.66
CA HIS A 430 -10.85 0.97 -12.63
C HIS A 430 -11.45 1.14 -11.21
N ALA A 431 -10.70 0.70 -10.22
CA ALA A 431 -11.04 0.87 -8.82
C ALA A 431 -10.81 2.31 -8.31
N LEU A 432 -10.08 3.14 -9.08
CA LEU A 432 -9.94 4.56 -8.75
C LEU A 432 -10.97 5.53 -9.34
N LYS A 433 -12.24 5.14 -9.34
CA LYS A 433 -13.35 5.85 -9.99
C LYS A 433 -14.55 6.14 -9.03
N PRO A 434 -15.36 7.21 -9.31
CA PRO A 434 -16.34 7.83 -8.35
C PRO A 434 -17.65 7.08 -8.07
N GLN A 435 -18.07 6.16 -8.96
CA GLN A 435 -19.36 5.50 -8.78
C GLN A 435 -19.27 4.52 -7.64
N VAL A 436 -20.25 4.57 -6.73
CA VAL A 436 -20.28 3.78 -5.49
C VAL A 436 -21.01 2.47 -5.78
N SER A 437 -20.33 1.34 -5.62
CA SER A 437 -20.91 0.04 -5.95
C SER A 437 -21.81 -0.47 -4.84
N SER A 438 -22.74 -1.39 -5.18
CA SER A 438 -23.50 -2.10 -4.14
C SER A 438 -22.60 -3.07 -3.36
N ILE A 439 -22.90 -3.19 -2.08
CA ILE A 439 -22.14 -4.06 -1.19
C ILE A 439 -22.52 -5.57 -1.40
N PHE A 440 -23.52 -5.83 -2.25
CA PHE A 440 -23.92 -7.21 -2.60
C PHE A 440 -23.54 -7.62 -4.02
N THR A 441 -22.66 -6.85 -4.64
CA THR A 441 -22.04 -7.27 -5.90
C THR A 441 -20.52 -7.09 -5.80
N SER A 442 -19.76 -8.04 -6.35
CA SER A 442 -18.28 -7.99 -6.37
C SER A 442 -17.69 -6.74 -7.08
N GLY A 457 -17.00 -8.47 -26.71
CA GLY A 457 -16.44 -9.83 -26.75
C GLY A 457 -15.10 -10.08 -26.06
N PHE A 458 -14.66 -9.13 -25.22
CA PHE A 458 -13.39 -9.22 -24.48
C PHE A 458 -13.53 -9.83 -23.07
N ASP A 459 -12.58 -10.68 -22.66
CA ASP A 459 -12.52 -11.17 -21.27
C ASP A 459 -11.95 -10.04 -20.40
N PRO A 460 -12.68 -9.62 -19.36
CA PRO A 460 -12.21 -8.52 -18.54
C PRO A 460 -11.04 -8.86 -17.59
N ASN A 461 -10.49 -10.06 -17.73
CA ASN A 461 -9.52 -10.55 -16.77
C ASN A 461 -8.24 -10.94 -17.51
N GLN A 462 -8.26 -10.79 -18.83
CA GLN A 462 -7.04 -10.97 -19.62
C GLN A 462 -6.72 -9.68 -20.37
N LEU A 463 -7.75 -8.89 -20.65
CA LEU A 463 -7.61 -7.67 -21.42
C LEU A 463 -6.57 -6.68 -20.86
N SER A 464 -5.72 -6.14 -21.75
CA SER A 464 -4.77 -5.11 -21.38
C SER A 464 -5.19 -3.77 -21.96
N VAL A 465 -4.71 -2.67 -21.39
CA VAL A 465 -4.98 -1.32 -21.90
C VAL A 465 -3.71 -0.47 -22.17
N ALA A 466 -3.68 0.19 -23.32
CA ALA A 466 -2.61 1.14 -23.60
C ALA A 466 -3.13 2.56 -23.33
N THR A 467 -2.41 3.36 -22.56
CA THR A 467 -2.83 4.78 -22.45
C THR A 467 -1.96 5.58 -23.43
N LEU A 468 -2.48 6.68 -23.95
CA LEU A 468 -1.81 7.40 -25.05
C LEU A 468 -1.86 8.86 -24.73
N LEU A 469 -0.77 9.58 -25.00
CA LEU A 469 -0.73 11.02 -24.99
C LEU A 469 -0.14 11.52 -26.32
N PHE A 470 -0.82 12.44 -26.98
CA PHE A 470 -0.33 13.04 -28.20
C PHE A 470 -0.21 14.52 -27.91
N GLU A 471 0.87 15.13 -28.39
CA GLU A 471 1.01 16.57 -28.22
C GLU A 471 1.86 17.23 -29.28
N GLY A 472 1.49 18.45 -29.60
CA GLY A 472 2.19 19.17 -30.68
C GLY A 472 1.15 19.96 -31.41
N ASP A 473 1.37 20.15 -32.71
CA ASP A 473 0.40 20.90 -33.55
C ASP A 473 -0.91 20.14 -33.69
N ARG A 474 -2.04 20.82 -33.60
CA ARG A 474 -3.38 20.20 -33.72
C ARG A 474 -3.49 19.24 -34.92
N GLU A 475 -3.20 19.77 -36.10
CA GLU A 475 -3.18 19.02 -37.36
C GLU A 475 -2.35 17.72 -37.34
N LYS A 476 -1.13 17.81 -36.87
CA LYS A 476 -0.25 16.65 -36.78
C LYS A 476 -0.71 15.63 -35.76
N VAL A 477 -0.91 16.08 -34.51
CA VAL A 477 -1.57 15.28 -33.49
C VAL A 477 -2.74 14.49 -34.10
N LEU A 478 -3.70 15.17 -34.73
CA LEU A 478 -4.90 14.47 -35.15
C LEU A 478 -4.61 13.39 -36.16
N GLN A 479 -3.73 13.71 -37.10
CA GLN A 479 -3.35 12.77 -38.16
C GLN A 479 -2.75 11.52 -37.58
N HIS A 480 -1.69 11.78 -36.83
CA HIS A 480 -1.05 10.85 -35.97
C HIS A 480 -1.97 10.04 -35.07
N GLU A 481 -2.91 10.68 -34.40
CA GLU A 481 -3.80 9.86 -33.60
C GLU A 481 -4.48 8.77 -34.48
N LYS A 482 -4.97 9.14 -35.68
CA LYS A 482 -5.64 8.16 -36.56
C LYS A 482 -4.73 6.98 -36.84
N GLN A 483 -3.53 7.30 -37.30
CA GLN A 483 -2.52 6.30 -37.61
C GLN A 483 -2.26 5.29 -36.49
N VAL A 484 -2.19 5.78 -35.26
CA VAL A 484 -2.01 4.89 -34.12
C VAL A 484 -3.19 3.90 -33.93
N TYR A 485 -4.44 4.39 -33.94
CA TYR A 485 -5.68 3.52 -33.82
C TYR A 485 -5.86 2.59 -35.02
N ASP A 486 -5.49 3.07 -36.20
CA ASP A 486 -5.55 2.18 -37.35
C ASP A 486 -4.65 0.98 -37.12
N ILE A 487 -3.44 1.21 -36.64
CA ILE A 487 -2.49 0.14 -36.32
C ILE A 487 -3.04 -0.77 -35.22
N ALA A 488 -3.40 -0.16 -34.11
CA ALA A 488 -3.99 -0.82 -32.98
C ALA A 488 -5.11 -1.76 -33.41
N ALA A 489 -6.04 -1.27 -34.25
CA ALA A 489 -7.20 -2.07 -34.69
C ALA A 489 -6.83 -3.38 -35.37
N LYS A 490 -5.62 -3.52 -35.92
CA LYS A 490 -5.14 -4.78 -36.49
C LYS A 490 -4.69 -5.80 -35.44
N PHE A 491 -4.47 -5.37 -34.19
CA PHE A 491 -4.11 -6.31 -33.11
C PHE A 491 -5.28 -6.58 -32.16
N GLY A 492 -6.46 -6.30 -32.65
CA GLY A 492 -7.69 -6.46 -31.86
C GLY A 492 -8.04 -5.24 -31.02
N GLY A 493 -7.24 -4.17 -31.13
CA GLY A 493 -7.42 -2.97 -30.32
C GLY A 493 -8.74 -2.22 -30.48
N LEU A 494 -9.43 -1.94 -29.39
CA LEU A 494 -10.63 -1.08 -29.41
C LEU A 494 -10.40 0.18 -28.57
N ALA A 495 -10.86 1.32 -29.08
CA ALA A 495 -10.70 2.58 -28.37
C ALA A 495 -11.45 2.52 -27.07
N ALA A 496 -10.76 2.79 -25.99
CA ALA A 496 -11.32 2.76 -24.64
C ALA A 496 -11.60 4.15 -24.09
N GLY A 497 -11.43 5.17 -24.94
CA GLY A 497 -11.91 6.50 -24.64
C GLY A 497 -10.89 7.47 -24.07
N GLU A 498 -11.14 8.75 -24.36
CA GLU A 498 -10.23 9.82 -23.95
C GLU A 498 -10.13 10.04 -22.43
N ASP A 499 -11.23 9.79 -21.71
CA ASP A 499 -11.20 9.89 -20.26
C ASP A 499 -10.34 8.83 -19.61
N ASN A 500 -10.33 7.60 -20.12
CA ASN A 500 -9.45 6.59 -19.50
C ASN A 500 -7.98 6.92 -19.69
N GLY A 501 -7.70 7.68 -20.75
CA GLY A 501 -6.33 8.05 -21.03
C GLY A 501 -5.97 9.16 -20.08
N GLN A 502 -6.83 10.15 -20.02
CA GLN A 502 -6.63 11.29 -19.16
C GLN A 502 -6.46 10.91 -17.71
N ARG A 503 -7.29 9.99 -17.23
CA ARG A 503 -7.20 9.51 -15.87
C ARG A 503 -5.85 8.87 -15.63
N GLY A 504 -5.42 7.97 -16.50
CA GLY A 504 -4.21 7.21 -16.22
C GLY A 504 -3.07 8.17 -15.99
N TYR A 505 -3.04 9.24 -16.80
CA TYR A 505 -1.94 10.20 -16.72
C TYR A 505 -2.05 11.18 -15.55
N LEU A 506 -3.25 11.59 -15.21
CA LEU A 506 -3.50 12.31 -13.96
C LEU A 506 -3.14 11.47 -12.69
N LEU A 507 -3.42 10.17 -12.76
CA LEU A 507 -3.04 9.24 -11.71
C LEU A 507 -1.56 9.11 -11.43
N THR A 508 -0.69 9.57 -12.33
CA THR A 508 0.76 9.20 -12.27
C THR A 508 1.49 9.72 -10.99
N TYR A 509 1.15 10.94 -10.62
CA TYR A 509 1.83 11.68 -9.59
C TYR A 509 1.24 11.41 -8.20
N VAL A 510 0.21 10.56 -8.13
CA VAL A 510 -0.37 10.19 -6.83
C VAL A 510 0.02 8.79 -6.39
N ILE A 511 0.38 7.89 -7.32
CA ILE A 511 0.77 6.50 -7.00
C ILE A 511 1.82 6.38 -5.88
N ALA A 512 2.75 7.34 -5.84
CA ALA A 512 3.83 7.33 -4.83
C ALA A 512 3.30 7.64 -3.44
N TYR A 513 2.12 8.27 -3.34
CA TYR A 513 1.49 8.47 -2.01
C TYR A 513 0.78 7.20 -1.52
N MET A 514 0.55 6.26 -2.41
CA MET A 514 -0.10 5.00 -2.04
C MET A 514 0.84 4.08 -1.31
N ARG A 515 2.11 4.15 -1.64
CA ARG A 515 3.06 3.36 -0.92
C ARG A 515 2.98 3.62 0.58
N ASP A 516 2.92 4.88 1.00
CA ASP A 516 2.83 5.24 2.42
C ASP A 516 1.51 4.74 3.00
N LEU A 517 0.47 4.67 2.18
CA LEU A 517 -0.81 4.19 2.69
C LEU A 517 -0.64 2.69 2.97
N GLY A 518 -0.07 1.99 1.99
CA GLY A 518 0.26 0.60 2.15
C GLY A 518 0.97 0.32 3.47
N LEU A 519 1.94 1.15 3.82
CA LEU A 519 2.80 0.90 4.98
C LEU A 519 2.06 1.01 6.31
N GLU A 520 1.02 1.83 6.38
CA GLU A 520 0.15 1.93 7.57
C GLU A 520 -0.67 0.69 7.74
N TYR A 521 -0.90 -0.07 6.68
CA TYR A 521 -1.68 -1.29 6.82
C TYR A 521 -0.91 -2.56 6.55
N TYR A 522 0.40 -2.58 6.83
CA TYR A 522 1.20 -3.82 6.71
C TYR A 522 1.48 -4.30 5.25
N ILE A 523 1.44 -3.35 4.32
CA ILE A 523 1.74 -3.66 2.91
C ILE A 523 3.03 -3.03 2.50
N ILE A 524 4.00 -3.85 2.07
CA ILE A 524 5.28 -3.33 1.56
C ILE A 524 5.35 -3.55 0.06
N GLY A 525 5.75 -2.51 -0.68
CA GLY A 525 5.80 -2.53 -2.13
C GLY A 525 6.82 -1.59 -2.71
N GLU A 526 7.27 -1.88 -3.93
CA GLU A 526 8.40 -1.18 -4.50
C GLU A 526 8.32 -1.47 -5.94
N SER A 527 8.75 -0.53 -6.79
CA SER A 527 8.77 -0.74 -8.24
C SER A 527 10.19 -0.96 -8.72
N PHE A 528 10.32 -1.53 -9.92
CA PHE A 528 11.60 -1.85 -10.48
C PHE A 528 11.45 -2.12 -11.96
N GLU A 529 12.50 -1.77 -12.72
CA GLU A 529 12.38 -1.68 -14.14
C GLU A 529 13.56 -2.28 -14.85
N THR A 530 13.38 -2.47 -16.16
CA THR A 530 14.41 -2.99 -17.05
C THR A 530 14.14 -2.58 -18.48
N SER A 531 15.17 -2.71 -19.32
CA SER A 531 14.97 -2.64 -20.80
C SER A 531 15.37 -3.94 -21.51
N ALA A 532 14.73 -4.27 -22.61
CA ALA A 532 14.95 -5.59 -23.21
C ALA A 532 14.65 -5.52 -24.68
N PRO A 533 15.33 -6.34 -25.48
CA PRO A 533 15.02 -6.34 -26.89
C PRO A 533 13.52 -6.67 -27.07
N TRP A 534 12.95 -6.35 -28.23
CA TRP A 534 11.56 -6.68 -28.50
C TRP A 534 11.29 -8.14 -28.33
N ASP A 535 12.10 -8.99 -28.94
CA ASP A 535 11.79 -10.41 -28.94
C ASP A 535 11.83 -11.12 -27.55
N ARG A 536 12.22 -10.40 -26.49
CA ARG A 536 12.24 -10.97 -25.13
C ARG A 536 11.17 -10.47 -24.15
N VAL A 537 10.52 -9.36 -24.53
CA VAL A 537 9.51 -8.69 -23.70
C VAL A 537 8.40 -9.61 -23.08
N VAL A 538 7.72 -10.39 -23.93
CA VAL A 538 6.55 -11.11 -23.50
C VAL A 538 7.00 -12.16 -22.50
N ASP A 539 8.08 -12.86 -22.82
CA ASP A 539 8.63 -13.87 -21.91
C ASP A 539 9.21 -13.29 -20.64
N LEU A 540 9.79 -12.11 -20.74
CA LEU A 540 10.46 -11.58 -19.58
C LEU A 540 9.38 -11.21 -18.54
N CYS A 541 8.32 -10.54 -18.99
CA CYS A 541 7.14 -10.22 -18.16
C CYS A 541 6.44 -11.43 -17.55
N ARG A 542 6.19 -12.46 -18.36
CA ARG A 542 5.56 -13.69 -17.84
C ARG A 542 6.46 -14.36 -16.79
N ASN A 543 7.74 -14.49 -17.10
CA ASN A 543 8.68 -15.19 -16.24
C ASN A 543 9.03 -14.43 -14.96
N VAL A 544 9.08 -13.12 -15.01
CA VAL A 544 9.50 -12.34 -13.88
C VAL A 544 8.38 -12.29 -12.84
N LYS A 545 7.16 -12.06 -13.31
CA LYS A 545 5.96 -12.17 -12.49
C LYS A 545 5.81 -13.54 -11.83
N GLU A 546 6.21 -14.59 -12.53
CA GLU A 546 6.01 -15.93 -12.02
C GLU A 546 7.13 -16.33 -11.07
N ARG A 547 8.30 -15.72 -11.24
CA ARG A 547 9.42 -15.89 -10.31
C ARG A 547 9.02 -15.24 -9.00
N ILE A 548 8.55 -13.99 -9.09
CA ILE A 548 8.09 -13.24 -7.95
C ILE A 548 7.09 -14.03 -7.11
N ARG A 549 6.11 -14.67 -7.77
CA ARG A 549 5.03 -15.35 -7.04
C ARG A 549 5.51 -16.61 -6.40
N ARG A 550 6.57 -17.17 -6.98
CA ARG A 550 7.10 -18.39 -6.48
C ARG A 550 7.99 -18.09 -5.26
N GLU A 551 8.83 -17.05 -5.35
CA GLU A 551 9.69 -16.69 -4.21
C GLU A 551 8.87 -16.32 -2.95
N CYS A 552 7.82 -15.53 -3.13
CA CYS A 552 6.94 -15.16 -2.03
C CYS A 552 6.34 -16.36 -1.30
N LYS A 553 5.78 -17.29 -2.06
CA LYS A 553 5.19 -18.51 -1.50
C LYS A 553 6.25 -19.36 -0.77
N GLU A 554 7.43 -19.47 -1.37
CA GLU A 554 8.56 -20.20 -0.77
C GLU A 554 9.02 -19.50 0.49
N LYS A 555 8.98 -18.17 0.50
CA LYS A 555 9.34 -17.39 1.70
C LYS A 555 8.26 -17.37 2.79
N GLY A 556 7.09 -17.92 2.49
CA GLY A 556 6.03 -18.03 3.47
C GLY A 556 5.02 -16.90 3.49
N VAL A 557 5.09 -16.00 2.50
CA VAL A 557 4.02 -15.01 2.25
C VAL A 557 2.65 -15.72 2.14
N GLN A 558 1.63 -15.25 2.84
CA GLN A 558 0.34 -15.98 2.89
C GLN A 558 -0.53 -15.75 1.64
N PHE A 559 -0.92 -14.49 1.46
CA PHE A 559 -1.66 -14.05 0.29
C PHE A 559 -0.76 -13.80 -0.96
N PRO A 560 -1.15 -14.35 -2.15
CA PRO A 560 -0.38 -14.14 -3.42
C PRO A 560 -0.01 -12.65 -3.62
N PRO A 561 1.25 -12.34 -3.96
CA PRO A 561 1.63 -10.92 -4.00
C PRO A 561 0.99 -10.17 -5.19
N LEU A 562 0.89 -8.85 -5.10
CA LEU A 562 0.65 -8.04 -6.29
C LEU A 562 1.92 -8.07 -7.09
N SER A 563 1.79 -8.46 -8.34
CA SER A 563 2.95 -8.57 -9.24
C SER A 563 2.49 -8.15 -10.61
N THR A 564 2.83 -6.94 -10.98
CA THR A 564 2.20 -6.30 -12.10
C THR A 564 3.23 -5.63 -13.02
N CYS A 565 2.99 -5.60 -14.31
CA CYS A 565 3.94 -4.86 -15.14
C CYS A 565 3.28 -3.95 -16.14
N ARG A 566 4.10 -3.10 -16.68
CA ARG A 566 3.67 -2.35 -17.83
C ARG A 566 4.85 -2.03 -18.72
N VAL A 567 4.56 -1.91 -20.00
CA VAL A 567 5.57 -1.53 -20.93
C VAL A 567 5.46 -0.01 -21.06
N THR A 568 6.57 0.63 -20.75
CA THR A 568 6.50 2.03 -20.49
C THR A 568 7.23 2.92 -21.50
N GLN A 569 8.14 2.36 -22.29
CA GLN A 569 8.76 3.15 -23.37
C GLN A 569 9.00 2.20 -24.53
N THR A 570 8.95 2.74 -25.74
CA THR A 570 9.29 1.91 -26.89
C THR A 570 10.52 2.54 -27.49
N TYR A 571 11.38 1.69 -28.09
CA TYR A 571 12.54 2.09 -28.84
C TYR A 571 12.57 1.29 -30.11
N ASP A 572 13.42 1.72 -31.06
CA ASP A 572 13.73 0.90 -32.24
C ASP A 572 14.14 -0.49 -31.83
N ALA A 573 15.04 -0.61 -30.85
CA ALA A 573 15.59 -1.93 -30.52
C ALA A 573 14.96 -2.65 -29.33
N GLY A 574 13.88 -2.14 -28.75
CA GLY A 574 13.33 -2.80 -27.55
C GLY A 574 12.49 -1.86 -26.72
N ALA A 575 12.26 -2.25 -25.48
CA ALA A 575 11.25 -1.61 -24.63
C ALA A 575 11.71 -1.47 -23.19
N CYS A 576 11.19 -0.50 -22.48
CA CYS A 576 11.39 -0.45 -21.04
C CYS A 576 10.18 -1.16 -20.39
N ILE A 577 10.46 -2.12 -19.51
CA ILE A 577 9.41 -2.78 -18.75
C ILE A 577 9.47 -2.38 -17.30
N PHE A 578 8.32 -1.99 -16.77
CA PHE A 578 8.23 -1.48 -15.40
C PHE A 578 7.39 -2.38 -14.52
N PHE A 579 7.97 -2.81 -13.39
CA PHE A 579 7.23 -3.72 -12.55
C PHE A 579 6.86 -3.05 -11.27
N TYR A 580 5.82 -3.58 -10.64
CA TYR A 580 5.45 -3.23 -9.30
C TYR A 580 5.22 -4.49 -8.48
N PHE A 581 5.67 -4.47 -7.25
CA PHE A 581 5.59 -5.68 -6.46
C PHE A 581 5.26 -5.31 -5.03
N ALA A 582 4.23 -5.94 -4.48
CA ALA A 582 3.85 -5.70 -3.10
C ALA A 582 3.16 -6.90 -2.47
N PHE A 583 3.30 -7.00 -1.16
CA PHE A 583 2.56 -7.99 -0.40
C PHE A 583 2.28 -7.52 1.02
N ASN A 584 1.29 -8.16 1.61
CA ASN A 584 0.90 -7.99 2.98
C ASN A 584 1.90 -8.80 3.81
N TYR A 585 2.73 -8.12 4.61
CA TYR A 585 3.75 -8.85 5.35
C TYR A 585 3.24 -9.33 6.71
N ARG A 586 2.02 -8.94 7.08
CA ARG A 586 1.51 -9.12 8.43
C ARG A 586 1.52 -10.60 8.82
N GLY A 587 2.34 -10.91 9.85
CA GLY A 587 2.60 -12.27 10.30
C GLY A 587 3.78 -12.89 9.60
N ILE A 588 4.69 -12.05 9.08
CA ILE A 588 6.02 -12.49 8.59
C ILE A 588 7.17 -11.91 9.43
N SER A 589 8.07 -12.81 9.80
CA SER A 589 9.14 -12.53 10.73
C SER A 589 10.06 -11.32 10.37
N ASP A 590 10.92 -11.50 9.37
CA ASP A 590 11.73 -10.39 8.95
C ASP A 590 11.28 -9.94 7.55
N PRO A 591 10.23 -9.11 7.48
CA PRO A 591 9.59 -8.69 6.22
C PRO A 591 10.48 -7.97 5.21
N LEU A 592 11.37 -7.12 5.68
CA LEU A 592 12.30 -6.42 4.80
C LEU A 592 13.29 -7.37 4.13
N ALA A 593 13.66 -8.46 4.82
CA ALA A 593 14.58 -9.46 4.27
C ALA A 593 13.90 -10.26 3.17
N VAL A 594 12.70 -10.76 3.47
CA VAL A 594 11.90 -11.47 2.49
C VAL A 594 11.71 -10.59 1.27
N PHE A 595 11.33 -9.34 1.48
CA PHE A 595 11.16 -8.44 0.35
C PHE A 595 12.44 -8.22 -0.46
N GLU A 596 13.50 -7.85 0.23
CA GLU A 596 14.78 -7.58 -0.40
C GLU A 596 15.21 -8.78 -1.23
N GLN A 597 15.14 -10.00 -0.69
CA GLN A 597 15.62 -11.22 -1.38
C GLN A 597 14.81 -11.57 -2.60
N THR A 598 13.48 -11.27 -2.55
CA THR A 598 12.55 -11.53 -3.64
C THR A 598 12.78 -10.56 -4.81
N GLU A 599 13.09 -9.31 -4.47
CA GLU A 599 13.53 -8.32 -5.42
C GLU A 599 14.87 -8.74 -6.08
N ALA A 600 15.81 -9.29 -5.33
CA ALA A 600 17.06 -9.75 -5.91
C ALA A 600 16.77 -10.94 -6.87
N ALA A 601 15.90 -11.84 -6.45
CA ALA A 601 15.47 -12.95 -7.28
C ALA A 601 14.83 -12.47 -8.59
N ALA A 602 13.97 -11.45 -8.49
CA ALA A 602 13.34 -10.89 -9.68
C ALA A 602 14.41 -10.32 -10.60
N ARG A 603 15.38 -9.56 -10.04
CA ARG A 603 16.51 -9.03 -10.83
C ARG A 603 17.27 -10.13 -11.56
N GLU A 604 17.59 -11.22 -10.88
CA GLU A 604 18.18 -12.41 -11.52
C GLU A 604 17.32 -12.99 -12.64
N GLU A 605 16.00 -13.02 -12.46
CA GLU A 605 15.14 -13.55 -13.53
C GLU A 605 15.20 -12.62 -14.72
N ILE A 606 15.38 -11.33 -14.46
CA ILE A 606 15.34 -10.33 -15.51
C ILE A 606 16.57 -10.54 -16.39
N LEU A 607 17.73 -10.59 -15.74
CA LEU A 607 18.98 -10.74 -16.43
C LEU A 607 19.00 -12.02 -17.29
N ALA A 608 18.43 -13.12 -16.78
CA ALA A 608 18.41 -14.40 -17.49
C ALA A 608 17.41 -14.38 -18.64
N ASN A 609 16.49 -13.42 -18.65
CA ASN A 609 15.55 -13.29 -19.76
C ASN A 609 15.97 -12.23 -20.77
N GLY A 610 17.24 -11.84 -20.72
CA GLY A 610 17.83 -10.92 -21.71
C GLY A 610 17.60 -9.44 -21.42
N GLY A 611 17.13 -9.10 -20.20
CA GLY A 611 16.90 -7.72 -19.74
C GLY A 611 18.15 -7.09 -19.14
N SER A 612 18.21 -5.76 -19.16
CA SER A 612 19.31 -5.07 -18.52
C SER A 612 19.14 -4.86 -16.98
N LEU A 613 20.24 -4.46 -16.37
CA LEU A 613 20.36 -4.16 -14.97
C LEU A 613 19.47 -2.99 -14.64
N SER A 614 19.35 -2.04 -15.56
CA SER A 614 18.47 -0.90 -15.36
C SER A 614 18.28 -0.12 -16.69
N HIS A 615 17.07 0.40 -16.89
CA HIS A 615 16.74 1.34 -17.98
C HIS A 615 16.91 2.76 -17.54
N HIS A 616 16.46 3.10 -16.33
CA HIS A 616 16.61 4.48 -15.84
C HIS A 616 16.86 4.69 -14.32
N HIS A 617 16.44 3.76 -13.44
CA HIS A 617 16.62 3.99 -12.01
C HIS A 617 18.12 4.15 -11.62
N GLY A 618 19.00 3.41 -12.31
CA GLY A 618 20.45 3.47 -12.17
C GLY A 618 21.03 2.37 -11.24
N VAL A 619 22.29 2.47 -10.84
CA VAL A 619 22.87 1.38 -10.06
C VAL A 619 23.00 1.71 -8.57
N GLY A 620 23.37 2.93 -8.21
CA GLY A 620 23.45 3.31 -6.82
C GLY A 620 24.31 2.31 -6.08
N LYS A 621 23.87 1.92 -4.88
CA LYS A 621 24.47 0.82 -4.09
C LYS A 621 23.68 -0.47 -4.17
N LEU A 622 22.45 -0.35 -4.66
CA LEU A 622 21.49 -1.46 -4.72
C LEU A 622 21.85 -2.50 -5.81
N ARG A 623 22.39 -2.07 -6.94
CA ARG A 623 22.74 -3.01 -7.98
C ARG A 623 24.23 -3.21 -8.20
N LYS A 624 25.07 -2.83 -7.24
CA LYS A 624 26.52 -2.92 -7.43
C LYS A 624 26.99 -4.28 -7.81
N GLN A 625 26.42 -5.34 -7.22
CA GLN A 625 26.94 -6.70 -7.45
C GLN A 625 26.81 -7.18 -8.90
N TRP A 626 25.96 -6.51 -9.68
CA TRP A 626 25.70 -6.97 -11.04
C TRP A 626 26.45 -6.18 -12.10
N LEU A 627 27.18 -5.12 -11.72
CA LEU A 627 27.67 -4.16 -12.72
C LEU A 627 28.77 -4.71 -13.64
N LYS A 628 29.75 -5.35 -13.02
CA LYS A 628 30.91 -5.87 -13.69
C LYS A 628 30.48 -6.84 -14.77
N GLU A 629 29.56 -7.73 -14.45
CA GLU A 629 28.98 -8.64 -15.41
C GLU A 629 28.25 -7.85 -16.51
N SER A 630 27.64 -6.71 -16.16
CA SER A 630 26.89 -5.96 -17.16
C SER A 630 27.75 -5.28 -18.18
N ILE A 631 28.86 -4.69 -17.71
CA ILE A 631 29.74 -3.91 -18.56
C ILE A 631 31.08 -4.49 -18.95
N SER A 632 31.33 -5.75 -18.55
CA SER A 632 32.61 -6.49 -18.64
C SER A 632 33.63 -5.91 -17.64
N ASP A 633 34.69 -6.65 -17.33
CA ASP A 633 35.64 -6.25 -16.30
C ASP A 633 36.43 -5.07 -16.73
N VAL A 634 36.84 -5.09 -18.01
CA VAL A 634 37.59 -4.00 -18.58
C VAL A 634 36.71 -2.76 -18.57
N GLY A 635 35.39 -2.92 -18.85
CA GLY A 635 34.44 -1.80 -18.83
C GLY A 635 34.48 -1.15 -17.46
N PHE A 636 34.20 -1.99 -16.46
CA PHE A 636 34.29 -1.60 -15.04
C PHE A 636 35.62 -0.90 -14.72
N GLY A 637 36.71 -1.47 -15.27
CA GLY A 637 38.04 -0.96 -15.08
C GLY A 637 38.22 0.45 -15.62
N MET A 638 37.56 0.77 -16.74
CA MET A 638 37.66 2.12 -17.32
C MET A 638 36.97 3.12 -16.42
N LEU A 639 35.76 2.76 -15.94
CA LEU A 639 35.07 3.60 -14.98
C LEU A 639 35.99 3.94 -13.83
N LYS A 640 36.69 2.92 -13.29
CA LYS A 640 37.48 3.10 -12.09
C LYS A 640 38.68 4.03 -12.33
N SER A 641 39.22 3.97 -13.53
CA SER A 641 40.37 4.77 -13.89
C SER A 641 39.95 6.21 -14.02
N VAL A 642 38.74 6.50 -14.46
CA VAL A 642 38.30 7.90 -14.53
C VAL A 642 38.01 8.44 -13.11
N LYS A 643 37.39 7.59 -12.29
CA LYS A 643 37.25 7.84 -10.88
C LYS A 643 38.60 8.08 -10.25
N ASP A 644 39.62 7.25 -10.53
CA ASP A 644 40.90 7.45 -9.82
C ASP A 644 41.62 8.72 -10.24
N TYR A 645 41.35 9.18 -11.46
CA TYR A 645 42.01 10.36 -11.98
C TYR A 645 41.35 11.65 -11.56
N VAL A 646 40.04 11.68 -11.53
CA VAL A 646 39.27 12.92 -11.32
C VAL A 646 39.10 13.08 -9.83
N ASP A 647 38.95 11.99 -9.10
CA ASP A 647 38.78 12.04 -7.65
C ASP A 647 39.76 11.10 -6.90
N PRO A 648 41.07 11.41 -6.98
CA PRO A 648 42.03 10.45 -6.50
C PRO A 648 41.96 10.16 -5.01
N THR A 649 41.48 11.08 -4.16
CA THR A 649 41.31 10.78 -2.72
C THR A 649 39.92 10.36 -2.35
N ASN A 650 39.06 10.15 -3.36
CA ASN A 650 37.71 9.71 -3.16
C ASN A 650 36.93 10.63 -2.22
N ILE A 651 37.04 11.95 -2.48
CA ILE A 651 36.22 12.97 -1.80
C ILE A 651 34.73 12.69 -2.04
N PHE A 652 34.43 12.33 -3.27
CA PHE A 652 33.07 11.96 -3.66
C PHE A 652 32.80 10.50 -3.32
N GLY A 653 32.51 10.27 -2.03
CA GLY A 653 32.51 8.94 -1.44
C GLY A 653 31.23 8.17 -1.20
N ASN A 654 30.19 8.49 -1.95
CA ASN A 654 28.90 7.81 -1.75
C ASN A 654 28.98 6.35 -2.09
N ARG A 655 30.09 5.90 -2.71
CA ARG A 655 30.37 4.48 -3.09
C ARG A 655 29.37 3.83 -4.03
N ASN A 656 28.68 4.65 -4.81
CA ASN A 656 27.79 4.12 -5.84
C ASN A 656 28.63 3.53 -6.98
N LEU A 657 27.97 2.63 -7.74
CA LEU A 657 28.50 2.00 -8.94
C LEU A 657 29.66 1.08 -8.70
N LEU A 658 30.76 1.61 -8.18
CA LEU A 658 32.00 0.85 -7.99
C LEU A 658 32.25 0.65 -6.49
N GLY B 81 33.05 -5.29 -53.85
CA GLY B 81 32.49 -4.80 -52.55
C GLY B 81 33.33 -5.20 -51.33
N ILE B 82 33.93 -6.39 -51.38
CA ILE B 82 35.02 -6.75 -50.46
C ILE B 82 36.37 -6.15 -50.96
N ILE B 83 37.03 -5.38 -50.10
CA ILE B 83 38.35 -4.88 -50.40
C ILE B 83 39.29 -6.09 -50.46
N PRO B 84 39.96 -6.33 -51.62
CA PRO B 84 40.89 -7.49 -51.73
C PRO B 84 42.18 -7.19 -50.95
N LYS B 85 43.00 -8.20 -50.70
CA LYS B 85 44.20 -7.99 -49.88
C LYS B 85 45.21 -7.01 -50.52
N LYS B 86 45.63 -7.28 -51.77
CA LYS B 86 46.42 -6.32 -52.57
C LYS B 86 45.54 -5.21 -53.12
N ARG B 87 45.47 -4.10 -52.39
CA ARG B 87 44.46 -3.09 -52.69
C ARG B 87 44.75 -2.41 -54.02
N GLN B 88 46.04 -2.27 -54.34
CA GLN B 88 46.43 -1.58 -55.57
C GLN B 88 46.05 -2.24 -56.90
N GLU B 89 45.55 -3.47 -56.88
CA GLU B 89 44.92 -4.06 -58.07
C GLU B 89 43.61 -3.36 -58.50
N LEU B 90 42.91 -2.76 -57.54
CA LEU B 90 41.59 -2.16 -57.78
C LEU B 90 41.60 -0.65 -57.56
N MET B 91 42.43 -0.23 -56.61
CA MET B 91 42.43 1.13 -56.10
C MET B 91 43.72 1.79 -56.43
N LYS B 92 43.71 3.11 -56.49
CA LYS B 92 44.89 3.86 -56.86
C LYS B 92 45.90 3.89 -55.72
N TRP B 93 47.14 3.49 -55.94
CA TRP B 93 48.14 3.71 -54.88
C TRP B 93 48.32 5.18 -54.42
N ASN B 94 48.07 6.14 -55.32
CA ASN B 94 48.43 7.54 -55.10
C ASN B 94 47.28 8.51 -55.19
N GLY B 95 46.06 8.03 -54.90
CA GLY B 95 44.87 8.88 -54.89
C GLY B 95 43.62 8.14 -54.47
N TRP B 96 42.49 8.80 -54.68
CA TRP B 96 41.14 8.27 -54.34
C TRP B 96 40.60 7.18 -55.29
N GLY B 97 40.04 6.12 -54.70
CA GLY B 97 39.03 5.30 -55.35
C GLY B 97 39.63 4.29 -56.30
N TYR B 98 38.85 3.91 -57.31
CA TYR B 98 39.24 2.82 -58.19
C TYR B 98 40.14 3.26 -59.30
N ASN B 99 41.02 2.35 -59.73
CA ASN B 99 41.94 2.61 -60.84
C ASN B 99 41.22 3.02 -62.10
N ASP B 100 40.07 2.39 -62.33
CA ASP B 100 39.33 2.52 -63.58
C ASP B 100 38.44 3.75 -63.63
N SER B 101 38.46 4.58 -62.58
CA SER B 101 37.70 5.81 -62.57
C SER B 101 38.56 7.07 -62.33
N LYS B 102 38.73 7.89 -63.36
CA LYS B 102 39.38 9.20 -63.26
C LYS B 102 38.68 10.16 -64.19
N PHE B 103 38.72 11.45 -63.88
CA PHE B 103 38.38 12.43 -64.92
C PHE B 103 39.38 12.51 -66.08
N PHE B 104 38.90 12.48 -67.32
CA PHE B 104 39.74 12.69 -68.48
C PHE B 104 38.95 13.54 -69.47
N LEU B 105 39.56 14.02 -70.55
CA LEU B 105 38.80 14.74 -71.55
C LEU B 105 38.37 13.76 -72.58
N ASN B 106 37.10 13.77 -72.96
CA ASN B 106 36.65 12.82 -73.96
C ASN B 106 36.98 13.29 -75.39
N LYS B 107 36.43 12.60 -76.37
CA LYS B 107 36.66 12.83 -77.79
C LYS B 107 36.03 14.12 -78.31
N LYS B 108 35.36 14.85 -77.45
CA LYS B 108 34.76 16.13 -77.76
C LYS B 108 35.36 17.27 -76.89
N GLY B 109 36.38 16.93 -76.11
CA GLY B 109 37.09 17.92 -75.35
C GLY B 109 36.39 18.26 -74.05
N GLN B 110 35.44 17.44 -73.63
CA GLN B 110 34.70 17.71 -72.42
C GLN B 110 35.16 16.77 -71.31
N LEU B 111 35.05 17.18 -70.06
CA LEU B 111 35.47 16.30 -68.98
C LEU B 111 34.46 15.15 -68.71
N GLU B 112 34.96 13.98 -68.32
CA GLU B 112 34.15 12.77 -68.20
C GLU B 112 34.86 11.86 -67.24
N LEU B 113 34.10 11.17 -66.39
CA LEU B 113 34.66 10.14 -65.56
C LEU B 113 34.81 8.84 -66.38
N THR B 114 36.01 8.22 -66.44
CA THR B 114 36.24 6.94 -67.19
C THR B 114 35.45 5.84 -66.49
N GLY B 115 35.36 4.67 -67.10
CA GLY B 115 34.79 3.53 -66.40
C GLY B 115 33.27 3.44 -66.43
N LYS B 116 32.78 2.41 -65.73
CA LYS B 116 31.35 2.02 -65.69
C LYS B 116 30.75 1.95 -64.26
N ARG B 117 31.55 2.32 -63.24
CA ARG B 117 31.11 2.19 -61.84
C ARG B 117 30.00 3.08 -61.41
N TYR B 118 29.97 4.34 -61.85
CA TYR B 118 28.96 5.23 -61.32
C TYR B 118 27.89 5.59 -62.34
N PRO B 119 26.82 6.26 -61.87
CA PRO B 119 25.84 6.95 -62.70
C PRO B 119 26.50 7.95 -63.64
N LEU B 120 27.42 8.75 -63.10
CA LEU B 120 28.11 9.81 -63.86
C LEU B 120 29.18 9.26 -64.75
N SER B 121 29.65 8.05 -64.44
CA SER B 121 30.58 7.33 -65.33
C SER B 121 30.11 7.38 -66.77
N GLY B 122 31.00 7.79 -67.68
CA GLY B 122 30.70 7.85 -69.13
C GLY B 122 29.77 9.00 -69.54
N VAL B 123 29.42 9.87 -68.61
CA VAL B 123 28.56 10.99 -68.90
C VAL B 123 29.41 12.25 -69.16
N ALA B 124 29.45 12.73 -70.39
CA ALA B 124 30.18 13.98 -70.72
C ALA B 124 29.66 15.11 -69.84
N LEU B 125 30.54 15.99 -69.37
CA LEU B 125 30.13 17.18 -68.57
C LEU B 125 30.57 18.46 -69.28
N PRO B 126 29.84 18.88 -70.34
CA PRO B 126 30.23 19.96 -71.28
C PRO B 126 30.74 21.26 -70.68
N THR B 127 30.30 21.62 -69.45
CA THR B 127 30.65 22.94 -68.90
C THR B 127 31.59 22.89 -67.74
N PHE B 128 32.18 21.74 -67.46
CA PHE B 128 32.99 21.60 -66.25
C PHE B 128 34.35 22.22 -66.48
N LYS B 129 35.01 21.89 -67.60
CA LYS B 129 36.21 22.60 -68.09
C LYS B 129 36.10 24.14 -67.95
N ASP B 130 35.05 24.74 -68.53
CA ASP B 130 34.86 26.18 -68.51
C ASP B 130 34.78 26.69 -67.08
N TRP B 131 34.16 25.88 -66.20
CA TRP B 131 34.06 26.23 -64.81
C TRP B 131 35.40 26.20 -64.09
N ILE B 132 36.19 25.17 -64.30
CA ILE B 132 37.51 25.06 -63.71
C ILE B 132 38.39 26.18 -64.17
N GLN B 133 38.24 26.61 -65.43
CA GLN B 133 39.19 27.59 -66.01
C GLN B 133 38.88 28.98 -65.42
N ASN B 134 37.61 29.37 -65.46
CA ASN B 134 37.20 30.61 -64.81
C ASN B 134 37.52 30.67 -63.33
N THR B 135 37.35 29.53 -62.65
CA THR B 135 37.48 29.55 -61.23
C THR B 135 38.93 29.65 -60.79
N PHE B 136 39.85 28.94 -61.42
CA PHE B 136 41.22 28.88 -60.89
C PHE B 136 42.26 29.60 -61.75
N GLY B 137 41.80 30.14 -62.88
CA GLY B 137 42.68 30.81 -63.83
C GLY B 137 43.78 29.93 -64.39
N ILE B 138 43.39 28.74 -64.86
CA ILE B 138 44.29 27.83 -65.57
C ILE B 138 43.80 27.58 -66.98
N ASN B 139 44.60 26.84 -67.75
CA ASN B 139 44.21 26.56 -69.10
C ASN B 139 43.90 25.08 -69.30
N LEU B 140 44.86 24.21 -68.99
CA LEU B 140 44.78 22.79 -69.32
C LEU B 140 45.66 22.55 -70.57
N THR B 155 61.63 3.11 -50.53
CA THR B 155 61.01 2.91 -49.20
C THR B 155 61.94 2.28 -48.14
N PRO B 156 61.67 2.58 -46.84
CA PRO B 156 62.43 2.02 -45.70
C PRO B 156 62.24 0.50 -45.62
N PRO B 157 63.29 -0.23 -45.18
CA PRO B 157 63.09 -1.67 -45.11
C PRO B 157 62.18 -2.04 -43.94
N SER B 158 61.74 -3.30 -43.95
CA SER B 158 60.85 -3.89 -42.96
C SER B 158 61.68 -4.36 -41.76
N ILE B 159 61.38 -3.80 -40.58
CA ILE B 159 62.07 -4.21 -39.34
C ILE B 159 61.09 -4.93 -38.41
N VAL B 160 61.24 -6.25 -38.36
CA VAL B 160 60.35 -7.14 -37.62
C VAL B 160 61.15 -8.24 -36.95
N ASN B 161 60.83 -8.48 -35.68
CA ASN B 161 61.40 -9.53 -34.82
C ASN B 161 61.35 -10.92 -35.47
N GLU B 162 62.38 -11.72 -35.24
CA GLU B 162 62.43 -13.04 -35.85
C GLU B 162 61.59 -14.14 -35.14
N ASP B 163 61.39 -14.03 -33.83
CA ASP B 163 60.61 -15.00 -33.06
C ASP B 163 59.16 -14.55 -32.80
N PHE B 164 58.88 -13.25 -32.98
CA PHE B 164 57.48 -12.86 -33.20
C PHE B 164 56.97 -13.46 -34.50
N LEU B 165 57.56 -13.04 -35.61
CA LEU B 165 57.36 -13.62 -36.93
C LEU B 165 57.22 -15.13 -36.88
N HIS B 166 58.11 -15.81 -36.16
CA HIS B 166 57.97 -17.26 -35.95
C HIS B 166 56.57 -17.59 -35.41
N GLU B 167 56.22 -17.03 -34.25
CA GLU B 167 54.91 -17.30 -33.62
C GLU B 167 53.69 -16.92 -34.45
N LEU B 168 53.85 -15.92 -35.28
CA LEU B 168 52.78 -15.55 -36.19
C LEU B 168 52.59 -16.62 -37.27
N LYS B 169 53.68 -17.22 -37.74
CA LYS B 169 53.63 -18.33 -38.73
C LYS B 169 52.77 -19.53 -38.30
N LYS B 170 52.68 -19.71 -36.97
CA LYS B 170 51.84 -20.72 -36.31
C LYS B 170 50.34 -20.55 -36.45
N THR B 171 49.87 -19.30 -36.57
CA THR B 171 48.43 -19.06 -36.55
C THR B 171 47.76 -19.17 -37.93
N ASN B 172 48.59 -19.15 -38.97
CA ASN B 172 48.13 -19.04 -40.36
C ASN B 172 47.27 -17.79 -40.65
N ILE B 173 47.40 -16.76 -39.79
CA ILE B 173 46.90 -15.44 -40.10
C ILE B 173 47.74 -14.90 -41.24
N SER B 174 47.10 -14.43 -42.30
CA SER B 174 47.80 -13.86 -43.45
C SER B 174 48.55 -12.52 -43.14
N TYR B 175 49.75 -12.35 -43.71
CA TYR B 175 50.52 -11.15 -43.48
C TYR B 175 51.33 -10.74 -44.70
N SER B 176 51.82 -9.49 -44.71
CA SER B 176 52.80 -9.06 -45.73
C SER B 176 53.85 -7.99 -45.30
N GLN B 177 55.03 -8.17 -45.85
CA GLN B 177 56.19 -7.27 -45.65
C GLN B 177 56.57 -6.52 -46.93
N GLU B 178 55.74 -6.63 -47.99
CA GLU B 178 56.00 -5.96 -49.27
C GLU B 178 55.87 -4.42 -49.16
N ALA B 179 56.76 -3.69 -49.84
CA ALA B 179 56.73 -2.24 -49.91
C ALA B 179 55.38 -1.66 -50.35
N ASP B 180 54.82 -2.10 -51.48
CA ASP B 180 53.52 -1.56 -51.84
C ASP B 180 52.44 -1.77 -50.77
N ASP B 181 52.37 -2.98 -50.18
CA ASP B 181 51.42 -3.25 -49.12
C ASP B 181 51.52 -2.30 -47.91
N ARG B 182 52.76 -2.00 -47.50
CA ARG B 182 52.99 -1.15 -46.35
C ARG B 182 52.75 0.31 -46.71
N VAL B 183 53.12 0.66 -47.94
CA VAL B 183 52.95 2.05 -48.37
C VAL B 183 51.48 2.37 -48.58
N PHE B 184 50.75 1.42 -49.19
CA PHE B 184 49.31 1.62 -49.37
C PHE B 184 48.62 1.95 -48.03
N ARG B 185 49.15 1.44 -46.91
CA ARG B 185 48.53 1.55 -45.57
C ARG B 185 49.24 2.52 -44.63
N ALA B 186 50.14 3.32 -45.17
CA ALA B 186 50.89 4.26 -44.39
C ALA B 186 50.19 5.61 -44.24
N HIS B 187 49.01 5.74 -44.84
CA HIS B 187 48.37 7.07 -44.98
C HIS B 187 46.84 6.96 -45.14
N GLY B 188 46.16 8.11 -45.07
CA GLY B 188 44.74 8.22 -45.47
C GLY B 188 44.58 9.19 -46.64
N HIS B 189 43.60 10.10 -46.55
CA HIS B 189 43.35 10.99 -47.67
C HIS B 189 43.45 12.49 -47.44
N CYS B 190 44.33 12.92 -46.53
CA CYS B 190 44.61 14.34 -46.44
C CYS B 190 45.40 14.76 -47.69
N LEU B 191 45.28 16.03 -48.08
CA LEU B 191 46.06 16.59 -49.18
C LEU B 191 47.57 16.49 -48.95
N HIS B 192 48.03 16.71 -47.73
CA HIS B 192 49.46 16.50 -47.38
C HIS B 192 49.92 15.13 -47.77
N GLU B 193 49.13 14.14 -47.41
CA GLU B 193 49.54 12.75 -47.59
C GLU B 193 49.64 12.42 -49.05
N ILE B 194 48.63 12.88 -49.80
CA ILE B 194 48.41 12.58 -51.23
C ILE B 194 49.38 13.35 -52.12
N PHE B 195 49.99 14.41 -51.56
CA PHE B 195 51.13 15.01 -52.15
C PHE B 195 52.20 14.00 -51.98
N LEU B 196 52.99 14.08 -50.90
CA LEU B 196 54.11 13.16 -50.68
C LEU B 196 54.02 11.94 -51.62
N LEU B 197 53.04 11.06 -51.38
CA LEU B 197 52.89 9.83 -52.20
C LEU B 197 53.37 10.01 -53.65
N ARG B 198 52.73 10.96 -54.34
CA ARG B 198 53.01 11.23 -55.75
C ARG B 198 54.38 11.83 -55.99
N GLU B 199 54.97 12.41 -54.95
CA GLU B 199 56.21 13.21 -55.10
C GLU B 199 57.47 12.66 -54.44
N GLY B 200 57.34 12.17 -53.22
CA GLY B 200 58.49 11.66 -52.48
C GLY B 200 58.14 10.35 -51.81
N MET B 201 58.57 10.21 -50.56
CA MET B 201 58.26 9.05 -49.71
C MET B 201 57.97 9.49 -48.27
N PHE B 202 57.23 8.65 -47.54
CA PHE B 202 56.89 8.88 -46.12
C PHE B 202 58.08 8.58 -45.20
N GLU B 203 58.05 9.18 -44.01
CA GLU B 203 59.12 9.02 -43.01
C GLU B 203 59.14 7.67 -42.30
N ARG B 204 57.96 7.14 -42.02
CA ARG B 204 57.74 5.87 -41.35
C ARG B 204 56.52 5.30 -42.08
N ILE B 205 56.52 3.98 -42.27
CA ILE B 205 55.43 3.19 -42.88
C ILE B 205 55.39 1.96 -42.01
N PRO B 206 54.23 1.24 -41.98
CA PRO B 206 54.18 0.01 -41.21
C PRO B 206 55.26 -0.98 -41.63
N ASP B 207 55.75 -1.76 -40.69
CA ASP B 207 56.76 -2.70 -41.04
C ASP B 207 56.17 -3.96 -41.67
N ILE B 208 54.92 -4.29 -41.30
CA ILE B 208 54.25 -5.54 -41.61
C ILE B 208 52.74 -5.32 -41.57
N VAL B 209 52.06 -5.84 -42.59
CA VAL B 209 50.57 -5.79 -42.66
C VAL B 209 50.02 -7.14 -42.21
N LEU B 210 49.04 -7.15 -41.32
CA LEU B 210 48.33 -8.36 -40.98
C LEU B 210 46.84 -8.29 -41.38
N TRP B 211 46.27 -9.43 -41.75
CA TRP B 211 44.87 -9.52 -42.21
C TRP B 211 44.01 -10.54 -41.41
N PRO B 212 43.65 -10.22 -40.15
CA PRO B 212 42.73 -11.10 -39.40
C PRO B 212 41.35 -11.22 -40.08
N THR B 213 40.65 -12.35 -39.88
CA THR B 213 39.37 -12.62 -40.56
C THR B 213 38.24 -12.72 -39.55
N CYS B 214 38.59 -12.62 -38.27
CA CYS B 214 37.60 -12.75 -37.17
C CYS B 214 38.14 -12.22 -35.86
N HIS B 215 37.21 -12.06 -34.89
CA HIS B 215 37.53 -11.76 -33.49
C HIS B 215 38.68 -12.54 -32.87
N ASP B 216 38.75 -13.86 -33.02
CA ASP B 216 39.83 -14.61 -32.35
C ASP B 216 41.26 -14.31 -32.92
N ASP B 217 41.35 -14.07 -34.23
CA ASP B 217 42.56 -13.64 -34.87
C ASP B 217 43.08 -12.37 -34.22
N VAL B 218 42.19 -11.41 -34.01
CA VAL B 218 42.54 -10.14 -33.42
C VAL B 218 43.01 -10.27 -31.97
N VAL B 219 42.33 -11.11 -31.18
CA VAL B 219 42.81 -11.48 -29.86
C VAL B 219 44.27 -12.01 -29.96
N LYS B 220 44.51 -12.99 -30.82
CA LYS B 220 45.89 -13.50 -30.89
C LYS B 220 46.86 -12.39 -31.22
N ILE B 221 46.52 -11.55 -32.20
CA ILE B 221 47.45 -10.52 -32.65
C ILE B 221 47.83 -9.57 -31.48
N VAL B 222 46.79 -9.11 -30.81
CA VAL B 222 46.95 -8.25 -29.66
C VAL B 222 47.81 -8.89 -28.54
N ASN B 223 47.72 -10.22 -28.34
CA ASN B 223 48.54 -10.90 -27.32
C ASN B 223 50.00 -11.04 -27.75
N LEU B 224 50.24 -11.26 -29.05
CA LEU B 224 51.59 -11.29 -29.57
C LEU B 224 52.23 -9.92 -29.38
N ALA B 225 51.49 -8.87 -29.73
CA ALA B 225 51.94 -7.50 -29.55
C ALA B 225 52.34 -7.20 -28.11
N CYS B 226 51.54 -7.70 -27.16
CA CYS B 226 51.87 -7.61 -25.72
C CYS B 226 53.15 -8.38 -25.41
N LYS B 227 53.20 -9.66 -25.77
CA LYS B 227 54.39 -10.50 -25.52
C LYS B 227 55.70 -9.98 -26.14
N TYR B 228 55.62 -9.35 -27.32
CA TYR B 228 56.82 -8.95 -28.05
C TYR B 228 57.00 -7.44 -28.23
N ASN B 229 56.24 -6.64 -27.46
CA ASN B 229 56.37 -5.19 -27.49
C ASN B 229 56.31 -4.58 -28.91
N LEU B 230 55.19 -4.75 -29.60
CA LEU B 230 54.97 -4.21 -30.95
C LEU B 230 53.92 -3.16 -30.87
N CYS B 231 53.77 -2.41 -31.95
CA CYS B 231 52.89 -1.27 -31.99
C CYS B 231 51.83 -1.55 -33.05
N ILE B 232 50.54 -1.40 -32.73
CA ILE B 232 49.45 -1.65 -33.70
C ILE B 232 48.77 -0.37 -34.19
N ILE B 233 48.58 -0.24 -35.50
CA ILE B 233 47.69 0.79 -36.05
C ILE B 233 46.52 0.16 -36.81
N PRO B 234 45.29 0.25 -36.31
CA PRO B 234 44.27 -0.45 -37.13
C PRO B 234 44.00 0.36 -38.38
N ILE B 235 43.63 -0.33 -39.45
CA ILE B 235 43.17 0.32 -40.66
C ILE B 235 41.96 -0.44 -41.19
N GLY B 236 40.91 0.30 -41.55
CA GLY B 236 39.80 -0.23 -42.35
C GLY B 236 39.85 0.28 -43.79
N GLY B 237 39.00 1.26 -44.09
CA GLY B 237 38.91 1.78 -45.43
C GLY B 237 40.12 2.54 -45.88
N GLY B 238 40.95 3.01 -44.94
CA GLY B 238 42.08 3.91 -45.26
C GLY B 238 41.65 5.33 -45.68
N THR B 239 40.44 5.74 -45.30
CA THR B 239 39.81 7.01 -45.74
C THR B 239 39.88 8.12 -44.71
N SER B 240 40.72 7.96 -43.71
CA SER B 240 40.91 9.00 -42.75
C SER B 240 41.32 10.32 -43.43
N VAL B 241 40.70 11.42 -43.03
CA VAL B 241 41.20 12.71 -43.44
C VAL B 241 41.75 13.51 -42.23
N SER B 242 42.45 12.86 -41.30
CA SER B 242 42.84 13.60 -40.07
C SER B 242 44.18 13.15 -39.59
N TYR B 243 44.92 12.49 -40.48
CA TYR B 243 46.22 11.93 -40.16
C TYR B 243 46.14 10.76 -39.21
N GLY B 244 45.05 9.99 -39.26
CA GLY B 244 44.76 9.03 -38.20
C GLY B 244 45.54 7.77 -38.33
N LEU B 245 46.06 7.56 -39.54
CA LEU B 245 46.88 6.43 -39.88
C LEU B 245 48.38 6.80 -40.01
N MET B 246 48.76 8.06 -39.93
CA MET B 246 50.18 8.36 -40.05
C MET B 246 50.95 7.64 -38.94
N CYS B 247 52.05 6.95 -39.28
CA CYS B 247 52.90 6.30 -38.29
C CYS B 247 53.84 7.35 -37.72
N PRO B 248 53.83 7.53 -36.38
CA PRO B 248 54.75 8.46 -35.71
C PRO B 248 56.15 8.22 -36.16
N ALA B 249 56.80 9.25 -36.71
CA ALA B 249 58.15 9.10 -37.26
C ALA B 249 59.17 8.67 -36.22
N ASP B 250 58.88 8.89 -34.93
CA ASP B 250 59.83 8.42 -33.89
C ASP B 250 59.43 7.11 -33.20
N GLU B 251 58.39 6.42 -33.71
CA GLU B 251 58.05 5.10 -33.21
C GLU B 251 59.12 4.11 -33.68
N THR B 252 59.99 3.71 -32.76
CA THR B 252 61.06 2.76 -33.05
C THR B 252 60.68 1.27 -32.90
N ARG B 253 59.55 0.99 -32.26
CA ARG B 253 59.01 -0.38 -32.24
C ARG B 253 58.57 -0.85 -33.63
N THR B 254 58.47 -2.17 -33.81
CA THR B 254 57.77 -2.70 -34.99
C THR B 254 56.31 -2.24 -35.01
N ILE B 255 55.91 -1.60 -36.11
CA ILE B 255 54.53 -1.19 -36.30
C ILE B 255 53.79 -2.19 -37.16
N ILE B 256 52.74 -2.79 -36.57
CA ILE B 256 51.86 -3.72 -37.26
C ILE B 256 50.74 -2.90 -37.88
N SER B 257 50.51 -3.02 -39.19
CA SER B 257 49.26 -2.52 -39.75
C SER B 257 48.18 -3.61 -39.64
N LEU B 258 47.20 -3.39 -38.76
CA LEU B 258 46.17 -4.39 -38.53
C LEU B 258 44.94 -4.10 -39.39
N ASP B 259 44.90 -4.81 -40.53
CA ASP B 259 44.00 -4.49 -41.61
C ASP B 259 42.69 -5.31 -41.49
N THR B 260 41.57 -4.65 -41.28
CA THR B 260 40.36 -5.36 -40.89
C THR B 260 39.49 -5.77 -42.08
N SER B 261 40.00 -5.59 -43.30
CA SER B 261 39.17 -5.75 -44.49
C SER B 261 38.71 -7.21 -44.83
N GLN B 262 39.35 -8.22 -44.25
CA GLN B 262 38.88 -9.59 -44.45
C GLN B 262 37.94 -10.01 -43.31
N MET B 263 37.76 -9.14 -42.35
CA MET B 263 36.93 -9.45 -41.21
C MET B 263 35.59 -8.71 -41.47
N ASN B 264 34.78 -9.25 -42.38
CA ASN B 264 33.83 -8.42 -43.09
C ASN B 264 32.46 -9.00 -43.33
N ARG B 265 32.04 -9.98 -42.51
CA ARG B 265 30.73 -10.63 -42.64
C ARG B 265 29.65 -10.01 -41.76
N ILE B 266 28.44 -10.00 -42.32
CA ILE B 266 27.19 -9.98 -41.59
C ILE B 266 27.05 -11.33 -40.89
N LEU B 267 27.09 -11.26 -39.55
CA LEU B 267 27.03 -12.43 -38.70
C LEU B 267 25.60 -12.96 -38.53
N TRP B 268 24.65 -12.10 -38.11
CA TRP B 268 23.23 -12.47 -38.11
C TRP B 268 22.43 -11.24 -38.26
N VAL B 269 21.25 -11.38 -38.84
CA VAL B 269 20.24 -10.36 -38.95
C VAL B 269 19.03 -10.71 -38.07
N ASP B 270 18.73 -9.85 -37.09
CA ASP B 270 17.63 -10.15 -36.19
C ASP B 270 16.44 -9.35 -36.62
N GLU B 271 15.53 -10.02 -37.31
CA GLU B 271 14.38 -9.36 -37.92
C GLU B 271 13.31 -8.99 -36.91
N ASN B 272 13.31 -9.63 -35.75
CA ASN B 272 12.39 -9.23 -34.70
C ASN B 272 12.79 -7.93 -34.04
N ASN B 273 14.10 -7.74 -33.80
CA ASN B 273 14.56 -6.56 -33.10
C ASN B 273 15.02 -5.44 -34.04
N LEU B 274 14.87 -5.67 -35.35
CA LEU B 274 15.57 -4.92 -36.43
C LEU B 274 17.00 -4.50 -36.05
N THR B 275 17.84 -5.48 -35.75
CA THR B 275 19.30 -5.26 -35.67
C THR B 275 20.07 -6.28 -36.56
N ALA B 276 21.30 -5.90 -36.93
CA ALA B 276 22.27 -6.78 -37.61
C ALA B 276 23.64 -6.73 -36.93
N HIS B 277 24.20 -7.92 -36.66
CA HIS B 277 25.43 -8.07 -35.96
C HIS B 277 26.44 -8.29 -37.04
N VAL B 278 27.44 -7.44 -37.11
CA VAL B 278 28.38 -7.53 -38.24
C VAL B 278 29.82 -7.50 -37.77
N GLU B 279 30.73 -7.84 -38.65
CA GLU B 279 32.12 -7.80 -38.34
C GLU B 279 32.61 -6.43 -38.75
N ALA B 280 33.54 -5.87 -37.96
CA ALA B 280 33.81 -4.44 -38.02
C ALA B 280 34.48 -4.03 -39.32
N GLY B 281 34.94 -4.99 -40.10
CA GLY B 281 35.67 -4.67 -41.31
C GLY B 281 34.78 -4.53 -42.54
N ILE B 282 33.48 -4.70 -42.38
CA ILE B 282 32.60 -4.63 -43.52
C ILE B 282 32.49 -3.17 -44.01
N THR B 283 32.57 -2.93 -45.33
CA THR B 283 32.36 -1.56 -45.83
C THR B 283 30.90 -1.23 -45.89
N GLY B 284 30.59 0.06 -46.02
CA GLY B 284 29.20 0.54 -46.05
C GLY B 284 28.44 0.00 -47.27
N GLN B 285 29.09 0.01 -48.42
CA GLN B 285 28.56 -0.59 -49.63
C GLN B 285 28.22 -2.09 -49.51
N GLU B 286 29.14 -2.84 -48.94
CA GLU B 286 28.97 -4.25 -48.89
C GLU B 286 27.89 -4.52 -47.85
N LEU B 287 27.87 -3.67 -46.81
CA LEU B 287 26.82 -3.78 -45.77
C LEU B 287 25.40 -3.58 -46.31
N GLU B 288 25.18 -2.48 -47.06
CA GLU B 288 23.84 -2.17 -47.61
C GLU B 288 23.44 -3.14 -48.68
N ARG B 289 24.38 -3.45 -49.59
CA ARG B 289 24.11 -4.43 -50.65
C ARG B 289 23.58 -5.74 -50.05
N GLN B 290 24.24 -6.30 -49.03
CA GLN B 290 23.75 -7.52 -48.40
C GLN B 290 22.42 -7.31 -47.64
N LEU B 291 22.28 -6.22 -46.87
CA LEU B 291 21.01 -6.00 -46.14
C LEU B 291 19.87 -5.89 -47.17
N LYS B 292 20.16 -5.24 -48.30
CA LYS B 292 19.13 -4.97 -49.29
C LYS B 292 18.50 -6.22 -49.86
N GLU B 293 19.24 -7.33 -49.94
CA GLU B 293 18.66 -8.59 -50.42
C GLU B 293 17.57 -9.18 -49.50
N SER B 294 17.55 -8.84 -48.20
CA SER B 294 16.51 -9.21 -47.24
C SER B 294 15.42 -8.14 -47.09
N GLY B 295 15.62 -6.98 -47.68
CA GLY B 295 14.56 -5.99 -47.65
C GLY B 295 14.86 -4.94 -46.60
N TYR B 296 16.11 -4.87 -46.12
CA TYR B 296 16.58 -3.92 -45.08
C TYR B 296 17.71 -3.03 -45.54
N CYS B 297 17.96 -1.96 -44.79
CA CYS B 297 19.10 -1.09 -45.02
C CYS B 297 19.53 -0.61 -43.66
N THR B 298 20.58 0.19 -43.59
CA THR B 298 21.09 0.74 -42.35
C THR B 298 20.80 2.24 -42.45
N GLY B 299 20.77 2.74 -43.71
CA GLY B 299 20.66 4.14 -44.05
C GLY B 299 21.88 5.01 -43.68
N HIS B 300 22.97 4.41 -43.20
CA HIS B 300 24.17 5.17 -42.87
C HIS B 300 25.01 5.43 -44.13
N GLU B 301 25.01 6.69 -44.62
CA GLU B 301 25.63 7.06 -45.90
C GLU B 301 26.66 8.19 -45.81
N PRO B 302 27.86 7.88 -45.29
CA PRO B 302 28.95 8.81 -45.39
C PRO B 302 29.45 8.82 -46.82
N ASP B 303 30.13 9.87 -47.25
CA ASP B 303 30.45 9.96 -48.65
C ASP B 303 31.54 8.95 -49.01
N SER B 304 32.22 8.43 -48.00
CA SER B 304 33.23 7.40 -48.20
C SER B 304 32.72 5.93 -48.06
N LEU B 305 31.39 5.69 -47.94
CA LEU B 305 30.81 4.33 -47.78
C LEU B 305 31.34 3.24 -48.71
N GLU B 306 31.91 3.63 -49.85
CA GLU B 306 32.39 2.58 -50.73
C GLU B 306 33.54 1.85 -50.04
N PHE B 307 34.26 2.54 -49.13
CA PHE B 307 35.49 2.04 -48.53
C PHE B 307 35.50 2.13 -47.03
N SER B 308 34.82 3.09 -46.42
CA SER B 308 34.84 3.19 -44.97
C SER B 308 34.05 2.02 -44.32
N THR B 309 34.51 1.61 -43.16
CA THR B 309 34.01 0.42 -42.52
C THR B 309 33.27 0.73 -41.20
N VAL B 310 32.42 -0.20 -40.73
CA VAL B 310 31.79 -0.11 -39.38
C VAL B 310 32.74 0.28 -38.21
N GLY B 311 33.85 -0.46 -38.08
CA GLY B 311 34.91 -0.11 -37.15
C GLY B 311 35.44 1.30 -37.31
N GLY B 312 35.64 1.74 -38.55
CA GLY B 312 36.11 3.11 -38.81
C GLY B 312 35.10 4.15 -38.31
N TRP B 313 33.85 3.95 -38.74
CA TRP B 313 32.73 4.81 -38.34
C TRP B 313 32.65 5.04 -36.84
N ILE B 314 32.69 3.93 -36.10
CA ILE B 314 32.72 3.97 -34.63
C ILE B 314 33.95 4.73 -34.16
N SER B 315 35.09 4.45 -34.78
CA SER B 315 36.32 5.01 -34.25
C SER B 315 36.32 6.51 -34.43
N THR B 316 35.72 6.99 -35.51
CA THR B 316 35.88 8.41 -35.81
C THR B 316 34.61 9.17 -35.49
N ARG B 317 33.59 8.51 -34.91
CA ARG B 317 32.29 9.11 -34.70
C ARG B 317 31.73 9.60 -36.05
N ALA B 318 31.56 8.70 -37.01
CA ALA B 318 31.17 9.05 -38.38
C ALA B 318 29.71 9.48 -38.44
N SER B 319 29.38 10.30 -39.43
CA SER B 319 28.06 10.88 -39.64
C SER B 319 27.65 10.67 -41.09
N GLY B 320 26.37 10.38 -41.35
CA GLY B 320 25.98 10.04 -42.70
C GLY B 320 25.03 11.05 -43.26
N MET B 321 24.93 11.10 -44.59
CA MET B 321 24.06 12.06 -45.28
C MET B 321 22.58 12.07 -44.84
N LYS B 322 22.06 10.93 -44.39
CA LYS B 322 20.66 10.77 -44.03
C LYS B 322 20.46 10.60 -42.53
N LYS B 323 21.30 11.27 -41.74
CA LYS B 323 21.21 11.05 -40.27
C LYS B 323 19.86 11.51 -39.71
N ASN B 324 19.21 12.47 -40.37
CA ASN B 324 17.90 12.97 -39.90
C ASN B 324 16.92 11.85 -39.77
N ILE B 325 17.08 10.81 -40.56
CA ILE B 325 16.19 9.66 -40.48
C ILE B 325 16.78 8.48 -39.67
N TYR B 326 18.02 8.12 -39.90
CA TYR B 326 18.63 6.92 -39.33
C TYR B 326 19.51 7.13 -38.11
N GLY B 327 19.81 8.39 -37.77
CA GLY B 327 20.79 8.71 -36.76
C GLY B 327 22.24 8.75 -37.29
N ASN B 328 23.14 9.34 -36.50
CA ASN B 328 24.55 9.22 -36.77
C ASN B 328 25.03 7.93 -36.15
N ILE B 329 26.34 7.70 -36.22
CA ILE B 329 26.82 6.44 -35.71
C ILE B 329 26.45 6.13 -34.24
N GLU B 330 26.42 7.12 -33.36
CA GLU B 330 26.15 6.86 -31.94
C GLU B 330 24.70 6.53 -31.68
N ASP B 331 23.79 6.79 -32.63
CA ASP B 331 22.39 6.37 -32.52
C ASP B 331 22.24 4.98 -33.17
N LEU B 332 23.02 4.63 -34.19
CA LEU B 332 22.89 3.34 -34.89
C LEU B 332 23.45 2.12 -34.17
N VAL B 333 24.48 2.31 -33.37
CA VAL B 333 25.15 1.20 -32.75
C VAL B 333 24.53 0.86 -31.42
N VAL B 334 24.08 -0.38 -31.27
CA VAL B 334 23.44 -0.86 -30.08
C VAL B 334 24.41 -1.70 -29.28
N HIS B 335 25.56 -2.04 -29.84
CA HIS B 335 26.43 -3.03 -29.20
C HIS B 335 27.73 -3.11 -29.98
N MET B 336 28.82 -3.43 -29.28
CA MET B 336 30.12 -3.59 -29.89
C MET B 336 31.01 -4.47 -29.03
N LYS B 337 32.03 -5.05 -29.65
CA LYS B 337 33.00 -5.92 -28.97
C LYS B 337 34.35 -5.34 -29.36
N VAL B 338 35.21 -5.09 -28.39
CA VAL B 338 36.50 -4.42 -28.64
C VAL B 338 37.55 -5.20 -27.96
N VAL B 339 38.66 -5.48 -28.67
CA VAL B 339 39.80 -6.19 -28.12
C VAL B 339 40.84 -5.17 -27.70
N THR B 340 41.10 -5.06 -26.41
CA THR B 340 42.20 -4.19 -25.95
C THR B 340 43.28 -5.03 -25.28
N PRO B 341 44.47 -4.46 -25.07
CA PRO B 341 45.57 -5.18 -24.36
C PRO B 341 45.13 -5.73 -22.99
N ARG B 342 44.33 -4.93 -22.31
CA ARG B 342 43.75 -5.27 -21.02
C ARG B 342 42.75 -6.43 -21.01
N GLY B 343 42.15 -6.75 -22.15
CA GLY B 343 41.09 -7.78 -22.24
C GLY B 343 39.96 -7.25 -23.13
N VAL B 344 38.89 -8.05 -23.29
CA VAL B 344 37.83 -7.72 -24.27
C VAL B 344 36.71 -6.92 -23.63
N ILE B 345 36.32 -5.80 -24.24
CA ILE B 345 35.14 -5.01 -23.78
C ILE B 345 33.85 -5.42 -24.50
N GLU B 346 32.81 -5.63 -23.71
CA GLU B 346 31.47 -5.95 -24.23
C GLU B 346 30.39 -5.90 -23.11
N LYS B 347 29.24 -5.26 -23.37
CA LYS B 347 28.05 -5.32 -22.45
C LYS B 347 27.41 -6.67 -22.54
N SER B 348 26.69 -7.15 -21.52
CA SER B 348 26.19 -8.53 -21.58
C SER B 348 24.82 -8.64 -22.17
N CYS B 349 24.12 -7.53 -22.29
CA CYS B 349 22.74 -7.57 -22.86
C CYS B 349 22.59 -6.57 -24.00
N GLN B 350 21.55 -6.81 -24.81
CA GLN B 350 21.30 -6.12 -26.09
C GLN B 350 20.19 -5.08 -25.90
N GLY B 351 20.05 -4.58 -24.67
CA GLY B 351 19.00 -3.60 -24.33
C GLY B 351 19.10 -2.36 -25.20
N PRO B 352 17.97 -1.69 -25.44
CA PRO B 352 18.02 -0.48 -26.28
C PRO B 352 18.59 0.74 -25.55
N ARG B 353 18.34 0.83 -24.23
CA ARG B 353 18.82 1.96 -23.48
C ARG B 353 18.93 1.54 -22.06
N MET B 354 20.03 1.94 -21.44
CA MET B 354 20.33 1.59 -20.06
C MET B 354 20.74 2.75 -19.19
N SER B 355 20.66 2.49 -17.90
CA SER B 355 21.26 3.36 -16.95
C SER B 355 22.14 2.52 -16.01
N THR B 356 23.37 2.20 -16.44
CA THR B 356 24.28 1.43 -15.63
C THR B 356 25.60 2.11 -15.52
N GLY B 357 25.59 3.35 -15.05
CA GLY B 357 26.81 4.17 -15.01
C GLY B 357 27.06 4.81 -16.37
N PRO B 358 28.20 5.53 -16.50
CA PRO B 358 28.60 6.22 -17.70
C PRO B 358 28.61 5.25 -18.88
N ASP B 359 28.17 5.65 -20.03
CA ASP B 359 28.00 4.65 -21.08
C ASP B 359 29.37 4.28 -21.65
N ILE B 360 29.79 3.04 -21.50
CA ILE B 360 31.13 2.67 -21.96
C ILE B 360 31.29 2.65 -23.45
N HIS B 361 30.19 2.50 -24.15
CA HIS B 361 30.20 2.60 -25.59
C HIS B 361 30.80 3.93 -25.94
N HIS B 362 30.44 4.98 -25.19
CA HIS B 362 30.95 6.31 -25.42
C HIS B 362 32.42 6.56 -25.07
N PHE B 363 33.00 5.64 -24.32
CA PHE B 363 34.44 5.61 -24.15
C PHE B 363 35.13 5.12 -25.44
N ILE B 364 34.41 4.40 -26.29
CA ILE B 364 35.06 3.81 -27.47
C ILE B 364 34.75 4.54 -28.76
N MET B 365 33.52 4.97 -28.95
CA MET B 365 33.23 5.83 -30.09
C MET B 365 34.10 7.06 -29.98
N GLY B 366 34.81 7.38 -31.07
CA GLY B 366 35.74 8.50 -31.14
C GLY B 366 37.15 8.14 -30.68
N SER B 367 37.35 6.92 -30.24
CA SER B 367 38.67 6.62 -29.64
C SER B 367 39.82 6.53 -30.73
N GLU B 368 39.45 6.64 -32.02
CA GLU B 368 40.38 6.84 -33.14
C GLU B 368 41.55 5.91 -33.16
N GLY B 369 41.33 4.66 -32.82
CA GLY B 369 42.34 3.65 -32.95
C GLY B 369 43.36 3.58 -31.83
N THR B 370 43.14 4.38 -30.81
CA THR B 370 44.06 4.51 -29.68
C THR B 370 43.84 3.49 -28.51
N LEU B 371 42.74 2.75 -28.54
CA LEU B 371 42.43 1.86 -27.39
C LEU B 371 42.45 0.34 -27.65
N GLY B 372 42.15 -0.09 -28.88
CA GLY B 372 42.13 -1.51 -29.22
C GLY B 372 41.43 -1.61 -30.52
N VAL B 373 41.03 -2.83 -30.89
CA VAL B 373 40.33 -3.04 -32.17
C VAL B 373 38.88 -3.32 -31.92
N ILE B 374 38.01 -2.53 -32.54
CA ILE B 374 36.64 -2.89 -32.60
C ILE B 374 36.52 -4.06 -33.61
N THR B 375 36.00 -5.21 -33.16
CA THR B 375 35.87 -6.38 -34.02
C THR B 375 34.48 -6.70 -34.53
N GLU B 376 33.46 -6.51 -33.69
CA GLU B 376 32.05 -6.79 -34.02
C GLU B 376 31.18 -5.66 -33.47
N ALA B 377 30.04 -5.40 -34.12
CA ALA B 377 29.08 -4.37 -33.68
C ALA B 377 27.68 -4.74 -34.09
N THR B 378 26.68 -4.37 -33.30
CA THR B 378 25.29 -4.55 -33.68
C THR B 378 24.73 -3.18 -34.04
N ILE B 379 24.00 -3.14 -35.14
CA ILE B 379 23.57 -1.89 -35.73
C ILE B 379 22.14 -1.97 -36.06
N LYS B 380 21.41 -0.87 -35.85
CA LYS B 380 19.96 -0.84 -36.14
C LYS B 380 19.80 -0.97 -37.64
N ILE B 381 18.72 -1.61 -38.09
CA ILE B 381 18.42 -1.60 -39.52
C ILE B 381 16.94 -1.22 -39.68
N ARG B 382 16.53 -1.01 -40.93
CA ARG B 382 15.24 -0.46 -41.23
C ARG B 382 14.79 -1.07 -42.56
N PRO B 383 13.47 -1.24 -42.75
CA PRO B 383 13.05 -1.67 -44.05
C PRO B 383 13.45 -0.67 -45.12
N THR B 384 13.78 -1.20 -46.27
CA THR B 384 14.21 -0.40 -47.35
C THR B 384 13.10 0.60 -47.67
N PRO B 385 13.43 1.91 -47.75
CA PRO B 385 12.36 2.85 -48.09
C PRO B 385 11.66 2.58 -49.46
N GLU B 386 10.36 2.85 -49.45
CA GLU B 386 9.45 2.59 -50.56
C GLU B 386 9.73 3.51 -51.76
N TYR B 387 9.98 4.78 -51.47
CA TYR B 387 10.15 5.81 -52.49
C TYR B 387 11.18 6.89 -52.13
N GLN B 388 11.90 7.38 -53.14
CA GLN B 388 12.82 8.50 -53.01
C GLN B 388 12.47 9.64 -53.93
N LYS B 389 12.49 10.87 -53.41
CA LYS B 389 12.29 12.08 -54.22
C LYS B 389 13.36 13.15 -53.91
N TYR B 390 14.01 13.62 -54.94
CA TYR B 390 14.88 14.76 -54.93
C TYR B 390 14.16 16.08 -55.17
N GLY B 391 14.76 17.16 -54.67
CA GLY B 391 14.24 18.51 -54.88
C GLY B 391 15.33 19.54 -54.64
N SER B 392 15.02 20.81 -54.87
CA SER B 392 15.95 21.86 -54.55
C SER B 392 15.18 23.14 -54.41
N VAL B 393 15.78 24.08 -53.69
CA VAL B 393 15.14 25.36 -53.49
C VAL B 393 16.13 26.45 -53.75
N ALA B 394 15.72 27.48 -54.49
CA ALA B 394 16.56 28.62 -54.69
C ALA B 394 16.20 29.75 -53.71
N PHE B 395 17.20 30.44 -53.13
CA PHE B 395 16.98 31.53 -52.17
C PHE B 395 17.63 32.84 -52.62
N PRO B 396 17.10 34.01 -52.20
CA PRO B 396 17.64 35.27 -52.72
C PRO B 396 19.11 35.52 -52.32
N ASN B 397 19.52 34.93 -51.22
CA ASN B 397 20.91 35.01 -50.74
C ASN B 397 21.13 33.89 -49.71
N PHE B 398 22.37 33.73 -49.25
CA PHE B 398 22.74 32.67 -48.33
C PHE B 398 22.02 32.75 -46.94
N GLU B 399 21.86 33.96 -46.46
CA GLU B 399 21.27 34.22 -45.13
C GLU B 399 19.77 33.89 -45.09
N GLN B 400 19.06 34.17 -46.19
CA GLN B 400 17.67 33.74 -46.28
C GLN B 400 17.59 32.22 -46.25
N GLY B 401 18.46 31.55 -47.03
CA GLY B 401 18.57 30.11 -46.96
C GLY B 401 18.86 29.52 -45.57
N VAL B 402 19.77 30.15 -44.83
CA VAL B 402 20.09 29.67 -43.50
C VAL B 402 18.88 29.80 -42.58
N ALA B 403 18.15 30.91 -42.71
CA ALA B 403 17.02 31.19 -41.85
C ALA B 403 15.93 30.18 -42.14
N CYS B 404 15.79 29.81 -43.40
CA CYS B 404 14.84 28.77 -43.77
C CYS B 404 15.25 27.44 -43.18
N LEU B 405 16.51 27.03 -43.35
CA LEU B 405 16.94 25.75 -42.73
C LEU B 405 16.74 25.74 -41.20
N ARG B 406 16.96 26.88 -40.56
CA ARG B 406 16.64 27.04 -39.15
C ARG B 406 15.16 26.77 -38.88
N GLU B 407 14.28 27.29 -39.75
CA GLU B 407 12.86 27.19 -39.49
C GLU B 407 12.45 25.73 -39.67
N ILE B 408 13.02 25.09 -40.68
CA ILE B 408 12.76 23.70 -40.92
C ILE B 408 13.21 22.91 -39.69
N ALA B 409 14.36 23.24 -39.12
CA ALA B 409 14.78 22.46 -37.94
C ALA B 409 13.91 22.74 -36.70
N LYS B 410 13.50 24.00 -36.55
CA LYS B 410 12.62 24.39 -35.48
C LYS B 410 11.25 23.68 -35.56
N GLN B 411 10.75 23.44 -36.77
CA GLN B 411 9.51 22.67 -36.96
C GLN B 411 9.73 21.13 -36.93
N ARG B 412 10.98 20.70 -36.80
CA ARG B 412 11.35 19.27 -36.76
C ARG B 412 10.81 18.51 -37.98
N CYS B 413 10.90 19.15 -39.15
CA CYS B 413 10.48 18.50 -40.36
C CYS B 413 11.57 18.50 -41.48
N ALA B 414 12.85 18.38 -41.12
CA ALA B 414 13.88 18.06 -42.09
C ALA B 414 13.62 16.75 -42.83
N PRO B 415 13.74 16.78 -44.14
CA PRO B 415 13.67 15.51 -44.81
C PRO B 415 14.95 14.66 -44.66
N ALA B 416 14.98 13.52 -45.34
CA ALA B 416 16.12 12.59 -45.25
C ALA B 416 17.46 13.34 -45.33
N SER B 417 17.60 14.22 -46.33
CA SER B 417 18.71 15.14 -46.38
C SER B 417 18.33 16.52 -46.91
N ILE B 418 18.89 17.55 -46.27
CA ILE B 418 18.74 18.96 -46.73
C ILE B 418 20.07 19.62 -46.55
N ARG B 419 20.45 20.34 -47.59
CA ARG B 419 21.76 20.96 -47.73
C ARG B 419 21.60 22.31 -48.35
N LEU B 420 22.34 23.28 -47.86
CA LEU B 420 22.29 24.58 -48.46
C LEU B 420 23.67 24.93 -48.98
N MET B 421 23.77 25.20 -50.28
CA MET B 421 25.00 25.66 -50.86
C MET B 421 24.96 27.14 -51.01
N ASP B 422 26.10 27.76 -50.74
CA ASP B 422 26.32 29.14 -51.18
C ASP B 422 26.42 29.27 -52.71
N ASN B 423 26.50 30.51 -53.18
CA ASN B 423 26.45 30.76 -54.61
C ASN B 423 27.54 30.03 -55.37
N GLN B 424 28.77 30.09 -54.88
CA GLN B 424 29.88 29.39 -55.53
C GLN B 424 29.62 27.91 -55.70
N GLN B 425 29.28 27.24 -54.60
CA GLN B 425 29.03 25.82 -54.65
C GLN B 425 27.81 25.51 -55.52
N PHE B 426 26.87 26.43 -55.60
CA PHE B 426 25.76 26.27 -56.52
C PHE B 426 26.30 26.18 -57.94
N GLN B 427 26.86 27.29 -58.44
CA GLN B 427 27.48 27.37 -59.76
C GLN B 427 28.41 26.22 -60.07
N PHE B 428 29.21 25.76 -59.10
CA PHE B 428 29.99 24.52 -59.22
C PHE B 428 29.04 23.46 -59.69
N GLY B 429 28.09 23.13 -58.81
CA GLY B 429 26.98 22.25 -59.16
C GLY B 429 26.38 22.42 -60.54
N HIS B 430 25.96 23.63 -60.88
CA HIS B 430 25.21 23.92 -62.11
C HIS B 430 26.09 23.83 -63.36
N ALA B 431 27.40 23.80 -63.15
CA ALA B 431 28.36 23.66 -64.23
C ALA B 431 28.51 22.18 -64.59
N LEU B 432 28.06 21.32 -63.68
CA LEU B 432 28.17 19.87 -63.87
C LEU B 432 26.90 19.17 -64.41
N LYS B 433 25.95 19.97 -64.90
CA LYS B 433 24.79 19.39 -65.51
C LYS B 433 25.13 18.67 -66.82
N PRO B 434 24.58 17.45 -67.01
CA PRO B 434 24.65 16.84 -68.35
C PRO B 434 23.97 17.74 -69.39
N GLN B 435 24.59 17.88 -70.56
CA GLN B 435 24.01 18.62 -71.68
C GLN B 435 23.65 20.09 -71.37
N GLY B 457 13.29 37.70 -61.35
CA GLY B 457 13.53 36.86 -60.20
C GLY B 457 14.72 37.34 -59.38
N PHE B 458 15.69 36.44 -59.18
CA PHE B 458 16.85 36.63 -58.26
C PHE B 458 18.16 37.17 -58.90
N ASP B 459 19.05 37.73 -58.06
CA ASP B 459 20.42 38.18 -58.44
C ASP B 459 21.40 37.00 -58.44
N PRO B 460 21.91 36.59 -59.63
CA PRO B 460 22.55 35.27 -59.66
C PRO B 460 23.96 35.17 -59.01
N ASN B 461 24.43 36.24 -58.35
CA ASN B 461 25.76 36.22 -57.73
C ASN B 461 25.74 36.09 -56.24
N GLN B 462 24.53 36.15 -55.67
CA GLN B 462 24.34 35.93 -54.25
C GLN B 462 23.39 34.77 -53.96
N LEU B 463 22.66 34.41 -55.01
CA LEU B 463 21.69 33.33 -55.10
C LEU B 463 22.22 32.04 -54.51
N SER B 464 21.49 31.46 -53.55
CA SER B 464 21.93 30.23 -52.91
C SER B 464 20.89 29.13 -53.09
N VAL B 465 21.32 27.87 -53.05
CA VAL B 465 20.48 26.75 -53.41
C VAL B 465 20.57 25.69 -52.33
N ALA B 466 19.41 25.19 -51.91
CA ALA B 466 19.29 24.03 -51.07
C ALA B 466 18.90 22.87 -51.93
N THR B 467 19.44 21.70 -51.62
CA THR B 467 19.03 20.44 -52.20
C THR B 467 18.37 19.61 -51.11
N LEU B 468 17.44 18.75 -51.56
CA LEU B 468 16.56 17.97 -50.71
C LEU B 468 16.50 16.53 -51.17
N LEU B 469 16.47 15.64 -50.18
CA LEU B 469 16.16 14.25 -50.44
C LEU B 469 15.09 13.77 -49.48
N PHE B 470 13.98 13.29 -50.07
CA PHE B 470 12.88 12.67 -49.36
C PHE B 470 12.85 11.18 -49.61
N GLU B 471 12.57 10.38 -48.58
CA GLU B 471 12.41 8.94 -48.75
C GLU B 471 11.56 8.43 -47.65
N GLY B 472 10.79 7.38 -47.97
CA GLY B 472 9.84 6.77 -47.05
C GLY B 472 8.67 6.30 -47.90
N ASP B 473 7.50 6.22 -47.31
CA ASP B 473 6.30 5.86 -48.08
C ASP B 473 5.99 6.94 -49.11
N ARG B 474 5.68 6.53 -50.33
CA ARG B 474 5.46 7.46 -51.42
C ARG B 474 4.41 8.50 -51.04
N GLU B 475 3.30 8.06 -50.43
CA GLU B 475 2.31 8.96 -49.81
C GLU B 475 3.01 10.06 -48.98
N LYS B 476 3.88 9.66 -48.08
CA LYS B 476 4.44 10.63 -47.13
C LYS B 476 5.43 11.63 -47.72
N VAL B 477 6.35 11.13 -48.53
CA VAL B 477 7.25 11.97 -49.33
C VAL B 477 6.60 13.24 -49.91
N LEU B 478 5.61 13.08 -50.80
CA LEU B 478 4.93 14.21 -51.49
C LEU B 478 4.08 15.08 -50.58
N GLN B 479 3.61 14.54 -49.46
CA GLN B 479 3.01 15.38 -48.46
C GLN B 479 4.10 16.24 -47.75
N HIS B 480 5.17 15.59 -47.30
CA HIS B 480 6.26 16.26 -46.58
C HIS B 480 6.90 17.32 -47.44
N GLU B 481 7.06 16.98 -48.72
CA GLU B 481 7.62 17.86 -49.70
C GLU B 481 6.90 19.19 -49.75
N LYS B 482 5.57 19.12 -49.68
CA LYS B 482 4.74 20.32 -49.76
C LYS B 482 4.94 21.16 -48.51
N GLN B 483 4.89 20.54 -47.31
CA GLN B 483 5.20 21.27 -46.07
C GLN B 483 6.57 22.03 -46.14
N VAL B 484 7.54 21.46 -46.83
CA VAL B 484 8.87 22.06 -46.90
C VAL B 484 8.92 23.27 -47.84
N TYR B 485 8.30 23.17 -49.02
CA TYR B 485 8.36 24.29 -49.95
C TYR B 485 7.50 25.41 -49.51
N ASP B 486 6.51 25.11 -48.67
CA ASP B 486 5.64 26.15 -48.13
C ASP B 486 6.41 26.95 -47.08
N ILE B 487 7.28 26.27 -46.33
CA ILE B 487 8.08 26.93 -45.33
C ILE B 487 9.08 27.76 -46.07
N ALA B 488 9.76 27.17 -47.06
CA ALA B 488 10.78 27.88 -47.84
C ALA B 488 10.27 29.21 -48.45
N ALA B 489 9.06 29.19 -49.00
CA ALA B 489 8.42 30.34 -49.61
C ALA B 489 8.36 31.58 -48.72
N LYS B 490 8.33 31.40 -47.40
CA LYS B 490 8.35 32.54 -46.46
C LYS B 490 9.70 33.26 -46.43
N PHE B 491 10.72 32.60 -46.98
CA PHE B 491 12.08 33.15 -47.00
C PHE B 491 12.48 33.58 -48.42
N GLY B 492 11.48 33.57 -49.30
CA GLY B 492 11.70 33.82 -50.72
C GLY B 492 12.11 32.60 -51.53
N GLY B 493 12.11 31.41 -50.93
CA GLY B 493 12.43 30.20 -51.67
C GLY B 493 11.48 29.88 -52.81
N LEU B 494 12.00 29.26 -53.86
CA LEU B 494 11.21 28.90 -55.04
C LEU B 494 11.75 27.54 -55.48
N ALA B 495 10.86 26.56 -55.69
CA ALA B 495 11.28 25.25 -56.17
C ALA B 495 12.23 25.42 -57.37
N ALA B 496 13.39 24.76 -57.32
CA ALA B 496 14.39 24.80 -58.40
C ALA B 496 14.43 23.48 -59.21
N GLY B 497 13.53 22.57 -58.88
CA GLY B 497 13.37 21.37 -59.67
C GLY B 497 14.16 20.16 -59.20
N GLU B 498 13.60 19.00 -59.48
CA GLU B 498 14.09 17.77 -58.90
C GLU B 498 15.42 17.40 -59.53
N ASP B 499 15.53 17.65 -60.82
CA ASP B 499 16.76 17.33 -61.49
C ASP B 499 17.96 18.05 -60.88
N ASN B 500 17.82 19.35 -60.61
CA ASN B 500 18.90 20.11 -59.92
C ASN B 500 19.19 19.62 -58.51
N GLY B 501 18.21 18.93 -57.92
CA GLY B 501 18.40 18.32 -56.61
C GLY B 501 19.07 16.99 -56.82
N GLN B 502 18.48 16.17 -57.69
CA GLN B 502 18.98 14.83 -58.06
C GLN B 502 20.40 14.81 -58.52
N ARG B 503 20.85 15.95 -59.06
CA ARG B 503 22.25 16.20 -59.45
C ARG B 503 23.11 16.23 -58.21
N GLY B 504 23.20 17.37 -57.51
CA GLY B 504 24.04 17.52 -56.27
C GLY B 504 24.15 16.28 -55.35
N TYR B 505 23.28 15.27 -55.61
CA TYR B 505 23.32 13.95 -54.93
C TYR B 505 23.74 12.73 -55.80
N LEU B 506 23.52 12.76 -57.10
CA LEU B 506 24.21 11.77 -57.95
C LEU B 506 25.68 12.18 -58.14
N LEU B 507 26.00 13.44 -57.82
CA LEU B 507 27.35 13.98 -57.99
C LEU B 507 28.16 13.79 -56.74
N THR B 508 27.48 13.39 -55.67
CA THR B 508 28.04 13.26 -54.33
C THR B 508 29.35 12.40 -54.25
N TYR B 509 29.32 11.19 -54.78
CA TYR B 509 30.49 10.30 -54.79
C TYR B 509 31.63 10.57 -55.88
N VAL B 510 31.46 11.55 -56.78
CA VAL B 510 32.53 11.88 -57.73
C VAL B 510 33.50 12.92 -57.16
N ILE B 511 33.00 13.81 -56.32
CA ILE B 511 33.75 14.97 -55.85
C ILE B 511 35.20 14.70 -55.43
N ALA B 512 35.47 13.50 -54.91
CA ALA B 512 36.86 13.22 -54.48
C ALA B 512 37.77 12.73 -55.59
N TYR B 513 37.19 12.37 -56.74
CA TYR B 513 37.96 12.18 -58.00
C TYR B 513 38.43 13.50 -58.60
N MET B 514 37.79 14.59 -58.22
CA MET B 514 38.04 15.87 -58.80
C MET B 514 39.36 16.40 -58.28
N ARG B 515 39.69 16.11 -57.02
CA ARG B 515 40.93 16.51 -56.39
C ARG B 515 42.12 15.98 -57.16
N ASP B 516 42.12 14.69 -57.54
CA ASP B 516 43.23 14.18 -58.32
C ASP B 516 43.28 14.89 -59.71
N LEU B 517 42.15 15.45 -60.13
CA LEU B 517 42.15 16.12 -61.45
C LEU B 517 42.71 17.55 -61.31
N GLY B 518 42.37 18.23 -60.23
CA GLY B 518 43.00 19.46 -59.89
C GLY B 518 44.51 19.35 -59.73
N LEU B 519 45.00 18.29 -59.09
CA LEU B 519 46.43 18.20 -58.86
C LEU B 519 47.20 18.16 -60.17
N GLU B 520 46.70 17.41 -61.16
CA GLU B 520 47.36 17.41 -62.49
C GLU B 520 47.45 18.79 -63.13
N TYR B 521 46.64 19.76 -62.68
CA TYR B 521 46.73 21.14 -63.22
C TYR B 521 47.16 22.20 -62.21
N TYR B 522 47.97 21.78 -61.24
CA TYR B 522 48.52 22.66 -60.21
C TYR B 522 47.44 23.33 -59.35
N ILE B 523 46.43 22.58 -58.97
CA ILE B 523 45.39 23.11 -58.09
C ILE B 523 45.32 22.26 -56.81
N ILE B 524 45.35 22.89 -55.64
CA ILE B 524 45.29 22.11 -54.41
C ILE B 524 44.10 22.56 -53.65
N GLY B 525 43.33 21.61 -53.17
CA GLY B 525 42.22 21.90 -52.30
C GLY B 525 41.95 20.72 -51.41
N GLU B 526 41.10 21.00 -50.42
CA GLU B 526 40.78 20.09 -49.36
C GLU B 526 39.57 20.69 -48.71
N SER B 527 38.85 19.85 -47.98
CA SER B 527 37.69 20.26 -47.24
C SER B 527 37.99 20.20 -45.77
N PHE B 528 37.16 20.94 -45.03
CA PHE B 528 37.14 20.90 -43.56
C PHE B 528 35.79 21.33 -43.03
N GLU B 529 35.48 20.91 -41.83
CA GLU B 529 34.09 21.06 -41.40
C GLU B 529 34.02 21.43 -39.96
N THR B 530 32.85 21.88 -39.53
CA THR B 530 32.67 22.31 -38.10
C THR B 530 31.21 22.18 -37.83
N SER B 531 30.84 22.22 -36.56
CA SER B 531 29.46 22.44 -36.22
C SER B 531 29.37 23.65 -35.26
N ALA B 532 28.23 24.35 -35.34
CA ALA B 532 28.09 25.56 -34.58
C ALA B 532 26.62 25.77 -34.20
N PRO B 533 26.38 26.53 -33.10
CA PRO B 533 25.00 26.86 -32.75
C PRO B 533 24.37 27.64 -33.90
N TRP B 534 23.04 27.62 -34.02
CA TRP B 534 22.36 28.32 -35.08
C TRP B 534 22.67 29.82 -35.19
N ASP B 535 22.77 30.51 -34.05
CA ASP B 535 22.99 31.98 -34.06
C ASP B 535 24.44 32.39 -34.45
N ARG B 536 25.32 31.43 -34.63
CA ARG B 536 26.65 31.70 -35.07
C ARG B 536 26.85 31.34 -36.51
N VAL B 537 25.92 30.61 -37.15
CA VAL B 537 26.19 30.03 -38.46
C VAL B 537 26.53 31.08 -39.54
N VAL B 538 25.73 32.16 -39.66
CA VAL B 538 25.90 33.17 -40.73
C VAL B 538 27.26 33.85 -40.58
N ASP B 539 27.55 34.41 -39.40
CA ASP B 539 28.86 35.09 -39.20
C ASP B 539 30.08 34.18 -39.41
N LEU B 540 30.05 32.98 -38.86
CA LEU B 540 31.06 31.97 -39.13
C LEU B 540 31.31 31.77 -40.62
N CYS B 541 30.28 31.47 -41.43
CA CYS B 541 30.50 31.23 -42.87
C CYS B 541 31.20 32.40 -43.48
N ARG B 542 30.68 33.60 -43.31
CA ARG B 542 31.28 34.85 -43.80
C ARG B 542 32.71 35.04 -43.28
N ASN B 543 32.91 35.10 -41.96
CA ASN B 543 34.26 35.35 -41.48
C ASN B 543 35.25 34.29 -41.89
N VAL B 544 34.80 33.03 -41.94
CA VAL B 544 35.76 31.97 -42.26
C VAL B 544 36.14 32.01 -43.76
N LYS B 545 35.18 32.24 -44.66
CA LYS B 545 35.45 32.30 -46.10
C LYS B 545 36.32 33.48 -46.47
N GLU B 546 36.14 34.57 -45.72
CA GLU B 546 36.94 35.76 -45.85
C GLU B 546 38.35 35.64 -45.25
N ARG B 547 38.53 34.94 -44.13
CA ARG B 547 39.88 34.72 -43.59
C ARG B 547 40.75 33.98 -44.59
N ILE B 548 40.16 33.02 -45.28
CA ILE B 548 40.87 32.18 -46.26
C ILE B 548 41.39 33.02 -47.42
N ARG B 549 40.52 33.89 -47.92
CA ARG B 549 40.84 34.81 -48.99
C ARG B 549 41.91 35.78 -48.55
N ARG B 550 41.87 36.17 -47.28
CA ARG B 550 42.82 37.15 -46.74
C ARG B 550 44.19 36.55 -46.60
N GLU B 551 44.25 35.31 -46.10
CA GLU B 551 45.51 34.59 -45.91
C GLU B 551 46.17 34.28 -47.25
N CYS B 552 45.39 33.93 -48.26
CA CYS B 552 45.97 33.53 -49.56
C CYS B 552 46.61 34.72 -50.25
N LYS B 553 45.95 35.88 -50.18
CA LYS B 553 46.54 37.08 -50.72
C LYS B 553 47.80 37.48 -49.93
N GLU B 554 47.76 37.40 -48.62
CA GLU B 554 48.91 37.74 -47.78
C GLU B 554 50.06 36.72 -47.94
N LYS B 555 49.76 35.50 -48.39
CA LYS B 555 50.80 34.48 -48.61
C LYS B 555 51.31 34.49 -50.07
N GLY B 556 50.74 35.36 -50.89
CA GLY B 556 51.19 35.53 -52.27
C GLY B 556 50.52 34.64 -53.31
N VAL B 557 49.37 34.04 -52.99
CA VAL B 557 48.55 33.38 -54.01
C VAL B 557 48.02 34.45 -54.99
N GLN B 558 48.08 34.13 -56.27
CA GLN B 558 47.94 35.11 -57.35
C GLN B 558 46.52 35.25 -57.83
N PHE B 559 45.77 34.19 -57.56
CA PHE B 559 44.39 34.08 -57.94
C PHE B 559 43.56 33.93 -56.71
N PRO B 560 42.42 34.64 -56.64
CA PRO B 560 41.49 34.41 -55.49
C PRO B 560 41.20 32.93 -55.32
N PRO B 561 41.28 32.40 -54.09
CA PRO B 561 41.03 30.95 -53.97
C PRO B 561 39.57 30.57 -54.26
N LEU B 562 39.30 29.30 -54.41
CA LEU B 562 37.96 28.83 -54.21
C LEU B 562 37.79 28.72 -52.71
N SER B 563 36.76 29.39 -52.21
CA SER B 563 36.51 29.47 -50.78
C SER B 563 35.01 29.31 -50.57
N THR B 564 34.57 28.12 -50.24
CA THR B 564 33.14 27.87 -50.33
C THR B 564 32.55 27.16 -49.13
N CYS B 565 31.30 27.47 -48.80
CA CYS B 565 30.67 26.69 -47.73
C CYS B 565 29.32 26.09 -48.10
N ARG B 566 28.98 25.03 -47.38
CA ARG B 566 27.61 24.56 -47.41
C ARG B 566 27.11 24.21 -46.03
N VAL B 567 25.81 24.36 -45.82
CA VAL B 567 25.19 23.81 -44.62
C VAL B 567 24.74 22.40 -44.95
N THR B 568 25.31 21.46 -44.21
CA THR B 568 25.26 20.04 -44.56
C THR B 568 24.40 19.14 -43.63
N GLN B 569 24.18 19.57 -42.39
CA GLN B 569 23.32 18.84 -41.41
C GLN B 569 22.66 19.87 -40.51
N THR B 570 21.42 19.62 -40.11
CA THR B 570 20.72 20.47 -39.20
C THR B 570 20.45 19.59 -37.97
N TYR B 571 20.30 20.24 -36.83
CA TYR B 571 20.01 19.63 -35.56
C TYR B 571 19.20 20.75 -34.85
N ASP B 572 18.54 20.35 -33.77
CA ASP B 572 17.87 21.25 -32.89
C ASP B 572 18.72 22.44 -32.48
N ALA B 573 19.96 22.16 -32.08
CA ALA B 573 20.76 23.19 -31.44
C ALA B 573 21.81 23.82 -32.36
N GLY B 574 21.84 23.42 -33.64
CA GLY B 574 22.75 24.08 -34.62
C GLY B 574 22.98 23.31 -35.92
N ALA B 575 24.11 23.58 -36.59
CA ALA B 575 24.36 23.03 -37.91
C ALA B 575 25.80 22.57 -38.04
N CYS B 576 25.99 21.59 -38.92
CA CYS B 576 27.31 21.26 -39.48
C CYS B 576 27.59 22.14 -40.70
N ILE B 577 28.71 22.83 -40.69
CA ILE B 577 29.16 23.64 -41.82
C ILE B 577 30.37 22.98 -42.45
N PHE B 578 30.38 22.94 -43.79
CA PHE B 578 31.41 22.27 -44.62
C PHE B 578 32.12 23.27 -45.55
N PHE B 579 33.43 23.29 -45.52
CA PHE B 579 34.17 24.19 -46.40
C PHE B 579 34.97 23.43 -47.45
N TYR B 580 34.98 24.01 -48.65
CA TYR B 580 35.97 23.70 -49.66
C TYR B 580 36.87 24.89 -49.83
N PHE B 581 38.15 24.59 -49.98
CA PHE B 581 39.20 25.54 -50.16
C PHE B 581 40.16 24.92 -51.18
N ALA B 582 40.52 25.72 -52.18
CA ALA B 582 41.41 25.28 -53.24
C ALA B 582 42.00 26.50 -53.96
N PHE B 583 43.20 26.36 -54.51
CA PHE B 583 43.81 27.41 -55.31
C PHE B 583 44.84 26.88 -56.28
N ASN B 584 45.06 27.68 -57.32
CA ASN B 584 46.09 27.51 -58.32
C ASN B 584 47.41 27.95 -57.70
N TYR B 585 48.34 27.01 -57.56
CA TYR B 585 49.53 27.29 -56.77
C TYR B 585 50.75 27.68 -57.60
N ARG B 586 50.55 27.97 -58.88
CA ARG B 586 51.74 28.11 -59.69
C ARG B 586 52.30 29.52 -59.50
N GLY B 587 53.62 29.63 -59.59
CA GLY B 587 54.33 30.81 -59.11
C GLY B 587 54.59 30.84 -57.60
N ILE B 588 53.96 29.94 -56.84
CA ILE B 588 54.19 29.83 -55.39
C ILE B 588 55.38 28.93 -55.09
N SER B 589 56.22 29.40 -54.16
CA SER B 589 57.45 28.72 -53.77
C SER B 589 57.17 27.37 -53.11
N ASP B 590 56.39 27.40 -52.01
CA ASP B 590 56.15 26.24 -51.14
C ASP B 590 54.63 26.05 -50.94
N PRO B 591 53.98 25.31 -51.86
CA PRO B 591 52.52 25.32 -51.95
C PRO B 591 51.82 24.65 -50.77
N LEU B 592 52.34 23.51 -50.33
CA LEU B 592 51.82 22.77 -49.17
C LEU B 592 51.77 23.60 -47.91
N ALA B 593 52.89 24.30 -47.62
CA ALA B 593 53.06 25.12 -46.42
C ALA B 593 52.01 26.23 -46.35
N VAL B 594 51.92 27.00 -47.44
CA VAL B 594 50.90 28.02 -47.64
C VAL B 594 49.49 27.45 -47.35
N PHE B 595 49.19 26.34 -48.01
CA PHE B 595 47.92 25.68 -47.89
C PHE B 595 47.63 25.27 -46.44
N GLU B 596 48.62 24.62 -45.84
CA GLU B 596 48.53 24.08 -44.52
C GLU B 596 48.54 25.22 -43.44
N GLN B 597 49.13 26.36 -43.75
CA GLN B 597 49.04 27.51 -42.91
C GLN B 597 47.67 28.17 -43.03
N THR B 598 47.14 28.24 -44.25
CA THR B 598 45.79 28.78 -44.48
C THR B 598 44.71 27.91 -43.84
N GLU B 599 44.84 26.59 -43.89
CA GLU B 599 43.87 25.73 -43.19
C GLU B 599 43.84 25.93 -41.66
N ALA B 600 44.99 25.95 -41.02
CA ALA B 600 45.09 26.23 -39.59
C ALA B 600 44.52 27.64 -39.21
N ALA B 601 44.79 28.65 -40.00
CA ALA B 601 44.18 29.95 -39.80
C ALA B 601 42.62 29.87 -39.91
N ALA B 602 42.13 29.16 -40.93
CA ALA B 602 40.69 28.93 -41.02
C ALA B 602 40.16 28.22 -39.74
N ARG B 603 40.83 27.18 -39.28
CA ARG B 603 40.46 26.62 -37.99
C ARG B 603 40.37 27.63 -36.86
N GLU B 604 41.38 28.49 -36.69
CA GLU B 604 41.34 29.56 -35.70
C GLU B 604 40.12 30.49 -35.89
N GLU B 605 39.87 30.92 -37.13
CA GLU B 605 38.65 31.68 -37.44
C GLU B 605 37.37 30.91 -37.01
N ILE B 606 37.28 29.63 -37.38
CA ILE B 606 36.21 28.74 -36.91
C ILE B 606 36.04 28.76 -35.40
N LEU B 607 37.11 28.55 -34.66
CA LEU B 607 36.98 28.42 -33.18
C LEU B 607 36.63 29.77 -32.48
N ALA B 608 37.12 30.88 -33.06
CA ALA B 608 36.83 32.22 -32.59
C ALA B 608 35.39 32.65 -32.89
N ASN B 609 34.74 31.97 -33.84
CA ASN B 609 33.39 32.32 -34.22
C ASN B 609 32.43 31.32 -33.59
N GLY B 610 32.92 30.59 -32.58
CA GLY B 610 32.18 29.61 -31.80
C GLY B 610 31.85 28.27 -32.44
N GLY B 611 32.62 27.85 -33.46
CA GLY B 611 32.39 26.54 -34.07
C GLY B 611 33.24 25.54 -33.32
N SER B 612 32.91 24.25 -33.45
CA SER B 612 33.67 23.18 -32.82
C SER B 612 34.92 22.79 -33.60
N LEU B 613 35.82 22.10 -32.90
CA LEU B 613 36.99 21.50 -33.53
C LEU B 613 36.59 20.61 -34.71
N SER B 614 35.57 19.76 -34.56
CA SER B 614 35.14 18.97 -35.72
C SER B 614 33.72 18.48 -35.50
N HIS B 615 33.02 18.28 -36.57
CA HIS B 615 31.70 17.70 -36.45
C HIS B 615 31.74 16.19 -36.70
N HIS B 616 32.44 15.72 -37.78
CA HIS B 616 32.59 14.27 -38.02
C HIS B 616 33.96 13.73 -38.42
N HIS B 617 34.82 14.51 -39.07
CA HIS B 617 36.16 14.02 -39.49
C HIS B 617 37.02 13.46 -38.35
N GLY B 618 36.85 14.03 -37.15
CA GLY B 618 37.68 13.69 -35.98
C GLY B 618 38.92 14.53 -35.81
N VAL B 619 39.87 14.06 -35.01
CA VAL B 619 40.96 14.91 -34.63
C VAL B 619 42.26 14.36 -35.21
N GLY B 620 42.37 13.04 -35.16
CA GLY B 620 43.56 12.35 -35.63
C GLY B 620 44.79 12.96 -35.01
N LYS B 621 45.79 13.28 -35.85
CA LYS B 621 46.95 14.07 -35.44
C LYS B 621 46.88 15.47 -36.08
N LEU B 622 46.02 15.67 -37.09
CA LEU B 622 45.86 16.99 -37.69
C LEU B 622 45.43 18.10 -36.70
N ARG B 623 44.50 17.80 -35.77
CA ARG B 623 43.89 18.78 -34.86
C ARG B 623 44.19 18.55 -33.39
N LYS B 624 45.13 17.66 -33.08
CA LYS B 624 45.63 17.49 -31.71
C LYS B 624 45.91 18.76 -30.93
N GLN B 625 46.43 19.78 -31.59
CA GLN B 625 46.98 20.91 -30.84
C GLN B 625 45.85 21.72 -30.16
N TRP B 626 44.62 21.59 -30.70
CA TRP B 626 43.43 22.27 -30.14
C TRP B 626 42.59 21.49 -29.13
N LEU B 627 42.88 20.22 -28.88
CA LEU B 627 41.97 19.38 -28.13
C LEU B 627 41.80 19.78 -26.71
N LYS B 628 42.90 20.10 -26.05
CA LYS B 628 42.86 20.38 -24.63
C LYS B 628 41.97 21.57 -24.35
N GLU B 629 42.01 22.53 -25.24
CA GLU B 629 41.19 23.73 -25.15
C GLU B 629 39.71 23.36 -25.40
N SER B 630 39.46 22.41 -26.33
CA SER B 630 38.09 22.01 -26.69
C SER B 630 37.36 21.28 -25.62
N ILE B 631 38.08 20.49 -24.82
CA ILE B 631 37.37 19.60 -23.91
C ILE B 631 37.69 19.80 -22.47
N SER B 632 38.56 20.79 -22.20
CA SER B 632 39.07 21.25 -20.89
C SER B 632 40.27 20.41 -20.49
N ASP B 633 41.11 20.89 -19.58
CA ASP B 633 42.28 20.10 -19.13
C ASP B 633 41.84 18.82 -18.46
N VAL B 634 40.84 18.88 -17.57
CA VAL B 634 40.38 17.67 -16.85
C VAL B 634 39.73 16.66 -17.79
N GLY B 635 38.94 17.12 -18.76
CA GLY B 635 38.47 16.27 -19.88
C GLY B 635 39.59 15.49 -20.56
N PHE B 636 40.68 16.19 -20.93
CA PHE B 636 41.90 15.59 -21.51
C PHE B 636 42.49 14.58 -20.56
N GLY B 637 42.63 14.94 -19.29
CA GLY B 637 43.10 14.00 -18.25
C GLY B 637 42.25 12.73 -18.21
N MET B 638 40.97 12.82 -18.53
CA MET B 638 40.03 11.69 -18.37
C MET B 638 40.25 10.66 -19.44
N LEU B 639 40.39 11.17 -20.66
CA LEU B 639 40.80 10.39 -21.83
C LEU B 639 42.15 9.68 -21.64
N LYS B 640 43.12 10.42 -21.13
CA LYS B 640 44.43 9.86 -20.84
C LYS B 640 44.34 8.73 -19.79
N SER B 641 43.56 8.96 -18.74
CA SER B 641 43.39 7.97 -17.68
C SER B 641 42.78 6.67 -18.20
N VAL B 642 41.93 6.73 -19.25
CA VAL B 642 41.37 5.50 -19.80
C VAL B 642 42.45 4.78 -20.63
N LYS B 643 43.08 5.54 -21.52
CA LYS B 643 44.25 5.10 -22.27
C LYS B 643 45.26 4.39 -21.36
N ASP B 644 45.77 5.06 -20.34
CA ASP B 644 46.81 4.49 -19.48
C ASP B 644 46.32 3.20 -18.76
N TYR B 645 45.01 2.98 -18.69
CA TYR B 645 44.50 1.77 -18.05
C TYR B 645 44.26 0.64 -19.05
N VAL B 646 43.67 0.98 -20.19
CA VAL B 646 43.34 -0.04 -21.18
C VAL B 646 44.60 -0.54 -21.92
N ASP B 647 45.56 0.37 -22.11
CA ASP B 647 46.72 0.11 -22.92
C ASP B 647 47.97 0.68 -22.22
N PRO B 648 48.33 0.12 -21.03
CA PRO B 648 49.45 0.73 -20.26
C PRO B 648 50.74 0.87 -21.05
N THR B 649 51.06 -0.08 -21.92
CA THR B 649 52.33 -0.06 -22.68
C THR B 649 52.21 0.56 -24.08
N ASN B 650 51.10 1.27 -24.35
CA ASN B 650 50.93 2.02 -25.59
C ASN B 650 51.23 1.20 -26.82
N ILE B 651 50.66 0.01 -26.84
CA ILE B 651 50.58 -0.81 -28.04
C ILE B 651 49.82 -0.13 -29.15
N PHE B 652 48.75 0.56 -28.79
CA PHE B 652 47.97 1.22 -29.81
C PHE B 652 48.48 2.64 -30.04
N GLY B 653 49.58 2.72 -30.79
CA GLY B 653 50.44 3.90 -30.76
C GLY B 653 50.41 4.82 -31.96
N ASN B 654 49.29 4.89 -32.69
CA ASN B 654 49.13 5.93 -33.71
C ASN B 654 49.23 7.41 -33.21
N ARG B 655 49.16 7.58 -31.90
CA ARG B 655 49.19 8.86 -31.20
C ARG B 655 48.15 9.86 -31.60
N ASN B 656 47.07 9.43 -32.22
CA ASN B 656 45.88 10.29 -32.38
C ASN B 656 45.38 10.83 -31.04
N LEU B 657 44.68 11.97 -31.13
CA LEU B 657 43.96 12.63 -30.03
C LEU B 657 44.83 13.27 -28.97
N LEU B 658 45.51 12.41 -28.22
CA LEU B 658 46.46 12.73 -27.17
C LEU B 658 47.85 12.33 -27.66
N GLY C 81 -21.80 21.09 22.51
CA GLY C 81 -21.45 19.63 22.44
C GLY C 81 -20.01 19.28 22.88
N ILE C 82 -19.02 19.88 22.19
CA ILE C 82 -17.58 19.76 22.55
C ILE C 82 -17.25 20.53 23.84
N ILE C 83 -16.79 19.77 24.84
CA ILE C 83 -16.23 20.33 26.07
C ILE C 83 -14.92 21.07 25.67
N PRO C 84 -14.82 22.41 25.95
CA PRO C 84 -13.58 23.20 25.68
C PRO C 84 -12.59 22.99 26.83
N LYS C 85 -11.34 23.38 26.69
CA LYS C 85 -10.32 22.96 27.66
C LYS C 85 -10.51 23.53 29.04
N LYS C 86 -10.83 24.83 29.13
CA LYS C 86 -11.10 25.47 30.43
C LYS C 86 -12.57 25.39 30.71
N ARG C 87 -12.94 24.37 31.49
CA ARG C 87 -14.32 23.98 31.61
C ARG C 87 -15.10 25.00 32.41
N GLN C 88 -14.43 25.60 33.38
CA GLN C 88 -15.10 26.53 34.28
C GLN C 88 -15.67 27.74 33.59
N GLU C 89 -15.26 27.98 32.35
CA GLU C 89 -15.76 29.12 31.59
C GLU C 89 -17.18 28.88 31.10
N LEU C 90 -17.59 27.63 31.03
CA LEU C 90 -18.96 27.29 30.62
C LEU C 90 -19.72 26.55 31.73
N MET C 91 -19.03 25.66 32.44
CA MET C 91 -19.59 24.77 33.42
C MET C 91 -19.27 25.26 34.82
N LYS C 92 -20.04 24.82 35.81
CA LYS C 92 -19.85 25.31 37.17
C LYS C 92 -18.66 24.67 37.83
N TRP C 93 -17.87 25.47 38.52
CA TRP C 93 -16.70 24.91 39.20
C TRP C 93 -17.10 24.10 40.48
N ASN C 94 -18.30 24.36 40.98
CA ASN C 94 -18.70 23.87 42.28
C ASN C 94 -20.04 23.15 42.21
N GLY C 95 -20.50 22.82 41.01
CA GLY C 95 -21.75 22.06 40.88
C GLY C 95 -22.01 21.45 39.51
N TRP C 96 -23.25 20.99 39.31
CA TRP C 96 -23.64 20.33 38.09
C TRP C 96 -23.82 21.31 36.96
N GLY C 97 -23.35 20.99 35.77
CA GLY C 97 -23.91 21.67 34.61
C GLY C 97 -23.37 23.01 34.21
N TYR C 98 -24.14 23.76 33.39
CA TYR C 98 -23.66 25.05 32.84
C TYR C 98 -23.89 26.18 33.80
N ASN C 99 -23.01 27.17 33.71
CA ASN C 99 -23.05 28.36 34.56
C ASN C 99 -24.33 29.12 34.43
N ASP C 100 -24.92 29.11 33.22
CA ASP C 100 -26.12 29.91 32.92
C ASP C 100 -27.41 29.20 33.29
N SER C 101 -27.31 28.02 33.91
CA SER C 101 -28.48 27.28 34.34
C SER C 101 -28.48 27.03 35.85
N LYS C 102 -29.24 27.81 36.62
CA LYS C 102 -29.40 27.48 38.04
C LYS C 102 -30.83 27.82 38.46
N PHE C 103 -31.31 27.19 39.52
CA PHE C 103 -32.58 27.54 40.14
C PHE C 103 -32.40 28.80 40.91
N PHE C 104 -33.38 29.67 40.83
CA PHE C 104 -33.40 30.87 41.64
C PHE C 104 -34.87 31.25 41.90
N LEU C 105 -35.06 32.28 42.73
CA LEU C 105 -36.38 32.80 43.13
C LEU C 105 -36.72 34.00 42.24
N ASN C 106 -37.83 33.95 41.50
CA ASN C 106 -38.20 35.07 40.60
C ASN C 106 -38.80 36.27 41.31
N LYS C 107 -38.98 37.37 40.56
CA LYS C 107 -39.59 38.59 41.08
C LYS C 107 -40.86 38.22 41.86
N LYS C 108 -41.54 37.18 41.40
CA LYS C 108 -42.86 36.82 41.92
C LYS C 108 -42.84 35.80 43.08
N GLY C 109 -41.63 35.45 43.54
CA GLY C 109 -41.46 34.58 44.70
C GLY C 109 -41.56 33.09 44.38
N GLN C 110 -41.38 32.77 43.10
CA GLN C 110 -41.49 31.42 42.54
C GLN C 110 -40.14 30.90 42.07
N LEU C 111 -39.94 29.58 42.10
CA LEU C 111 -38.65 29.06 41.71
C LEU C 111 -38.59 28.98 40.22
N GLU C 112 -37.41 29.18 39.68
CA GLU C 112 -37.19 29.20 38.24
C GLU C 112 -35.74 28.84 37.94
N LEU C 113 -35.58 28.15 36.82
CA LEU C 113 -34.27 27.98 36.19
C LEU C 113 -33.87 29.19 35.35
N THR C 114 -32.70 29.77 35.60
CA THR C 114 -32.13 30.82 34.71
C THR C 114 -31.86 30.32 33.28
N GLY C 115 -31.61 31.25 32.36
CA GLY C 115 -31.02 30.93 31.04
C GLY C 115 -32.02 30.39 30.03
N LYS C 116 -31.54 29.65 29.02
CA LYS C 116 -32.39 29.16 27.89
C LYS C 116 -32.03 27.80 27.29
N ARG C 117 -31.35 26.99 28.07
CA ARG C 117 -30.90 25.71 27.57
C ARG C 117 -31.99 24.68 27.48
N TYR C 118 -32.91 24.75 28.43
CA TYR C 118 -33.88 23.69 28.55
C TYR C 118 -35.28 24.21 28.28
N PRO C 119 -36.22 23.29 27.98
CA PRO C 119 -37.67 23.62 27.94
C PRO C 119 -38.19 24.24 29.26
N LEU C 120 -37.72 23.73 30.42
CA LEU C 120 -38.06 24.35 31.73
C LEU C 120 -37.35 25.71 32.07
N SER C 121 -36.39 26.12 31.22
CA SER C 121 -35.58 27.31 31.49
C SER C 121 -36.43 28.57 31.32
N GLY C 122 -36.36 29.47 32.28
CA GLY C 122 -37.18 30.67 32.28
C GLY C 122 -38.67 30.45 32.52
N VAL C 123 -39.06 29.22 32.85
CA VAL C 123 -40.46 28.87 33.19
C VAL C 123 -40.75 28.83 34.72
N ALA C 124 -41.53 29.79 35.23
CA ALA C 124 -42.00 29.78 36.63
C ALA C 124 -42.67 28.45 37.13
N LEU C 125 -42.19 27.97 38.27
CA LEU C 125 -42.75 26.75 38.88
C LEU C 125 -43.48 27.09 40.19
N PRO C 126 -44.77 27.45 40.13
CA PRO C 126 -45.37 28.07 41.33
C PRO C 126 -45.57 27.11 42.54
N THR C 127 -45.50 25.82 42.28
CA THR C 127 -45.80 24.87 43.34
C THR C 127 -44.52 24.27 43.94
N PHE C 128 -43.38 24.68 43.41
CA PHE C 128 -42.15 23.99 43.72
C PHE C 128 -41.72 24.38 45.13
N LYS C 129 -41.81 25.66 45.44
CA LYS C 129 -41.45 26.17 46.77
C LYS C 129 -42.19 25.45 47.91
N ASP C 130 -43.52 25.32 47.81
CA ASP C 130 -44.34 24.61 48.82
C ASP C 130 -43.94 23.14 48.94
N TRP C 131 -43.71 22.47 47.81
CA TRP C 131 -43.20 21.12 47.85
C TRP C 131 -41.93 20.97 48.70
N ILE C 132 -40.95 21.89 48.54
CA ILE C 132 -39.72 21.88 49.38
C ILE C 132 -40.04 22.06 50.87
N GLN C 133 -40.80 23.10 51.18
CA GLN C 133 -41.13 23.46 52.54
C GLN C 133 -41.94 22.31 53.16
N ASN C 134 -42.80 21.68 52.37
CA ASN C 134 -43.62 20.59 52.89
C ASN C 134 -42.82 19.33 53.08
N THR C 135 -41.75 19.15 52.29
CA THR C 135 -41.02 17.87 52.25
C THR C 135 -39.83 17.89 53.21
N PHE C 136 -39.31 19.09 53.47
CA PHE C 136 -38.07 19.23 54.24
C PHE C 136 -38.24 20.04 55.51
N GLY C 137 -39.40 20.70 55.64
CA GLY C 137 -39.72 21.52 56.79
C GLY C 137 -38.99 22.84 56.93
N ILE C 138 -38.56 23.41 55.80
CA ILE C 138 -37.75 24.63 55.83
C ILE C 138 -38.48 25.86 55.23
N ASN C 139 -38.21 27.06 55.74
CA ASN C 139 -38.86 28.28 55.25
C ASN C 139 -38.19 28.98 54.04
N LEU C 140 -37.00 28.52 53.62
CA LEU C 140 -36.24 29.14 52.52
C LEU C 140 -35.64 30.55 52.79
N ASP C 141 -35.62 30.94 54.06
CA ASP C 141 -34.94 32.20 54.43
C ASP C 141 -33.46 31.97 54.73
N HIS C 142 -33.16 30.88 55.46
CA HIS C 142 -31.79 30.40 55.69
C HIS C 142 -31.10 29.86 54.40
N LYS C 143 -30.41 30.75 53.69
CA LYS C 143 -29.45 30.44 52.61
C LYS C 143 -28.08 30.06 53.20
N THR C 144 -27.46 29.00 52.70
CA THR C 144 -26.10 28.65 53.07
C THR C 144 -25.11 29.64 52.40
N THR C 145 -23.98 29.91 53.04
CA THR C 145 -22.93 30.79 52.50
C THR C 145 -21.73 29.89 52.21
N SER C 146 -21.47 29.67 50.91
CA SER C 146 -20.37 28.87 50.37
C SER C 146 -19.18 29.70 49.94
N LYS C 147 -18.15 29.02 49.44
CA LYS C 147 -17.02 29.71 48.83
C LYS C 147 -17.44 30.39 47.54
N ALA C 148 -16.99 31.62 47.34
CA ALA C 148 -17.42 32.40 46.18
C ALA C 148 -16.76 31.90 44.89
N SER C 149 -15.55 31.34 45.01
CA SER C 149 -14.87 30.78 43.87
C SER C 149 -13.70 29.88 44.25
N LEU C 150 -13.03 29.40 43.22
CA LEU C 150 -11.85 28.58 43.41
C LEU C 150 -10.76 29.49 43.96
N ASN C 151 -10.30 29.19 45.17
CA ASN C 151 -9.15 29.85 45.77
C ASN C 151 -7.91 28.93 45.59
N PRO C 152 -6.99 29.30 44.64
CA PRO C 152 -5.80 28.47 44.30
C PRO C 152 -4.85 28.20 45.47
N SER C 153 -4.80 29.10 46.44
CA SER C 153 -3.99 28.92 47.67
C SER C 153 -4.42 27.79 48.60
N ASP C 154 -5.63 27.28 48.39
CA ASP C 154 -6.18 26.13 49.13
C ASP C 154 -5.70 24.83 48.48
N THR C 155 -5.05 24.93 47.34
CA THR C 155 -4.68 23.75 46.56
C THR C 155 -3.24 23.36 46.78
N PRO C 156 -2.93 22.06 46.67
CA PRO C 156 -1.54 21.65 46.82
C PRO C 156 -0.73 22.06 45.60
N PRO C 157 0.60 22.15 45.74
CA PRO C 157 1.35 22.55 44.56
C PRO C 157 1.39 21.42 43.50
N SER C 158 1.67 21.80 42.26
CA SER C 158 1.80 20.89 41.14
C SER C 158 3.24 20.28 41.16
N ILE C 159 3.34 18.96 41.32
CA ILE C 159 4.67 18.30 41.41
C ILE C 159 4.91 17.42 40.19
N VAL C 160 5.83 17.88 39.36
CA VAL C 160 6.08 17.33 38.02
C VAL C 160 7.58 17.41 37.69
N ASN C 161 8.18 16.24 37.39
CA ASN C 161 9.60 16.12 37.03
C ASN C 161 9.85 16.87 35.74
N GLU C 162 10.91 17.67 35.76
CA GLU C 162 11.28 18.52 34.65
C GLU C 162 11.79 17.80 33.40
N ASP C 163 12.26 16.56 33.53
CA ASP C 163 12.65 15.83 32.31
C ASP C 163 11.45 15.24 31.58
N PHE C 164 10.48 14.71 32.34
CA PHE C 164 9.16 14.42 31.78
C PHE C 164 8.56 15.65 31.05
N LEU C 165 8.55 16.77 31.74
CA LEU C 165 8.05 18.01 31.21
C LEU C 165 8.71 18.45 29.88
N HIS C 166 10.04 18.45 29.85
CA HIS C 166 10.83 18.73 28.64
C HIS C 166 10.40 17.89 27.43
N GLU C 167 10.13 16.59 27.66
CA GLU C 167 9.65 15.70 26.60
C GLU C 167 8.22 15.91 26.18
N LEU C 168 7.38 16.31 27.14
CA LEU C 168 6.01 16.73 26.84
C LEU C 168 6.01 17.93 25.92
N LYS C 169 6.94 18.85 26.14
CA LYS C 169 6.99 20.06 25.31
C LYS C 169 7.32 19.72 23.85
N LYS C 170 8.19 18.75 23.63
CA LYS C 170 8.47 18.21 22.29
C LYS C 170 7.20 17.75 21.56
N THR C 171 6.23 17.15 22.27
CA THR C 171 5.04 16.58 21.61
C THR C 171 3.98 17.57 21.15
N ASN C 172 4.05 18.83 21.58
CA ASN C 172 2.99 19.78 21.30
C ASN C 172 1.53 19.37 21.75
N ILE C 173 1.43 18.33 22.60
CA ILE C 173 0.19 17.97 23.26
C ILE C 173 -0.14 19.04 24.30
N SER C 174 -1.37 19.55 24.27
CA SER C 174 -1.75 20.62 25.20
C SER C 174 -1.74 20.15 26.66
N TYR C 175 -1.22 20.97 27.57
CA TYR C 175 -1.23 20.57 28.99
C TYR C 175 -1.43 21.75 29.86
N SER C 176 -1.74 21.50 31.12
CA SER C 176 -1.86 22.64 32.04
C SER C 176 -1.57 22.26 33.49
N GLN C 177 -0.91 23.16 34.21
CA GLN C 177 -0.68 22.92 35.64
C GLN C 177 -1.47 23.94 36.52
N GLU C 178 -2.35 24.71 35.90
CA GLU C 178 -3.18 25.70 36.60
C GLU C 178 -4.10 25.04 37.64
N ALA C 179 -4.18 25.63 38.83
CA ALA C 179 -5.00 25.07 39.89
C ALA C 179 -6.44 24.82 39.42
N ASP C 180 -7.05 25.77 38.72
CA ASP C 180 -8.44 25.58 38.30
C ASP C 180 -8.68 24.39 37.35
N ASP C 181 -7.73 24.16 36.46
CA ASP C 181 -7.89 23.05 35.54
C ASP C 181 -7.77 21.76 36.30
N ARG C 182 -6.89 21.76 37.29
CA ARG C 182 -6.53 20.55 38.05
C ARG C 182 -7.62 20.20 39.06
N VAL C 183 -8.12 21.22 39.75
CA VAL C 183 -9.27 21.01 40.61
C VAL C 183 -10.49 20.57 39.79
N PHE C 184 -10.62 21.07 38.57
CA PHE C 184 -11.85 20.72 37.89
C PHE C 184 -11.97 19.20 37.62
N ARG C 185 -10.84 18.50 37.62
CA ARG C 185 -10.78 17.13 37.21
C ARG C 185 -10.45 16.20 38.36
N ALA C 186 -10.42 16.74 39.59
CA ALA C 186 -10.22 15.98 40.83
C ALA C 186 -11.45 15.25 41.40
N HIS C 187 -12.58 15.27 40.70
CA HIS C 187 -13.84 14.85 41.32
C HIS C 187 -14.86 14.55 40.29
N GLY C 188 -15.89 13.81 40.66
CA GLY C 188 -17.10 13.69 39.84
C GLY C 188 -18.23 14.36 40.61
N HIS C 189 -19.35 13.68 40.77
CA HIS C 189 -20.51 14.33 41.27
C HIS C 189 -21.13 13.65 42.47
N CYS C 190 -20.32 12.95 43.25
CA CYS C 190 -20.85 12.49 44.54
C CYS C 190 -21.12 13.73 45.42
N LEU C 191 -22.07 13.58 46.34
CA LEU C 191 -22.42 14.65 47.24
C LEU C 191 -21.20 15.11 48.02
N HIS C 192 -20.41 14.18 48.54
CA HIS C 192 -19.30 14.57 49.39
C HIS C 192 -18.26 15.47 48.66
N GLU C 193 -18.06 15.20 47.37
CA GLU C 193 -17.16 15.91 46.47
C GLU C 193 -17.63 17.29 46.17
N ILE C 194 -18.93 17.44 45.93
CA ILE C 194 -19.54 18.74 45.70
C ILE C 194 -19.52 19.58 46.98
N PHE C 195 -19.78 18.90 48.09
CA PHE C 195 -19.74 19.50 49.43
C PHE C 195 -18.36 20.13 49.75
N LEU C 196 -17.27 19.37 49.61
CA LEU C 196 -15.93 19.89 49.78
C LEU C 196 -15.58 21.01 48.82
N LEU C 197 -16.18 21.05 47.62
CA LEU C 197 -15.87 22.12 46.66
C LEU C 197 -16.45 23.46 47.16
N ARG C 198 -17.61 23.39 47.78
CA ARG C 198 -18.28 24.53 48.35
C ARG C 198 -17.74 24.95 49.70
N GLU C 199 -17.00 24.09 50.37
CA GLU C 199 -16.83 24.19 51.81
C GLU C 199 -15.39 24.04 52.24
N GLY C 200 -14.59 23.24 51.53
CA GLY C 200 -13.19 23.06 51.87
C GLY C 200 -12.31 22.81 50.65
N MET C 201 -11.52 21.72 50.68
CA MET C 201 -10.67 21.35 49.56
C MET C 201 -10.33 19.88 49.55
N PHE C 202 -10.00 19.38 48.37
CA PHE C 202 -9.50 18.02 48.25
C PHE C 202 -8.10 17.80 48.84
N GLU C 203 -7.96 16.63 49.45
CA GLU C 203 -6.68 16.07 49.89
C GLU C 203 -5.65 16.04 48.75
N ARG C 204 -6.06 15.57 47.56
CA ARG C 204 -5.16 15.32 46.45
C ARG C 204 -5.85 15.65 45.08
N ILE C 205 -5.11 16.32 44.19
CA ILE C 205 -5.66 16.73 42.92
C ILE C 205 -4.65 16.44 41.83
N PRO C 206 -5.08 16.16 40.60
CA PRO C 206 -4.05 15.88 39.56
C PRO C 206 -2.96 16.94 39.50
N ASP C 207 -1.74 16.52 39.20
CA ASP C 207 -0.64 17.45 39.04
C ASP C 207 -0.58 18.17 37.70
N ILE C 208 -1.12 17.54 36.65
CA ILE C 208 -1.02 18.16 35.32
C ILE C 208 -2.16 17.65 34.45
N VAL C 209 -2.85 18.54 33.75
CA VAL C 209 -3.85 18.09 32.83
C VAL C 209 -3.18 18.06 31.47
N LEU C 210 -3.46 17.00 30.71
CA LEU C 210 -3.02 16.82 29.30
C LEU C 210 -4.24 16.57 28.46
N TRP C 211 -4.24 17.10 27.24
CA TRP C 211 -5.36 16.99 26.27
C TRP C 211 -4.95 16.38 24.92
N PRO C 212 -4.65 15.06 24.87
CA PRO C 212 -4.52 14.33 23.59
C PRO C 212 -5.68 14.62 22.62
N THR C 213 -5.36 14.70 21.32
CA THR C 213 -6.39 14.90 20.29
C THR C 213 -6.65 13.64 19.49
N CYS C 214 -5.83 12.59 19.68
CA CYS C 214 -5.97 11.34 18.94
C CYS C 214 -5.33 10.14 19.63
N HIS C 215 -5.53 8.99 19.03
CA HIS C 215 -4.98 7.74 19.56
C HIS C 215 -3.43 7.78 19.75
N ASP C 216 -2.75 8.38 18.79
CA ASP C 216 -1.32 8.39 18.84
C ASP C 216 -0.77 9.28 20.00
N ASP C 217 -1.35 10.45 20.24
CA ASP C 217 -1.06 11.22 21.45
C ASP C 217 -1.25 10.35 22.70
N VAL C 218 -2.27 9.50 22.71
CA VAL C 218 -2.49 8.67 23.90
C VAL C 218 -1.36 7.68 24.07
N VAL C 219 -0.97 7.05 22.96
CA VAL C 219 0.16 6.14 22.95
C VAL C 219 1.39 6.90 23.47
N LYS C 220 1.74 8.06 22.90
CA LYS C 220 2.88 8.81 23.43
C LYS C 220 2.84 8.99 24.96
N ILE C 221 1.66 9.24 25.49
CA ILE C 221 1.56 9.72 26.86
C ILE C 221 1.85 8.57 27.75
N VAL C 222 1.22 7.43 27.44
CA VAL C 222 1.40 6.22 28.16
C VAL C 222 2.84 5.81 28.16
N ASN C 223 3.51 5.88 27.00
CA ASN C 223 4.94 5.67 26.96
C ASN C 223 5.74 6.56 27.89
N LEU C 224 5.42 7.87 27.96
CA LEU C 224 6.09 8.78 28.90
C LEU C 224 5.84 8.33 30.33
N ALA C 225 4.61 7.94 30.62
CA ALA C 225 4.24 7.50 31.95
C ALA C 225 4.95 6.22 32.36
N CYS C 226 5.27 5.33 31.42
CA CYS C 226 6.17 4.22 31.76
C CYS C 226 7.61 4.68 32.03
N LYS C 227 8.16 5.46 31.10
CA LYS C 227 9.54 5.91 31.19
C LYS C 227 9.77 6.71 32.46
N TYR C 228 8.77 7.46 32.91
CA TYR C 228 8.97 8.35 34.03
C TYR C 228 8.22 7.98 35.27
N ASN C 229 7.52 6.84 35.21
CA ASN C 229 6.81 6.34 36.37
C ASN C 229 5.73 7.36 36.88
N LEU C 230 4.85 7.77 35.96
CA LEU C 230 3.78 8.74 36.22
C LEU C 230 2.48 8.01 36.40
N CYS C 231 1.61 8.56 37.22
CA CYS C 231 0.34 7.96 37.44
C CYS C 231 -0.75 8.64 36.57
N ILE C 232 -1.60 7.86 35.92
CA ILE C 232 -2.63 8.41 34.97
C ILE C 232 -4.06 8.11 35.41
N ILE C 233 -4.87 9.16 35.51
CA ILE C 233 -6.29 8.97 35.73
C ILE C 233 -7.11 9.56 34.56
N PRO C 234 -7.76 8.70 33.77
CA PRO C 234 -8.49 9.22 32.64
C PRO C 234 -9.73 9.92 33.10
N ILE C 235 -10.11 10.98 32.37
CA ILE C 235 -11.38 11.66 32.63
C ILE C 235 -11.97 12.04 31.29
N GLY C 236 -13.28 11.79 31.15
CA GLY C 236 -14.11 12.32 30.05
C GLY C 236 -15.05 13.40 30.58
N GLY C 237 -16.29 13.04 30.86
CA GLY C 237 -17.26 14.04 31.29
C GLY C 237 -17.15 14.49 32.73
N GLY C 238 -16.46 13.72 33.57
CA GLY C 238 -16.36 14.10 34.99
C GLY C 238 -17.67 13.90 35.74
N THR C 239 -18.50 12.96 35.29
CA THR C 239 -19.85 12.80 35.85
C THR C 239 -19.95 11.58 36.67
N SER C 240 -18.83 10.94 36.95
CA SER C 240 -18.77 9.77 37.85
C SER C 240 -19.63 10.01 39.05
N VAL C 241 -20.38 9.01 39.48
CA VAL C 241 -20.95 9.08 40.84
C VAL C 241 -20.49 7.96 41.73
N SER C 242 -19.21 7.65 41.70
CA SER C 242 -18.73 6.53 42.51
C SER C 242 -17.34 6.74 43.05
N TYR C 243 -16.89 7.99 43.03
CA TYR C 243 -15.51 8.34 43.34
C TYR C 243 -14.50 7.74 42.37
N GLY C 244 -14.94 7.49 41.14
CA GLY C 244 -14.03 6.88 40.20
C GLY C 244 -12.85 7.81 39.83
N LEU C 245 -12.96 9.11 40.13
CA LEU C 245 -11.98 10.08 39.67
C LEU C 245 -11.14 10.62 40.80
N MET C 246 -11.50 10.27 42.03
CA MET C 246 -10.83 10.84 43.15
C MET C 246 -9.36 10.33 43.12
N CYS C 247 -8.41 11.26 43.34
CA CYS C 247 -6.99 10.94 43.49
C CYS C 247 -6.70 10.32 44.87
N PRO C 248 -6.15 9.09 44.92
CA PRO C 248 -5.87 8.55 46.26
C PRO C 248 -4.91 9.46 47.01
N ALA C 249 -5.16 9.65 48.30
CA ALA C 249 -4.57 10.73 49.09
C ALA C 249 -3.08 10.53 49.27
N ASP C 250 -2.62 9.29 49.14
CA ASP C 250 -1.23 8.99 49.41
C ASP C 250 -0.48 8.62 48.13
N GLU C 251 -1.10 8.86 46.99
CA GLU C 251 -0.36 8.67 45.77
C GLU C 251 0.66 9.79 45.59
N THR C 252 1.93 9.44 45.72
CA THR C 252 3.00 10.43 45.63
C THR C 252 3.68 10.56 44.28
N ARG C 253 3.31 9.77 43.30
CA ARG C 253 3.74 10.04 41.94
C ARG C 253 2.99 11.26 41.36
N THR C 254 3.62 11.90 40.40
CA THR C 254 2.94 12.86 39.56
C THR C 254 1.74 12.21 38.92
N ILE C 255 0.58 12.83 39.11
CA ILE C 255 -0.70 12.33 38.58
C ILE C 255 -1.08 13.18 37.35
N ILE C 256 -1.22 12.50 36.20
CA ILE C 256 -1.69 13.07 34.96
C ILE C 256 -3.17 12.85 34.96
N SER C 257 -3.95 13.93 34.84
CA SER C 257 -5.33 13.83 34.44
C SER C 257 -5.33 13.79 32.91
N LEU C 258 -5.74 12.67 32.34
CA LEU C 258 -5.71 12.51 30.91
C LEU C 258 -7.14 12.74 30.44
N ASP C 259 -7.35 13.95 29.92
CA ASP C 259 -8.64 14.50 29.55
C ASP C 259 -8.93 14.18 28.09
N THR C 260 -10.05 13.47 27.85
CA THR C 260 -10.31 12.94 26.50
C THR C 260 -11.17 13.86 25.70
N SER C 261 -11.52 15.01 26.25
CA SER C 261 -12.56 15.84 25.65
C SER C 261 -12.18 16.42 24.23
N GLN C 262 -10.87 16.47 23.90
CA GLN C 262 -10.47 16.94 22.55
C GLN C 262 -10.28 15.81 21.60
N MET C 263 -10.52 14.60 22.06
CA MET C 263 -10.37 13.43 21.20
C MET C 263 -11.76 13.01 20.86
N ASN C 264 -12.43 13.73 19.99
CA ASN C 264 -13.86 13.72 19.98
C ASN C 264 -14.55 13.58 18.66
N ARG C 265 -13.87 13.05 17.65
CA ARG C 265 -14.47 12.96 16.32
C ARG C 265 -15.26 11.71 16.09
N ILE C 266 -16.25 11.79 15.19
CA ILE C 266 -16.81 10.64 14.51
C ILE C 266 -15.82 10.43 13.37
N LEU C 267 -15.04 9.37 13.44
CA LEU C 267 -14.05 9.12 12.43
C LEU C 267 -14.81 8.78 11.15
N TRP C 268 -15.83 7.92 11.24
CA TRP C 268 -16.65 7.67 10.08
C TRP C 268 -17.93 6.89 10.36
N VAL C 269 -18.94 7.18 9.55
CA VAL C 269 -20.16 6.45 9.59
C VAL C 269 -20.11 5.33 8.57
N ASP C 270 -20.34 4.09 9.01
CA ASP C 270 -20.54 3.03 8.11
C ASP C 270 -22.03 2.86 7.90
N GLU C 271 -22.54 3.27 6.75
CA GLU C 271 -23.96 3.13 6.50
C GLU C 271 -24.36 1.73 6.04
N ASN C 272 -23.44 0.97 5.44
CA ASN C 272 -23.76 -0.42 5.10
C ASN C 272 -23.94 -1.36 6.26
N ASN C 273 -23.10 -1.24 7.28
CA ASN C 273 -23.18 -2.09 8.48
C ASN C 273 -23.88 -1.43 9.67
N LEU C 274 -24.39 -0.20 9.47
CA LEU C 274 -24.95 0.60 10.56
C LEU C 274 -24.05 0.62 11.77
N THR C 275 -22.84 1.13 11.61
CA THR C 275 -21.98 1.40 12.79
C THR C 275 -21.37 2.77 12.68
N ALA C 276 -21.02 3.33 13.81
CA ALA C 276 -20.14 4.53 13.78
C ALA C 276 -18.82 4.27 14.43
N HIS C 277 -17.74 4.74 13.80
CA HIS C 277 -16.40 4.67 14.39
C HIS C 277 -16.03 6.05 14.96
N VAL C 278 -15.95 6.15 16.29
CA VAL C 278 -15.89 7.42 17.00
C VAL C 278 -14.63 7.41 17.92
N GLU C 279 -14.12 8.58 18.30
CA GLU C 279 -13.13 8.67 19.35
C GLU C 279 -13.81 8.77 20.69
N ALA C 280 -13.09 8.34 21.71
CA ALA C 280 -13.71 8.03 22.94
C ALA C 280 -14.18 9.23 23.75
N GLY C 281 -13.72 10.40 23.38
CA GLY C 281 -14.03 11.58 24.14
C GLY C 281 -15.32 12.25 23.72
N ILE C 282 -16.07 11.67 22.77
CA ILE C 282 -17.16 12.41 22.24
C ILE C 282 -18.31 12.26 23.22
N THR C 283 -18.97 13.37 23.57
CA THR C 283 -20.13 13.32 24.47
C THR C 283 -21.34 12.71 23.75
N GLY C 284 -22.34 12.31 24.53
CA GLY C 284 -23.56 11.74 23.99
C GLY C 284 -24.37 12.77 23.25
N GLN C 285 -24.29 14.02 23.71
CA GLN C 285 -25.08 15.05 23.07
C GLN C 285 -24.49 15.36 21.71
N GLU C 286 -23.16 15.34 21.63
CA GLU C 286 -22.50 15.71 20.39
C GLU C 286 -22.55 14.56 19.39
N LEU C 287 -22.54 13.33 19.89
CA LEU C 287 -22.62 12.15 19.05
C LEU C 287 -23.99 12.07 18.37
N GLU C 288 -25.06 12.26 19.16
CA GLU C 288 -26.45 12.26 18.65
C GLU C 288 -26.72 13.40 17.69
N ARG C 289 -26.14 14.57 17.97
CA ARG C 289 -26.27 15.75 17.06
C ARG C 289 -25.57 15.52 15.71
N GLN C 290 -24.33 15.07 15.74
CA GLN C 290 -23.68 14.76 14.46
C GLN C 290 -24.40 13.67 13.63
N LEU C 291 -24.75 12.54 14.28
CA LEU C 291 -25.41 11.40 13.62
C LEU C 291 -26.71 11.83 13.01
N LYS C 292 -27.43 12.65 13.76
CA LYS C 292 -28.75 13.08 13.37
C LYS C 292 -28.71 13.77 12.00
N GLU C 293 -27.64 14.49 11.73
CA GLU C 293 -27.53 15.21 10.47
C GLU C 293 -27.37 14.23 9.28
N SER C 294 -27.01 13.00 9.56
CA SER C 294 -26.99 11.95 8.55
C SER C 294 -28.27 11.13 8.58
N GLY C 295 -29.14 11.32 9.58
CA GLY C 295 -30.39 10.56 9.67
C GLY C 295 -30.28 9.40 10.65
N TYR C 296 -29.20 9.39 11.44
CA TYR C 296 -28.91 8.30 12.42
C TYR C 296 -28.90 8.78 13.86
N CYS C 297 -28.99 7.82 14.76
CA CYS C 297 -28.81 8.07 16.17
C CYS C 297 -28.20 6.79 16.77
N THR C 298 -27.68 6.84 18.00
CA THR C 298 -27.36 5.60 18.70
C THR C 298 -28.53 5.20 19.58
N GLY C 299 -29.30 6.17 20.06
CA GLY C 299 -30.37 5.90 21.00
C GLY C 299 -29.95 5.65 22.42
N HIS C 300 -28.66 5.75 22.71
CA HIS C 300 -28.15 5.59 24.11
C HIS C 300 -28.21 6.93 24.83
N GLU C 301 -29.14 7.06 25.78
CA GLU C 301 -29.42 8.32 26.47
C GLU C 301 -29.33 8.23 28.01
N PRO C 302 -28.14 8.25 28.54
CA PRO C 302 -28.04 8.34 30.00
C PRO C 302 -28.47 9.76 30.38
N ASP C 303 -28.85 10.01 31.65
CA ASP C 303 -29.32 11.35 32.06
C ASP C 303 -28.16 12.33 32.02
N SER C 304 -26.94 11.79 31.95
CA SER C 304 -25.72 12.59 31.89
C SER C 304 -25.17 12.90 30.51
N LEU C 305 -25.93 12.58 29.45
CA LEU C 305 -25.46 12.56 28.03
C LEU C 305 -24.88 13.87 27.55
N GLU C 306 -25.30 14.97 28.14
CA GLU C 306 -24.76 16.26 27.79
C GLU C 306 -23.23 16.26 28.04
N PHE C 307 -22.74 15.54 29.04
CA PHE C 307 -21.31 15.50 29.34
C PHE C 307 -20.68 14.09 29.36
N SER C 308 -21.43 13.04 29.65
CA SER C 308 -20.73 11.76 29.71
C SER C 308 -20.26 11.35 28.29
N THR C 309 -19.17 10.55 28.22
CA THR C 309 -18.49 10.21 26.98
C THR C 309 -18.52 8.72 26.70
N VAL C 310 -18.25 8.37 25.43
CA VAL C 310 -18.23 6.98 24.93
C VAL C 310 -17.24 6.15 25.74
N GLY C 311 -15.99 6.61 25.88
CA GLY C 311 -15.02 6.03 26.79
C GLY C 311 -15.56 5.88 28.19
N GLY C 312 -16.25 6.90 28.67
CA GLY C 312 -16.76 6.84 30.04
C GLY C 312 -17.80 5.76 30.14
N TRP C 313 -18.74 5.69 29.17
CA TRP C 313 -19.83 4.71 29.19
C TRP C 313 -19.31 3.30 29.24
N ILE C 314 -18.34 3.02 28.39
CA ILE C 314 -17.66 1.73 28.29
C ILE C 314 -16.92 1.44 29.58
N SER C 315 -16.17 2.39 30.14
CA SER C 315 -15.46 2.20 31.39
C SER C 315 -16.40 1.88 32.59
N THR C 316 -17.61 2.46 32.64
CA THR C 316 -18.55 2.27 33.77
C THR C 316 -19.77 1.37 33.49
N ARG C 317 -19.88 0.82 32.27
CA ARG C 317 -21.01 -0.01 31.92
C ARG C 317 -22.32 0.77 31.97
N ALA C 318 -22.33 1.92 31.31
CA ALA C 318 -23.45 2.84 31.39
C ALA C 318 -24.70 2.16 30.84
N SER C 319 -25.86 2.59 31.37
CA SER C 319 -27.15 2.21 30.90
C SER C 319 -27.87 3.48 30.48
N GLY C 320 -28.53 3.46 29.34
CA GLY C 320 -29.38 4.58 28.92
C GLY C 320 -30.88 4.43 29.08
N MET C 321 -31.56 5.55 29.02
CA MET C 321 -33.00 5.59 29.16
C MET C 321 -33.79 4.65 28.19
N LYS C 322 -33.27 4.37 27.00
CA LYS C 322 -34.05 3.69 25.99
C LYS C 322 -33.33 2.42 25.61
N LYS C 323 -32.59 1.87 26.56
CA LYS C 323 -31.99 0.57 26.35
C LYS C 323 -32.94 -0.53 25.89
N ASN C 324 -34.27 -0.42 26.08
CA ASN C 324 -35.18 -1.48 25.61
C ASN C 324 -35.13 -1.67 24.11
N ILE C 325 -34.70 -0.64 23.40
CA ILE C 325 -34.70 -0.62 21.95
C ILE C 325 -33.24 -0.68 21.45
N TYR C 326 -32.37 0.12 22.07
CA TYR C 326 -31.03 0.26 21.55
C TYR C 326 -29.99 -0.68 22.25
N GLY C 327 -30.34 -1.28 23.38
CA GLY C 327 -29.39 -1.98 24.24
C GLY C 327 -28.63 -1.03 25.15
N ASN C 328 -28.08 -1.57 26.21
CA ASN C 328 -27.05 -0.94 27.03
C ASN C 328 -25.67 -0.95 26.37
N ILE C 329 -24.71 -0.34 27.06
CA ILE C 329 -23.43 -0.11 26.43
C ILE C 329 -22.84 -1.39 25.89
N GLU C 330 -22.92 -2.49 26.64
CA GLU C 330 -22.32 -3.79 26.16
C GLU C 330 -22.99 -4.37 24.92
N ASP C 331 -24.22 -3.93 24.64
CA ASP C 331 -24.92 -4.40 23.46
C ASP C 331 -24.56 -3.47 22.29
N LEU C 332 -24.21 -2.20 22.56
CA LEU C 332 -24.02 -1.18 21.53
C LEU C 332 -22.64 -1.27 20.92
N VAL C 333 -21.68 -1.65 21.72
CA VAL C 333 -20.30 -1.64 21.28
C VAL C 333 -19.96 -2.87 20.48
N VAL C 334 -19.32 -2.67 19.34
CA VAL C 334 -19.07 -3.71 18.42
C VAL C 334 -17.58 -3.93 18.43
N HIS C 335 -16.80 -2.93 18.74
CA HIS C 335 -15.38 -2.95 18.62
C HIS C 335 -14.86 -1.83 19.41
N MET C 336 -13.61 -1.90 19.84
CA MET C 336 -12.91 -0.87 20.61
C MET C 336 -11.36 -0.98 20.55
N LYS C 337 -10.68 0.07 20.95
CA LYS C 337 -9.23 0.15 21.00
C LYS C 337 -8.77 0.69 22.32
N VAL C 338 -7.84 0.03 22.97
CA VAL C 338 -7.47 0.45 24.31
C VAL C 338 -5.94 0.51 24.40
N VAL C 339 -5.41 1.65 24.80
CA VAL C 339 -3.95 1.77 25.04
C VAL C 339 -3.59 1.38 26.50
N THR C 340 -2.80 0.33 26.68
CA THR C 340 -2.43 -0.05 28.04
C THR C 340 -0.91 0.03 28.14
N PRO C 341 -0.36 -0.03 29.37
CA PRO C 341 1.13 0.05 29.51
C PRO C 341 1.83 -1.08 28.79
N ARG C 342 1.07 -2.12 28.50
CA ARG C 342 1.69 -3.30 27.98
C ARG C 342 1.51 -3.36 26.49
N GLY C 343 0.57 -2.58 25.94
CA GLY C 343 0.36 -2.45 24.51
C GLY C 343 -1.10 -2.10 24.19
N VAL C 344 -1.46 -2.19 22.91
CA VAL C 344 -2.78 -1.84 22.42
C VAL C 344 -3.64 -3.09 22.32
N ILE C 345 -4.77 -3.10 23.04
CA ILE C 345 -5.84 -4.12 22.90
C ILE C 345 -6.85 -3.82 21.79
N GLU C 346 -7.04 -4.76 20.87
CA GLU C 346 -7.95 -4.58 19.75
C GLU C 346 -8.19 -5.90 19.03
N LYS C 347 -9.45 -6.26 18.76
CA LYS C 347 -9.72 -7.44 17.98
C LYS C 347 -9.44 -7.10 16.56
N SER C 348 -9.01 -8.06 15.76
CA SER C 348 -8.72 -7.79 14.36
C SER C 348 -9.90 -7.81 13.40
N CYS C 349 -11.10 -8.09 13.87
CA CYS C 349 -12.23 -8.17 12.92
C CYS C 349 -13.50 -7.54 13.47
N GLN C 350 -14.41 -7.16 12.60
CA GLN C 350 -15.53 -6.30 13.02
C GLN C 350 -16.87 -7.04 13.03
N GLY C 351 -16.82 -8.35 13.14
CA GLY C 351 -18.02 -9.15 13.01
C GLY C 351 -18.85 -9.04 14.26
N PRO C 352 -20.13 -9.43 14.13
CA PRO C 352 -21.15 -9.08 15.09
C PRO C 352 -21.07 -9.89 16.37
N ARG C 353 -20.66 -11.14 16.21
CA ARG C 353 -20.68 -12.08 17.33
C ARG C 353 -19.66 -13.19 17.03
N MET C 354 -18.84 -13.45 18.08
CA MET C 354 -17.80 -14.43 17.93
CA MET C 354 -17.68 -14.34 18.01
C MET C 354 -17.78 -15.43 19.03
N SER C 355 -17.20 -16.56 18.70
CA SER C 355 -16.77 -17.51 19.69
C SER C 355 -15.21 -17.72 19.60
N THR C 356 -14.44 -16.82 20.17
CA THR C 356 -12.99 -17.01 20.19
C THR C 356 -12.46 -16.82 21.65
N GLY C 357 -13.02 -17.59 22.59
CA GLY C 357 -12.64 -17.58 23.98
C GLY C 357 -13.41 -16.53 24.73
N PRO C 358 -13.08 -16.33 26.03
CA PRO C 358 -13.71 -15.35 26.91
C PRO C 358 -13.57 -13.99 26.30
N ASP C 359 -14.69 -13.25 26.21
CA ASP C 359 -14.77 -12.00 25.44
C ASP C 359 -13.97 -10.83 26.04
N ILE C 360 -12.86 -10.50 25.40
CA ILE C 360 -11.92 -9.51 25.99
C ILE C 360 -12.53 -8.10 26.11
N HIS C 361 -13.58 -7.79 25.34
CA HIS C 361 -14.22 -6.51 25.44
C HIS C 361 -14.79 -6.36 26.87
N HIS C 362 -15.17 -7.49 27.47
CA HIS C 362 -15.78 -7.51 28.79
C HIS C 362 -14.76 -7.52 29.88
N PHE C 363 -13.49 -7.77 29.52
CA PHE C 363 -12.40 -7.44 30.44
C PHE C 363 -12.20 -5.90 30.55
N ILE C 364 -12.60 -5.12 29.54
CA ILE C 364 -12.45 -3.63 29.51
C ILE C 364 -13.69 -2.91 29.98
N MET C 365 -14.87 -3.39 29.52
CA MET C 365 -16.11 -2.74 29.93
C MET C 365 -16.27 -2.93 31.43
N GLY C 366 -16.48 -1.82 32.13
CA GLY C 366 -16.58 -1.83 33.59
C GLY C 366 -15.19 -1.69 34.29
N SER C 367 -14.09 -1.57 33.53
CA SER C 367 -12.76 -1.51 34.15
C SER C 367 -12.51 -0.16 34.80
N GLU C 368 -13.38 0.82 34.58
CA GLU C 368 -13.31 2.02 35.41
C GLU C 368 -11.94 2.72 35.53
N GLY C 369 -11.21 2.81 34.43
CA GLY C 369 -9.98 3.55 34.31
C GLY C 369 -8.78 2.89 34.95
N THR C 370 -8.88 1.59 35.20
CA THR C 370 -7.82 0.91 35.92
C THR C 370 -6.86 0.12 35.07
N LEU C 371 -7.04 0.11 33.77
CA LEU C 371 -6.25 -0.77 32.91
C LEU C 371 -5.59 -0.03 31.75
N GLY C 372 -6.28 0.94 31.15
CA GLY C 372 -5.72 1.79 30.09
C GLY C 372 -6.74 2.84 29.61
N VAL C 373 -6.48 3.45 28.46
CA VAL C 373 -7.33 4.51 27.93
C VAL C 373 -8.06 3.92 26.73
N ILE C 374 -9.39 3.98 26.72
CA ILE C 374 -10.17 3.55 25.58
C ILE C 374 -10.11 4.76 24.73
N THR C 375 -9.58 4.61 23.50
CA THR C 375 -9.35 5.73 22.62
C THR C 375 -10.40 5.73 21.47
N GLU C 376 -10.86 4.56 21.00
CA GLU C 376 -11.82 4.49 19.87
C GLU C 376 -12.79 3.37 20.12
N ALA C 377 -14.00 3.48 19.55
CA ALA C 377 -15.01 2.42 19.64
C ALA C 377 -15.76 2.48 18.37
N THR C 378 -16.37 1.35 18.03
CA THR C 378 -17.37 1.25 16.98
C THR C 378 -18.70 0.99 17.63
N ILE C 379 -19.70 1.79 17.33
CA ILE C 379 -21.01 1.66 17.99
C ILE C 379 -22.05 1.47 16.95
N LYS C 380 -23.04 0.67 17.26
CA LYS C 380 -24.16 0.40 16.36
C LYS C 380 -24.93 1.71 16.24
N ILE C 381 -25.49 1.99 15.07
CA ILE C 381 -26.40 3.14 14.90
C ILE C 381 -27.73 2.66 14.34
N ARG C 382 -28.78 3.48 14.37
CA ARG C 382 -30.08 3.12 13.76
C ARG C 382 -30.65 4.36 13.12
N PRO C 383 -31.46 4.18 12.05
CA PRO C 383 -32.20 5.34 11.52
C PRO C 383 -32.99 6.04 12.59
N THR C 384 -32.87 7.35 12.66
CA THR C 384 -33.76 8.13 13.48
C THR C 384 -35.21 7.55 13.46
N PRO C 385 -35.78 7.36 14.65
CA PRO C 385 -37.21 7.03 14.71
C PRO C 385 -38.09 8.12 14.11
N GLU C 386 -39.12 7.67 13.39
CA GLU C 386 -40.17 8.50 12.81
C GLU C 386 -40.96 9.30 13.90
N TYR C 387 -41.51 8.55 14.86
CA TYR C 387 -42.42 9.09 15.86
C TYR C 387 -42.03 8.77 17.29
N GLN C 388 -42.34 9.72 18.17
CA GLN C 388 -42.27 9.59 19.63
C GLN C 388 -43.55 10.02 20.30
N LYS C 389 -43.97 9.28 21.30
CA LYS C 389 -45.15 9.61 22.09
C LYS C 389 -44.84 9.35 23.54
N TYR C 390 -45.15 10.30 24.39
CA TYR C 390 -45.13 10.08 25.84
C TYR C 390 -46.48 9.63 26.33
N GLY C 391 -46.51 9.00 27.50
CA GLY C 391 -47.77 8.57 28.12
C GLY C 391 -47.52 8.34 29.60
N SER C 392 -48.54 7.93 30.35
CA SER C 392 -48.39 7.65 31.76
C SER C 392 -49.56 6.84 32.20
N VAL C 393 -49.41 6.06 33.27
CA VAL C 393 -50.53 5.28 33.77
C VAL C 393 -50.47 5.42 35.28
N ALA C 394 -51.62 5.66 35.92
CA ALA C 394 -51.71 5.76 37.37
C ALA C 394 -52.28 4.46 37.90
N PHE C 395 -51.74 4.00 39.04
CA PHE C 395 -52.17 2.76 39.74
C PHE C 395 -52.65 3.09 41.14
N PRO C 396 -53.55 2.27 41.71
CA PRO C 396 -54.07 2.54 43.08
C PRO C 396 -53.02 2.51 44.19
N ASN C 397 -51.88 1.90 43.91
CA ASN C 397 -50.76 1.72 44.85
C ASN C 397 -49.48 1.29 44.05
N PHE C 398 -48.35 1.15 44.75
CA PHE C 398 -47.08 0.81 44.14
C PHE C 398 -47.07 -0.68 43.75
N GLU C 399 -47.60 -1.53 44.59
CA GLU C 399 -47.51 -2.99 44.40
C GLU C 399 -48.13 -3.41 43.08
N GLN C 400 -49.20 -2.71 42.71
CA GLN C 400 -50.00 -2.94 41.53
C GLN C 400 -49.23 -2.49 40.31
N GLY C 401 -48.61 -1.30 40.39
CA GLY C 401 -47.72 -0.84 39.33
C GLY C 401 -46.62 -1.84 39.03
N VAL C 402 -46.12 -2.50 40.08
CA VAL C 402 -44.96 -3.36 39.89
C VAL C 402 -45.42 -4.67 39.23
N ALA C 403 -46.60 -5.15 39.63
CA ALA C 403 -47.16 -6.37 39.02
C ALA C 403 -47.38 -6.09 37.52
N CYS C 404 -47.81 -4.87 37.21
CA CYS C 404 -48.09 -4.47 35.84
C CYS C 404 -46.81 -4.46 34.97
N LEU C 405 -45.74 -3.84 35.49
CA LEU C 405 -44.41 -3.82 34.84
C LEU C 405 -43.87 -5.23 34.63
N ARG C 406 -43.96 -6.03 35.68
CA ARG C 406 -43.62 -7.42 35.59
C ARG C 406 -44.42 -8.08 34.45
N GLU C 407 -45.71 -7.80 34.35
CA GLU C 407 -46.49 -8.46 33.27
C GLU C 407 -46.08 -7.94 31.89
N ILE C 408 -45.71 -6.67 31.82
CA ILE C 408 -45.23 -6.09 30.60
C ILE C 408 -43.93 -6.73 30.16
N ALA C 409 -42.99 -6.91 31.10
CA ALA C 409 -41.76 -7.62 30.81
C ALA C 409 -42.07 -9.05 30.34
N LYS C 410 -43.08 -9.69 30.92
CA LYS C 410 -43.37 -11.11 30.61
C LYS C 410 -43.84 -11.35 29.19
N GLN C 411 -44.52 -10.35 28.66
CA GLN C 411 -45.07 -10.39 27.32
C GLN C 411 -44.08 -9.77 26.40
N ARG C 412 -42.92 -9.37 26.92
CA ARG C 412 -41.82 -8.73 26.13
C ARG C 412 -42.32 -7.59 25.24
N CYS C 413 -43.10 -6.67 25.82
CA CYS C 413 -43.65 -5.58 25.07
C CYS C 413 -43.37 -4.25 25.81
N ALA C 414 -42.23 -4.18 26.49
CA ALA C 414 -41.84 -2.95 27.16
C ALA C 414 -41.68 -1.89 26.10
N PRO C 415 -42.20 -0.69 26.39
CA PRO C 415 -41.95 0.36 25.36
C PRO C 415 -40.53 0.95 25.51
N ALA C 416 -40.16 1.82 24.57
CA ALA C 416 -38.79 2.42 24.57
C ALA C 416 -38.40 2.80 25.98
N SER C 417 -39.29 3.43 26.71
CA SER C 417 -39.07 3.60 28.12
C SER C 417 -40.34 3.39 28.92
N ILE C 418 -40.12 2.84 30.14
CA ILE C 418 -41.16 2.60 31.15
C ILE C 418 -40.63 2.65 32.58
N ARG C 419 -41.19 3.57 33.35
CA ARG C 419 -40.70 3.82 34.69
C ARG C 419 -41.88 3.91 35.60
N LEU C 420 -41.79 3.29 36.77
CA LEU C 420 -42.88 3.40 37.72
C LEU C 420 -42.42 4.24 38.91
N MET C 421 -43.09 5.34 39.17
CA MET C 421 -42.65 6.17 40.28
C MET C 421 -43.53 6.00 41.46
N ASP C 422 -42.95 5.93 42.67
CA ASP C 422 -43.78 5.88 43.86
C ASP C 422 -44.45 7.20 44.04
N ASN C 423 -45.22 7.30 45.10
CA ASN C 423 -46.08 8.43 45.26
C ASN C 423 -45.28 9.70 45.51
N GLN C 424 -44.21 9.62 46.31
CA GLN C 424 -43.42 10.81 46.58
C GLN C 424 -42.77 11.34 45.31
N GLN C 425 -42.27 10.45 44.46
CA GLN C 425 -41.65 10.86 43.18
C GLN C 425 -42.65 11.42 42.18
N PHE C 426 -43.84 10.85 42.19
CA PHE C 426 -44.84 11.42 41.37
C PHE C 426 -45.16 12.87 41.84
N GLN C 427 -45.53 13.06 43.11
CA GLN C 427 -45.85 14.42 43.61
C GLN C 427 -44.67 15.38 43.43
N PHE C 428 -43.45 14.85 43.39
CA PHE C 428 -42.27 15.63 43.15
C PHE C 428 -42.32 16.21 41.75
N GLY C 429 -42.48 15.34 40.75
CA GLY C 429 -42.56 15.77 39.37
C GLY C 429 -43.79 16.63 39.12
N HIS C 430 -44.71 16.59 40.05
CA HIS C 430 -45.95 17.29 39.83
C HIS C 430 -45.88 18.71 40.35
N ALA C 431 -44.69 19.14 40.73
CA ALA C 431 -44.50 20.50 41.19
C ALA C 431 -43.52 21.13 40.21
N LEU C 432 -43.42 20.49 39.05
CA LEU C 432 -42.80 21.12 37.90
C LEU C 432 -43.81 21.42 36.79
N LYS C 433 -45.11 21.31 37.09
CA LYS C 433 -46.15 21.83 36.19
C LYS C 433 -46.13 23.36 36.29
N PRO C 434 -46.06 24.07 35.15
CA PRO C 434 -46.28 25.54 35.13
C PRO C 434 -47.76 25.96 35.28
N GLN C 435 -48.00 27.28 35.39
CA GLN C 435 -49.35 27.80 35.56
C GLN C 435 -49.36 29.37 35.62
N GLY C 457 -61.90 7.46 41.94
CA GLY C 457 -61.72 6.88 43.27
C GLY C 457 -60.41 6.12 43.44
N PHE C 458 -59.34 6.86 43.77
CA PHE C 458 -57.92 6.38 43.89
C PHE C 458 -57.23 6.97 45.17
N ASP C 459 -56.67 6.11 46.04
CA ASP C 459 -56.10 6.60 47.34
C ASP C 459 -55.04 7.69 47.13
N PRO C 460 -55.13 8.80 47.88
CA PRO C 460 -54.39 9.97 47.38
C PRO C 460 -52.88 9.88 47.62
N ASN C 461 -52.49 8.85 48.35
CA ASN C 461 -51.32 8.93 49.21
C ASN C 461 -50.38 7.79 48.88
N GLN C 462 -50.94 6.77 48.26
CA GLN C 462 -50.16 5.63 47.82
C GLN C 462 -50.25 5.45 46.31
N LEU C 463 -51.01 6.34 45.67
CA LEU C 463 -51.13 6.40 44.23
C LEU C 463 -49.74 6.40 43.56
N SER C 464 -49.54 5.58 42.55
CA SER C 464 -48.23 5.56 41.93
C SER C 464 -48.39 5.73 40.42
N VAL C 465 -47.34 6.18 39.74
CA VAL C 465 -47.46 6.55 38.31
C VAL C 465 -46.34 5.99 37.41
N ALA C 466 -46.72 5.26 36.37
CA ALA C 466 -45.74 4.84 35.36
C ALA C 466 -45.70 5.89 34.27
N THR C 467 -44.51 6.38 33.94
CA THR C 467 -44.28 7.18 32.74
C THR C 467 -43.87 6.27 31.59
N LEU C 468 -44.34 6.59 30.39
CA LEU C 468 -44.05 5.82 29.20
C LEU C 468 -43.43 6.68 28.12
N LEU C 469 -42.47 6.12 27.41
CA LEU C 469 -41.99 6.70 26.13
C LEU C 469 -42.01 5.65 24.99
N PHE C 470 -42.64 5.99 23.88
CA PHE C 470 -42.73 5.07 22.79
C PHE C 470 -42.04 5.74 21.65
N GLU C 471 -41.24 4.98 20.91
CA GLU C 471 -40.66 5.51 19.66
C GLU C 471 -40.51 4.49 18.54
N GLY C 472 -40.69 4.92 17.31
CA GLY C 472 -40.65 3.99 16.19
C GLY C 472 -41.65 4.49 15.18
N ASP C 473 -42.10 3.61 14.27
CA ASP C 473 -43.09 3.90 13.23
C ASP C 473 -44.41 4.28 13.90
N ARG C 474 -45.03 5.33 13.41
CA ARG C 474 -46.21 5.83 14.10
C ARG C 474 -47.32 4.81 14.30
N GLU C 475 -47.59 3.98 13.30
CA GLU C 475 -48.64 2.97 13.39
C GLU C 475 -48.36 1.92 14.49
N LYS C 476 -47.13 1.43 14.51
CA LYS C 476 -46.66 0.47 15.49
C LYS C 476 -46.71 1.09 16.89
N VAL C 477 -46.30 2.34 17.02
CA VAL C 477 -46.34 3.01 18.32
C VAL C 477 -47.77 3.04 18.83
N LEU C 478 -48.74 3.42 18.01
CA LEU C 478 -50.11 3.54 18.49
C LEU C 478 -50.74 2.18 18.81
N GLN C 479 -50.28 1.15 18.10
CA GLN C 479 -50.63 -0.25 18.38
C GLN C 479 -50.03 -0.64 19.73
N HIS C 480 -48.72 -0.57 19.85
CA HIS C 480 -48.02 -0.91 21.08
C HIS C 480 -48.63 -0.25 22.34
N GLU C 481 -48.96 1.04 22.22
CA GLU C 481 -49.50 1.86 23.29
C GLU C 481 -50.78 1.29 23.81
N LYS C 482 -51.59 0.78 22.89
CA LYS C 482 -52.87 0.14 23.21
C LYS C 482 -52.65 -1.20 23.95
N GLN C 483 -51.84 -2.10 23.40
CA GLN C 483 -51.38 -3.25 24.16
C GLN C 483 -51.07 -2.85 25.64
N VAL C 484 -50.22 -1.81 25.84
CA VAL C 484 -49.80 -1.37 27.18
C VAL C 484 -50.94 -0.90 28.12
N TYR C 485 -51.84 -0.05 27.65
CA TYR C 485 -52.98 0.30 28.49
C TYR C 485 -53.88 -0.86 28.81
N ASP C 486 -54.14 -1.74 27.82
CA ASP C 486 -54.91 -2.98 28.10
C ASP C 486 -54.28 -3.78 29.22
N ILE C 487 -52.98 -4.05 29.15
CA ILE C 487 -52.31 -4.77 30.24
C ILE C 487 -52.49 -4.01 31.56
N ALA C 488 -52.06 -2.73 31.56
CA ALA C 488 -52.15 -1.85 32.73
C ALA C 488 -53.54 -1.88 33.41
N ALA C 489 -54.62 -1.95 32.61
CA ALA C 489 -56.01 -1.90 33.10
C ALA C 489 -56.37 -3.06 34.02
N LYS C 490 -55.82 -4.23 33.73
CA LYS C 490 -55.98 -5.43 34.58
C LYS C 490 -55.45 -5.28 36.01
N PHE C 491 -54.60 -4.28 36.26
CA PHE C 491 -54.03 -4.02 37.60
C PHE C 491 -54.59 -2.71 38.20
N GLY C 492 -55.72 -2.28 37.68
CA GLY C 492 -56.32 -1.02 38.10
C GLY C 492 -55.66 0.22 37.53
N GLY C 493 -54.88 0.08 36.45
CA GLY C 493 -54.17 1.19 35.81
C GLY C 493 -55.08 2.03 34.93
N LEU C 494 -54.92 3.34 34.96
CA LEU C 494 -55.75 4.24 34.15
C LEU C 494 -54.85 5.26 33.48
N ALA C 495 -55.06 5.51 32.19
CA ALA C 495 -54.27 6.57 31.49
C ALA C 495 -54.27 7.90 32.28
N ALA C 496 -53.10 8.50 32.45
CA ALA C 496 -53.02 9.78 33.18
C ALA C 496 -52.49 10.89 32.27
N GLY C 497 -52.39 10.58 30.99
CA GLY C 497 -52.27 11.59 29.97
C GLY C 497 -50.86 11.88 29.55
N GLU C 498 -50.72 12.43 28.36
CA GLU C 498 -49.40 12.61 27.82
C GLU C 498 -48.49 13.61 28.58
N ASP C 499 -49.03 14.68 29.13
CA ASP C 499 -48.16 15.64 29.86
C ASP C 499 -47.54 15.09 31.17
N ASN C 500 -48.26 14.23 31.89
CA ASN C 500 -47.74 13.61 33.14
C ASN C 500 -46.52 12.72 32.93
N GLY C 501 -46.48 12.00 31.81
CA GLY C 501 -45.28 11.26 31.46
C GLY C 501 -44.15 12.16 30.96
N GLN C 502 -44.52 13.05 30.04
CA GLN C 502 -43.64 13.99 29.32
C GLN C 502 -42.90 14.93 30.22
N ARG C 503 -43.13 14.79 31.52
CA ARG C 503 -42.61 15.65 32.58
C ARG C 503 -41.91 14.85 33.73
N GLY C 504 -42.04 13.53 33.77
CA GLY C 504 -41.16 12.72 34.65
C GLY C 504 -39.76 12.59 34.03
N TYR C 505 -39.70 12.82 32.72
CA TYR C 505 -38.49 12.67 31.92
C TYR C 505 -37.80 14.01 31.77
N LEU C 506 -38.54 14.95 31.12
CA LEU C 506 -38.18 16.39 31.04
C LEU C 506 -38.13 17.00 32.42
N LEU C 507 -38.22 16.15 33.45
CA LEU C 507 -37.67 16.44 34.74
C LEU C 507 -36.28 15.95 34.52
N THR C 508 -36.10 14.63 34.47
CA THR C 508 -34.86 13.91 34.92
C THR C 508 -33.47 14.35 34.36
N TYR C 509 -33.45 15.27 33.38
CA TYR C 509 -32.28 16.16 33.03
C TYR C 509 -32.15 17.48 33.83
N VAL C 510 -32.74 17.58 35.03
CA VAL C 510 -32.59 18.83 35.78
C VAL C 510 -32.40 18.58 37.25
N ILE C 511 -32.41 17.31 37.61
CA ILE C 511 -32.40 16.81 38.98
C ILE C 511 -31.06 17.03 39.61
N ALA C 512 -30.06 17.10 38.76
CA ALA C 512 -28.75 17.47 39.15
C ALA C 512 -28.68 18.99 39.45
N TYR C 513 -29.49 19.78 38.77
CA TYR C 513 -29.55 21.22 39.10
C TYR C 513 -30.29 21.44 40.40
N MET C 514 -31.20 20.52 40.71
CA MET C 514 -31.95 20.60 41.94
C MET C 514 -31.13 20.26 43.17
N ARG C 515 -30.08 19.45 43.00
CA ARG C 515 -29.25 19.09 44.10
C ARG C 515 -28.45 20.31 44.50
N ASP C 516 -28.04 21.12 43.51
CA ASP C 516 -27.33 22.35 43.84
C ASP C 516 -28.29 23.28 44.59
N LEU C 517 -29.56 23.29 44.19
CA LEU C 517 -30.53 24.18 44.88
C LEU C 517 -30.71 23.77 46.35
N GLY C 518 -30.81 22.47 46.60
CA GLY C 518 -30.90 21.97 47.96
C GLY C 518 -29.71 22.42 48.81
N LEU C 519 -28.51 22.26 48.26
CA LEU C 519 -27.29 22.68 48.92
C LEU C 519 -27.27 24.13 49.34
N GLU C 520 -27.97 25.01 48.60
CA GLU C 520 -28.12 26.42 49.05
C GLU C 520 -29.03 26.54 50.24
N TYR C 521 -29.83 25.53 50.52
CA TYR C 521 -30.78 25.73 51.60
C TYR C 521 -30.70 24.64 52.62
N TYR C 522 -29.45 24.20 52.87
CA TYR C 522 -29.13 23.23 53.90
C TYR C 522 -29.77 21.87 53.61
N ILE C 523 -29.87 21.50 52.35
CA ILE C 523 -30.41 20.19 52.07
C ILE C 523 -29.39 19.38 51.31
N ILE C 524 -29.06 18.22 51.85
CA ILE C 524 -28.17 17.29 51.18
C ILE C 524 -28.92 16.06 50.67
N GLY C 525 -28.65 15.67 49.44
CA GLY C 525 -29.27 14.49 48.87
C GLY C 525 -28.41 13.84 47.82
N GLU C 526 -28.77 12.62 47.47
CA GLU C 526 -27.97 11.88 46.52
C GLU C 526 -28.81 10.71 46.04
N SER C 527 -28.30 9.96 45.05
CA SER C 527 -29.09 8.92 44.47
C SER C 527 -28.29 7.63 44.58
N PHE C 528 -28.96 6.49 44.52
CA PHE C 528 -28.31 5.22 44.45
C PHE C 528 -29.25 4.18 43.86
N GLU C 529 -28.71 3.13 43.25
CA GLU C 529 -29.50 2.23 42.41
C GLU C 529 -29.04 0.78 42.57
N THR C 530 -29.89 -0.15 42.20
CA THR C 530 -29.62 -1.55 42.28
C THR C 530 -30.50 -2.20 41.23
N SER C 531 -30.25 -3.46 40.95
CA SER C 531 -31.14 -4.27 40.16
C SER C 531 -31.37 -5.54 40.98
N ALA C 532 -32.52 -6.17 40.80
CA ALA C 532 -32.97 -7.26 41.62
C ALA C 532 -33.90 -8.19 40.80
N PRO C 533 -34.04 -9.45 41.23
CA PRO C 533 -35.02 -10.34 40.60
C PRO C 533 -36.43 -9.79 40.74
N TRP C 534 -37.32 -10.13 39.82
CA TRP C 534 -38.71 -9.67 39.88
C TRP C 534 -39.36 -9.94 41.25
N ASP C 535 -39.19 -11.17 41.76
CA ASP C 535 -39.81 -11.51 43.02
C ASP C 535 -39.24 -10.78 44.27
N ARG C 536 -38.20 -9.95 44.11
CA ARG C 536 -37.66 -9.20 45.26
C ARG C 536 -38.03 -7.72 45.29
N VAL C 537 -38.63 -7.27 44.19
CA VAL C 537 -38.65 -5.83 43.90
C VAL C 537 -39.49 -5.06 44.93
N VAL C 538 -40.74 -5.50 45.14
CA VAL C 538 -41.70 -4.84 46.07
C VAL C 538 -41.18 -4.76 47.48
N ASP C 539 -40.70 -5.88 48.01
CA ASP C 539 -40.10 -5.89 49.36
C ASP C 539 -38.87 -5.00 49.47
N LEU C 540 -37.99 -5.07 48.46
CA LEU C 540 -36.74 -4.30 48.45
C LEU C 540 -37.07 -2.80 48.53
N CYS C 541 -38.01 -2.34 47.71
CA CYS C 541 -38.44 -0.94 47.76
C CYS C 541 -38.95 -0.53 49.14
N ARG C 542 -39.82 -1.36 49.69
CA ARG C 542 -40.43 -1.04 50.96
C ARG C 542 -39.35 -1.04 52.04
N ASN C 543 -38.53 -2.09 52.10
CA ASN C 543 -37.59 -2.26 53.21
C ASN C 543 -36.52 -1.19 53.19
N VAL C 544 -36.02 -0.88 52.00
CA VAL C 544 -34.89 0.06 51.81
C VAL C 544 -35.31 1.46 52.18
N LYS C 545 -36.48 1.89 51.71
CA LYS C 545 -37.03 3.20 52.10
C LYS C 545 -37.25 3.36 53.59
N GLU C 546 -37.79 2.33 54.22
CA GLU C 546 -37.99 2.33 55.67
C GLU C 546 -36.66 2.29 56.42
N ARG C 547 -35.62 1.68 55.84
CA ARG C 547 -34.33 1.57 56.53
C ARG C 547 -33.78 2.98 56.57
N ILE C 548 -33.98 3.68 55.46
CA ILE C 548 -33.51 5.05 55.32
C ILE C 548 -34.15 5.95 56.40
N ARG C 549 -35.46 5.78 56.59
CA ARG C 549 -36.15 6.60 57.56
C ARG C 549 -35.66 6.28 58.98
N ARG C 550 -35.36 5.02 59.24
CA ARG C 550 -35.00 4.58 60.57
C ARG C 550 -33.61 5.04 60.92
N GLU C 551 -32.71 4.96 59.96
CA GLU C 551 -31.36 5.42 60.21
C GLU C 551 -31.35 6.94 60.51
N CYS C 552 -32.15 7.71 59.77
CA CYS C 552 -32.17 9.15 59.93
C CYS C 552 -32.65 9.54 61.31
N LYS C 553 -33.74 8.91 61.75
CA LYS C 553 -34.35 9.11 63.08
C LYS C 553 -33.41 8.72 64.25
N GLU C 554 -32.75 7.57 64.13
CA GLU C 554 -31.72 7.14 65.09
C GLU C 554 -30.50 8.07 65.15
N LYS C 555 -30.14 8.65 64.01
CA LYS C 555 -28.95 9.48 63.91
C LYS C 555 -29.14 10.96 64.24
N GLY C 556 -30.36 11.36 64.59
CA GLY C 556 -30.63 12.70 65.09
C GLY C 556 -31.33 13.64 64.14
N VAL C 557 -31.70 13.14 62.96
CA VAL C 557 -32.40 13.95 61.94
C VAL C 557 -33.85 14.19 62.34
N GLN C 558 -34.33 15.43 62.13
CA GLN C 558 -35.58 15.86 62.78
C GLN C 558 -36.84 15.77 61.90
N PHE C 559 -36.70 16.12 60.64
CA PHE C 559 -37.78 15.87 59.68
C PHE C 559 -37.54 14.58 58.92
N PRO C 560 -38.63 13.81 58.67
CA PRO C 560 -38.45 12.52 58.00
C PRO C 560 -37.81 12.81 56.65
N PRO C 561 -36.79 12.04 56.26
CA PRO C 561 -36.05 12.44 55.08
C PRO C 561 -36.89 12.30 53.81
N LEU C 562 -36.49 12.88 52.71
CA LEU C 562 -37.05 12.42 51.45
C LEU C 562 -36.51 11.01 51.14
N SER C 563 -37.43 10.07 50.96
CA SER C 563 -37.06 8.67 50.78
C SER C 563 -37.97 8.00 49.74
N THR C 564 -37.47 8.05 48.50
CA THR C 564 -38.26 7.84 47.32
C THR C 564 -37.57 6.84 46.43
N CYS C 565 -38.36 6.06 45.71
CA CYS C 565 -37.82 5.16 44.73
C CYS C 565 -38.69 5.12 43.49
N ARG C 566 -38.08 4.64 42.40
CA ARG C 566 -38.75 4.37 41.16
C ARG C 566 -38.22 3.11 40.49
N VAL C 567 -39.08 2.39 39.78
CA VAL C 567 -38.59 1.29 38.94
C VAL C 567 -38.26 1.89 37.58
N THR C 568 -37.02 1.76 37.16
CA THR C 568 -36.51 2.53 36.07
C THR C 568 -36.11 1.71 34.83
N GLN C 569 -35.86 0.40 34.97
CA GLN C 569 -35.62 -0.45 33.82
C GLN C 569 -36.26 -1.76 34.15
N THR C 570 -36.80 -2.42 33.12
CA THR C 570 -37.30 -3.77 33.21
C THR C 570 -36.39 -4.69 32.37
N TYR C 571 -36.30 -5.96 32.77
CA TYR C 571 -35.59 -6.98 32.06
C TYR C 571 -36.39 -8.27 32.17
N ASP C 572 -36.04 -9.27 31.33
CA ASP C 572 -36.63 -10.63 31.50
C ASP C 572 -36.46 -11.10 32.93
N ALA C 573 -35.27 -10.84 33.53
CA ALA C 573 -34.95 -11.44 34.83
C ALA C 573 -35.12 -10.54 36.05
N GLY C 574 -35.58 -9.30 35.85
CA GLY C 574 -35.90 -8.43 36.99
C GLY C 574 -35.84 -6.95 36.62
N ALA C 575 -35.57 -6.07 37.59
CA ALA C 575 -35.69 -4.64 37.36
C ALA C 575 -34.54 -3.82 37.93
N CYS C 576 -34.36 -2.61 37.42
CA CYS C 576 -33.50 -1.65 38.10
C CYS C 576 -34.32 -0.78 39.07
N ILE C 577 -33.87 -0.64 40.30
CA ILE C 577 -34.55 0.22 41.25
C ILE C 577 -33.63 1.42 41.55
N PHE C 578 -34.20 2.59 41.42
CA PHE C 578 -33.45 3.79 41.61
C PHE C 578 -34.02 4.56 42.82
N PHE C 579 -33.12 4.92 43.76
CA PHE C 579 -33.45 5.68 44.99
C PHE C 579 -32.95 7.15 45.03
N TYR C 580 -33.74 8.04 45.62
CA TYR C 580 -33.26 9.40 45.97
C TYR C 580 -33.42 9.53 47.46
N PHE C 581 -32.38 10.09 48.08
CA PHE C 581 -32.35 10.23 49.52
C PHE C 581 -31.89 11.67 49.86
N ALA C 582 -32.65 12.40 50.69
CA ALA C 582 -32.22 13.74 51.07
C ALA C 582 -32.81 14.23 52.39
N PHE C 583 -32.08 15.12 53.06
CA PHE C 583 -32.63 15.73 54.22
C PHE C 583 -32.06 17.13 54.43
N ASN C 584 -32.76 17.85 55.30
CA ASN C 584 -32.30 19.11 55.82
C ASN C 584 -31.37 18.83 56.99
N TYR C 585 -30.11 19.23 56.85
CA TYR C 585 -29.04 18.87 57.81
C TYR C 585 -28.69 19.98 58.81
N ARG C 586 -29.42 21.09 58.76
CA ARG C 586 -29.11 22.25 59.60
C ARG C 586 -29.41 21.90 61.08
N GLY C 587 -28.41 22.15 61.94
CA GLY C 587 -28.45 21.72 63.35
C GLY C 587 -27.82 20.36 63.71
N ILE C 588 -27.61 19.50 62.71
CA ILE C 588 -26.99 18.18 62.92
C ILE C 588 -25.49 18.32 63.08
N SER C 589 -24.89 17.57 64.01
CA SER C 589 -23.47 17.76 64.32
C SER C 589 -22.47 17.48 63.16
N ASP C 590 -22.42 16.23 62.69
CA ASP C 590 -21.57 15.92 61.55
C ASP C 590 -22.43 15.37 60.41
N PRO C 591 -22.93 16.29 59.55
CA PRO C 591 -23.96 16.03 58.55
C PRO C 591 -23.49 15.10 57.41
N LEU C 592 -22.20 15.10 57.11
CA LEU C 592 -21.69 14.20 56.08
C LEU C 592 -21.45 12.80 56.64
N ALA C 593 -21.07 12.71 57.90
CA ALA C 593 -20.94 11.41 58.53
C ALA C 593 -22.31 10.74 58.50
N VAL C 594 -23.35 11.49 58.89
CA VAL C 594 -24.72 10.99 59.04
C VAL C 594 -25.28 10.58 57.65
N PHE C 595 -24.98 11.40 56.66
CA PHE C 595 -25.40 11.12 55.33
C PHE C 595 -24.82 9.77 54.81
N GLU C 596 -23.52 9.64 54.99
CA GLU C 596 -22.74 8.57 54.42
C GLU C 596 -22.99 7.28 55.20
N GLN C 597 -23.28 7.40 56.50
CA GLN C 597 -23.65 6.23 57.26
C GLN C 597 -24.97 5.65 56.83
N THR C 598 -25.94 6.52 56.61
CA THR C 598 -27.24 6.13 56.10
C THR C 598 -27.21 5.50 54.69
N GLU C 599 -26.39 6.08 53.80
CA GLU C 599 -26.18 5.54 52.44
C GLU C 599 -25.62 4.09 52.50
N ALA C 600 -24.58 3.87 53.30
CA ALA C 600 -24.05 2.55 53.55
C ALA C 600 -25.09 1.62 54.21
N ALA C 601 -25.88 2.14 55.15
CA ALA C 601 -26.91 1.35 55.75
C ALA C 601 -27.95 0.88 54.73
N ALA C 602 -28.42 1.78 53.91
CA ALA C 602 -29.36 1.42 52.87
C ALA C 602 -28.79 0.36 51.88
N ARG C 603 -27.48 0.41 51.63
CA ARG C 603 -26.86 -0.52 50.69
C ARG C 603 -26.90 -1.90 51.32
N GLU C 604 -26.64 -1.96 52.62
CA GLU C 604 -26.72 -3.22 53.29
C GLU C 604 -28.13 -3.82 53.15
N GLU C 605 -29.14 -2.98 53.35
CA GLU C 605 -30.51 -3.37 53.18
C GLU C 605 -30.84 -3.85 51.74
N ILE C 606 -30.28 -3.20 50.74
CA ILE C 606 -30.41 -3.64 49.33
C ILE C 606 -29.88 -5.07 49.21
N LEU C 607 -28.69 -5.31 49.70
CA LEU C 607 -28.02 -6.58 49.54
C LEU C 607 -28.81 -7.63 50.30
N ALA C 608 -29.33 -7.26 51.48
CA ALA C 608 -30.15 -8.21 52.24
C ALA C 608 -31.54 -8.50 51.64
N ASN C 609 -31.95 -7.75 50.64
CA ASN C 609 -33.26 -7.91 50.02
C ASN C 609 -33.06 -8.34 48.56
N GLY C 610 -31.84 -8.80 48.24
CA GLY C 610 -31.64 -9.51 46.99
C GLY C 610 -31.25 -8.67 45.80
N GLY C 611 -30.90 -7.39 46.02
CA GLY C 611 -30.48 -6.51 44.99
C GLY C 611 -28.96 -6.55 44.83
N SER C 612 -28.47 -6.08 43.68
CA SER C 612 -27.07 -6.10 43.40
C SER C 612 -26.29 -4.89 44.02
N LEU C 613 -24.97 -4.90 43.90
CA LEU C 613 -24.12 -3.81 44.37
C LEU C 613 -24.40 -2.49 43.60
N SER C 614 -24.66 -2.61 42.29
CA SER C 614 -25.05 -1.52 41.42
C SER C 614 -25.56 -2.10 40.05
N HIS C 615 -26.47 -1.38 39.39
CA HIS C 615 -26.98 -1.71 38.05
C HIS C 615 -26.18 -0.99 36.97
N HIS C 616 -25.92 0.28 37.18
CA HIS C 616 -25.19 1.01 36.17
C HIS C 616 -24.20 2.01 36.68
N HIS C 617 -24.36 2.58 37.87
CA HIS C 617 -23.39 3.56 38.36
C HIS C 617 -21.96 3.01 38.50
N GLY C 618 -21.80 1.77 38.89
CA GLY C 618 -20.47 1.21 39.00
C GLY C 618 -19.95 1.21 40.42
N VAL C 619 -18.66 0.93 40.60
CA VAL C 619 -18.12 0.64 41.90
C VAL C 619 -17.22 1.73 42.40
N GLY C 620 -16.30 2.18 41.56
CA GLY C 620 -15.44 3.32 41.85
C GLY C 620 -14.67 3.00 43.08
N LYS C 621 -14.68 3.92 44.04
CA LYS C 621 -14.09 3.67 45.34
C LYS C 621 -15.20 3.76 46.39
N LEU C 622 -16.44 3.99 45.94
CA LEU C 622 -17.49 4.24 46.85
C LEU C 622 -18.07 2.90 47.35
N ARG C 623 -18.05 1.87 46.49
CA ARG C 623 -18.57 0.54 46.86
C ARG C 623 -17.51 -0.55 46.90
N LYS C 624 -16.24 -0.20 46.89
CA LYS C 624 -15.19 -1.22 46.97
C LYS C 624 -15.37 -2.25 48.12
N GLN C 625 -15.92 -1.86 49.28
CA GLN C 625 -15.94 -2.80 50.39
C GLN C 625 -16.86 -4.00 50.20
N TRP C 626 -17.74 -3.97 49.19
CA TRP C 626 -18.68 -5.05 49.01
C TRP C 626 -18.29 -5.88 47.83
N LEU C 627 -17.25 -5.47 47.09
CA LEU C 627 -16.97 -6.09 45.80
C LEU C 627 -16.67 -7.60 45.84
N LYS C 628 -15.86 -8.01 46.82
CA LYS C 628 -15.36 -9.37 47.00
C LYS C 628 -16.48 -10.35 47.24
N GLU C 629 -17.48 -9.92 47.99
CA GLU C 629 -18.62 -10.76 48.29
C GLU C 629 -19.60 -10.76 47.10
N SER C 630 -19.68 -9.65 46.36
CA SER C 630 -20.59 -9.63 45.19
C SER C 630 -20.13 -10.52 44.05
N ILE C 631 -18.81 -10.58 43.84
CA ILE C 631 -18.28 -11.39 42.73
C ILE C 631 -17.51 -12.67 43.11
N SER C 632 -17.44 -12.94 44.42
CA SER C 632 -16.59 -13.98 45.05
C SER C 632 -15.09 -13.65 45.10
N ASP C 633 -14.37 -14.32 46.02
CA ASP C 633 -12.96 -14.13 46.18
C ASP C 633 -12.17 -14.49 44.94
N VAL C 634 -12.50 -15.64 44.32
CA VAL C 634 -11.78 -16.02 43.13
C VAL C 634 -12.01 -15.01 42.00
N GLY C 635 -13.27 -14.57 41.80
CA GLY C 635 -13.66 -13.58 40.79
C GLY C 635 -12.89 -12.32 41.05
N PHE C 636 -12.86 -11.89 42.30
CA PHE C 636 -11.94 -10.78 42.68
C PHE C 636 -10.48 -11.00 42.31
N GLY C 637 -9.95 -12.20 42.55
CA GLY C 637 -8.61 -12.58 42.09
C GLY C 637 -8.40 -12.56 40.57
N MET C 638 -9.45 -12.94 39.79
CA MET C 638 -9.34 -12.85 38.35
C MET C 638 -9.11 -11.41 37.85
N LEU C 639 -9.89 -10.49 38.39
CA LEU C 639 -9.71 -9.07 38.05
C LEU C 639 -8.38 -8.55 38.54
N LYS C 640 -7.93 -9.01 39.72
CA LYS C 640 -6.59 -8.62 40.17
C LYS C 640 -5.48 -9.15 39.23
N SER C 641 -5.63 -10.37 38.68
CA SER C 641 -4.59 -10.89 37.79
CA SER C 641 -4.62 -10.91 37.78
C SER C 641 -4.54 -10.19 36.42
N VAL C 642 -5.65 -9.63 35.96
CA VAL C 642 -5.65 -9.02 34.65
C VAL C 642 -4.88 -7.71 34.74
N LYS C 643 -5.23 -6.94 35.77
CA LYS C 643 -4.56 -5.75 36.18
C LYS C 643 -3.07 -5.88 36.46
N ASP C 644 -2.64 -6.90 37.21
CA ASP C 644 -1.18 -7.02 37.40
C ASP C 644 -0.44 -7.39 36.13
N TYR C 645 -1.17 -8.00 35.17
CA TYR C 645 -0.59 -8.35 33.89
C TYR C 645 -0.44 -7.07 33.08
N VAL C 646 -1.55 -6.38 32.84
CA VAL C 646 -1.61 -5.30 31.87
C VAL C 646 -0.92 -4.06 32.41
N ASP C 647 -0.89 -3.90 33.72
CA ASP C 647 -0.41 -2.64 34.34
C ASP C 647 0.45 -3.01 35.54
N PRO C 648 1.55 -3.78 35.30
CA PRO C 648 2.32 -4.21 36.46
C PRO C 648 2.78 -3.07 37.37
N THR C 649 3.15 -1.90 36.82
CA THR C 649 3.58 -0.78 37.67
C THR C 649 2.46 0.17 38.10
N ASN C 650 1.21 -0.13 37.73
CA ASN C 650 0.05 0.59 38.28
C ASN C 650 0.05 2.07 37.94
N ILE C 651 0.34 2.35 36.66
CA ILE C 651 0.25 3.66 36.09
C ILE C 651 -1.19 4.16 36.05
N PHE C 652 -2.12 3.23 35.88
CA PHE C 652 -3.53 3.51 36.00
C PHE C 652 -4.00 3.39 37.40
N GLY C 653 -3.64 4.45 38.16
CA GLY C 653 -3.60 4.40 39.60
C GLY C 653 -4.78 4.94 40.38
N ASN C 654 -5.95 5.13 39.74
CA ASN C 654 -7.15 5.62 40.45
C ASN C 654 -7.68 4.70 41.60
N ARG C 655 -7.26 3.41 41.58
CA ARG C 655 -7.53 2.46 42.66
C ARG C 655 -9.04 2.17 42.76
N ASN C 656 -9.77 2.37 41.67
CA ASN C 656 -11.15 1.92 41.64
C ASN C 656 -11.22 0.41 41.69
N LEU C 657 -12.33 -0.11 42.24
CA LEU C 657 -12.65 -1.54 42.23
C LEU C 657 -11.90 -2.37 43.25
N LEU C 658 -10.59 -2.51 43.04
CA LEU C 658 -9.77 -3.45 43.84
C LEU C 658 -9.04 -2.70 44.97
N GLY D 81 -32.83 -38.94 26.50
CA GLY D 81 -32.63 -37.58 27.14
C GLY D 81 -31.39 -37.46 28.04
N ILE D 82 -31.34 -38.32 29.08
CA ILE D 82 -30.13 -38.50 29.91
C ILE D 82 -29.13 -39.41 29.16
N ILE D 83 -27.90 -38.91 29.01
CA ILE D 83 -26.75 -39.71 28.53
C ILE D 83 -26.41 -40.68 29.66
N PRO D 84 -26.52 -42.04 29.42
CA PRO D 84 -26.33 -42.93 30.59
C PRO D 84 -24.82 -43.18 30.63
N LYS D 85 -24.33 -44.03 31.51
CA LYS D 85 -22.89 -44.12 31.71
C LYS D 85 -22.15 -44.74 30.53
N LYS D 86 -22.62 -45.88 30.06
CA LYS D 86 -21.94 -46.56 28.97
C LYS D 86 -22.59 -46.10 27.69
N ARG D 87 -21.93 -45.13 27.05
CA ARG D 87 -22.55 -44.39 25.97
C ARG D 87 -22.67 -45.23 24.70
N GLN D 88 -21.62 -46.00 24.41
CA GLN D 88 -21.59 -46.86 23.22
C GLN D 88 -22.74 -47.84 23.14
N GLU D 89 -23.45 -48.10 24.24
CA GLU D 89 -24.65 -48.96 24.14
C GLU D 89 -25.84 -48.31 23.37
N LEU D 90 -25.97 -46.99 23.41
CA LEU D 90 -27.00 -46.26 22.63
C LEU D 90 -26.39 -45.45 21.49
N MET D 91 -25.25 -44.83 21.74
CA MET D 91 -24.65 -43.93 20.78
C MET D 91 -23.47 -44.57 20.11
N LYS D 92 -23.20 -44.16 18.87
CA LYS D 92 -22.14 -44.72 18.03
C LYS D 92 -20.75 -44.39 18.58
N TRP D 93 -19.87 -45.39 18.66
CA TRP D 93 -18.52 -45.13 19.20
C TRP D 93 -17.69 -44.53 18.06
N ASN D 94 -18.17 -44.61 16.82
CA ASN D 94 -17.30 -44.23 15.71
C ASN D 94 -17.95 -43.28 14.72
N GLY D 95 -18.95 -42.54 15.19
CA GLY D 95 -19.76 -41.70 14.28
C GLY D 95 -20.72 -40.86 15.10
N TRP D 96 -21.64 -40.18 14.43
CA TRP D 96 -22.54 -39.25 15.08
C TRP D 96 -23.74 -39.98 15.57
N GLY D 97 -24.32 -39.57 16.72
CA GLY D 97 -25.65 -39.98 17.15
C GLY D 97 -25.96 -41.39 17.63
N TYR D 98 -27.17 -41.86 17.36
CA TYR D 98 -27.66 -43.10 17.94
C TYR D 98 -27.38 -44.28 17.06
N ASN D 99 -27.26 -45.45 17.69
CA ASN D 99 -26.93 -46.72 17.02
C ASN D 99 -27.99 -47.14 16.02
N ASP D 100 -29.24 -46.83 16.36
CA ASP D 100 -30.42 -47.25 15.61
C ASP D 100 -30.70 -46.32 14.43
N SER D 101 -29.90 -45.27 14.28
CA SER D 101 -30.10 -44.34 13.20
C SER D 101 -28.89 -44.26 12.26
N LYS D 102 -28.97 -44.92 11.11
CA LYS D 102 -27.95 -44.77 10.09
C LYS D 102 -28.52 -44.95 8.68
N PHE D 103 -27.87 -44.26 7.75
CA PHE D 103 -28.22 -44.34 6.34
C PHE D 103 -27.71 -45.61 5.65
N PHE D 104 -28.62 -46.30 4.98
CA PHE D 104 -28.28 -47.52 4.27
C PHE D 104 -28.96 -47.52 2.93
N LEU D 105 -28.75 -48.58 2.17
CA LEU D 105 -29.30 -48.73 0.83
C LEU D 105 -30.41 -49.74 0.87
N ASN D 106 -31.64 -49.34 0.66
CA ASN D 106 -32.73 -50.33 0.78
C ASN D 106 -32.81 -51.40 -0.38
N LYS D 107 -33.94 -52.13 -0.45
CA LYS D 107 -34.14 -53.23 -1.42
C LYS D 107 -34.25 -52.69 -2.85
N LYS D 108 -34.79 -51.48 -2.98
CA LYS D 108 -35.04 -50.82 -4.26
C LYS D 108 -33.83 -50.05 -4.81
N GLY D 109 -32.74 -50.00 -4.05
CA GLY D 109 -31.57 -49.19 -4.43
C GLY D 109 -31.67 -47.72 -4.04
N GLN D 110 -32.67 -47.37 -3.22
CA GLN D 110 -32.89 -46.03 -2.72
C GLN D 110 -32.25 -45.91 -1.33
N LEU D 111 -31.72 -44.73 -1.00
CA LEU D 111 -31.16 -44.46 0.34
C LEU D 111 -32.24 -44.27 1.38
N GLU D 112 -31.90 -44.63 2.62
CA GLU D 112 -32.89 -44.67 3.68
C GLU D 112 -32.20 -44.71 5.06
N LEU D 113 -32.76 -43.98 6.02
CA LEU D 113 -32.28 -43.97 7.39
C LEU D 113 -32.98 -45.07 8.15
N THR D 114 -32.23 -45.98 8.79
CA THR D 114 -32.82 -47.09 9.56
C THR D 114 -33.58 -46.47 10.71
N GLY D 115 -34.44 -47.27 11.33
CA GLY D 115 -35.04 -46.91 12.62
C GLY D 115 -36.28 -46.01 12.61
N LYS D 116 -36.51 -45.31 13.73
CA LYS D 116 -37.78 -44.61 14.03
C LYS D 116 -37.65 -43.22 14.70
N ARG D 117 -36.45 -42.81 15.09
CA ARG D 117 -36.26 -41.55 15.80
C ARG D 117 -36.73 -40.28 15.07
N TYR D 118 -36.46 -40.18 13.76
CA TYR D 118 -36.60 -38.89 13.06
C TYR D 118 -37.76 -38.87 12.05
N PRO D 119 -38.17 -37.66 11.57
CA PRO D 119 -39.33 -37.72 10.66
C PRO D 119 -38.98 -38.41 9.34
N LEU D 120 -37.68 -38.43 8.97
CA LEU D 120 -37.22 -39.15 7.76
C LEU D 120 -36.75 -40.59 8.02
N SER D 121 -36.95 -41.06 9.26
CA SER D 121 -36.61 -42.41 9.62
C SER D 121 -37.55 -43.32 8.93
N GLY D 122 -36.95 -44.27 8.21
CA GLY D 122 -37.71 -45.30 7.48
C GLY D 122 -38.44 -44.74 6.26
N VAL D 123 -38.14 -43.49 5.88
CA VAL D 123 -38.65 -42.94 4.61
C VAL D 123 -37.64 -43.12 3.45
N ALA D 124 -38.07 -43.64 2.31
CA ALA D 124 -37.15 -43.85 1.18
C ALA D 124 -36.84 -42.56 0.41
N LEU D 125 -35.55 -42.32 0.10
CA LEU D 125 -35.15 -41.07 -0.57
C LEU D 125 -34.60 -41.31 -1.98
N PRO D 126 -35.50 -41.26 -2.99
CA PRO D 126 -35.28 -41.77 -4.36
C PRO D 126 -34.24 -41.00 -5.18
N THR D 127 -34.16 -39.70 -4.93
CA THR D 127 -33.27 -38.85 -5.69
C THR D 127 -31.92 -38.74 -4.98
N PHE D 128 -31.84 -39.20 -3.73
CA PHE D 128 -30.71 -38.88 -2.91
C PHE D 128 -29.45 -39.41 -3.57
N LYS D 129 -29.57 -40.60 -4.16
CA LYS D 129 -28.41 -41.29 -4.76
C LYS D 129 -27.90 -40.58 -5.99
N ASP D 130 -28.82 -40.25 -6.91
CA ASP D 130 -28.50 -39.49 -8.11
C ASP D 130 -27.76 -38.21 -7.76
N TRP D 131 -28.22 -37.55 -6.69
CA TRP D 131 -27.53 -36.40 -6.21
C TRP D 131 -26.10 -36.72 -5.81
N ILE D 132 -25.92 -37.76 -5.01
CA ILE D 132 -24.57 -38.12 -4.57
C ILE D 132 -23.65 -38.29 -5.80
N GLN D 133 -24.24 -38.79 -6.90
CA GLN D 133 -23.49 -39.15 -8.08
C GLN D 133 -23.14 -37.98 -8.96
N ASN D 134 -24.00 -36.98 -9.05
CA ASN D 134 -23.68 -35.76 -9.79
C ASN D 134 -22.84 -34.82 -8.96
N THR D 135 -22.94 -34.93 -7.64
CA THR D 135 -22.14 -34.05 -6.80
C THR D 135 -20.73 -34.57 -6.60
N PHE D 136 -20.57 -35.89 -6.56
CA PHE D 136 -19.28 -36.44 -6.22
C PHE D 136 -18.62 -37.26 -7.30
N GLY D 137 -19.33 -37.57 -8.40
CA GLY D 137 -18.78 -38.39 -9.48
C GLY D 137 -18.55 -39.87 -9.10
N ILE D 138 -19.39 -40.42 -8.23
CA ILE D 138 -19.24 -41.80 -7.83
C ILE D 138 -20.52 -42.60 -8.17
N ASN D 139 -20.37 -43.89 -8.50
CA ASN D 139 -21.52 -44.78 -8.63
C ASN D 139 -22.17 -45.29 -7.31
N LEU D 140 -21.43 -45.28 -6.19
CA LEU D 140 -21.83 -45.96 -4.94
C LEU D 140 -21.68 -47.46 -5.10
N ASP D 141 -20.73 -47.86 -5.95
CA ASP D 141 -20.29 -49.24 -5.98
C ASP D 141 -18.87 -49.36 -5.42
N HIS D 142 -18.42 -48.36 -4.68
CA HIS D 142 -17.16 -48.45 -3.96
C HIS D 142 -17.33 -48.13 -2.49
N LYS D 143 -17.57 -49.18 -1.71
CA LYS D 143 -17.72 -49.15 -0.25
C LYS D 143 -16.37 -49.28 0.39
N THR D 144 -16.20 -48.56 1.48
CA THR D 144 -15.06 -48.75 2.32
C THR D 144 -15.39 -49.75 3.45
N THR D 145 -14.36 -50.37 4.02
CA THR D 145 -14.48 -51.16 5.23
C THR D 145 -13.69 -50.47 6.34
N SER D 146 -14.41 -50.14 7.42
CA SER D 146 -13.82 -49.59 8.64
C SER D 146 -14.16 -50.42 9.92
N LYS D 147 -13.66 -49.92 11.06
CA LYS D 147 -13.84 -50.63 12.31
C LYS D 147 -15.29 -50.60 12.76
N ALA D 148 -15.85 -51.80 12.98
CA ALA D 148 -17.19 -51.94 13.51
C ALA D 148 -17.20 -51.72 15.03
N SER D 149 -16.18 -52.21 15.72
CA SER D 149 -16.15 -51.92 17.13
C SER D 149 -14.76 -51.69 17.70
N LEU D 150 -14.71 -51.04 18.85
CA LEU D 150 -13.43 -50.75 19.45
C LEU D 150 -12.69 -52.05 19.74
N ASN D 151 -11.46 -52.15 19.24
CA ASN D 151 -10.50 -53.15 19.64
C ASN D 151 -9.61 -52.73 20.81
N PRO D 152 -9.80 -53.36 21.98
CA PRO D 152 -9.09 -52.84 23.17
C PRO D 152 -7.57 -52.98 23.11
N SER D 153 -7.09 -53.92 22.29
CA SER D 153 -5.67 -54.09 21.94
C SER D 153 -4.99 -52.79 21.51
N ASP D 154 -5.75 -51.85 20.97
CA ASP D 154 -5.18 -50.63 20.40
C ASP D 154 -5.13 -49.50 21.39
N THR D 155 -5.61 -49.73 22.60
CA THR D 155 -5.75 -48.64 23.52
C THR D 155 -4.62 -48.70 24.50
N PRO D 156 -4.12 -47.51 24.90
CA PRO D 156 -3.02 -47.40 25.82
C PRO D 156 -3.51 -47.87 27.18
N PRO D 157 -2.58 -48.28 28.08
CA PRO D 157 -3.09 -48.73 29.39
C PRO D 157 -3.48 -47.57 30.34
N SER D 158 -4.38 -47.86 31.27
CA SER D 158 -4.74 -46.93 32.33
C SER D 158 -3.68 -46.77 33.43
N ILE D 159 -3.01 -45.59 33.48
CA ILE D 159 -2.09 -45.22 34.57
C ILE D 159 -2.71 -44.26 35.62
N VAL D 160 -3.09 -44.82 36.76
CA VAL D 160 -3.73 -44.08 37.86
C VAL D 160 -3.08 -44.55 39.18
N ASN D 161 -2.62 -43.61 40.00
CA ASN D 161 -1.98 -43.85 41.32
C ASN D 161 -2.98 -44.48 42.24
N GLU D 162 -2.50 -45.49 42.96
CA GLU D 162 -3.37 -46.30 43.83
C GLU D 162 -3.97 -45.54 45.02
N ASP D 163 -3.17 -44.64 45.62
CA ASP D 163 -3.60 -43.81 46.74
C ASP D 163 -4.75 -42.87 46.35
N PHE D 164 -4.62 -42.19 45.21
CA PHE D 164 -5.75 -41.44 44.64
C PHE D 164 -6.98 -42.36 44.45
N LEU D 165 -6.75 -43.54 43.89
CA LEU D 165 -7.80 -44.51 43.64
C LEU D 165 -8.49 -44.97 44.94
N HIS D 166 -7.68 -45.22 45.97
CA HIS D 166 -8.14 -45.51 47.32
C HIS D 166 -9.08 -44.42 47.89
N GLU D 167 -8.67 -43.17 47.78
CA GLU D 167 -9.49 -42.03 48.18
C GLU D 167 -10.76 -41.87 47.36
N LEU D 168 -10.66 -42.09 46.06
CA LEU D 168 -11.82 -41.98 45.17
C LEU D 168 -12.88 -42.99 45.59
N LYS D 169 -12.45 -44.22 45.78
CA LYS D 169 -13.27 -45.27 46.33
C LYS D 169 -14.03 -44.82 47.57
N LYS D 170 -13.39 -44.09 48.48
CA LYS D 170 -14.08 -43.68 49.72
C LYS D 170 -15.27 -42.75 49.48
N THR D 171 -15.24 -41.99 48.38
CA THR D 171 -16.29 -41.03 48.07
C THR D 171 -17.52 -41.67 47.40
N ASN D 172 -17.41 -42.90 46.93
CA ASN D 172 -18.53 -43.49 46.23
C ASN D 172 -18.99 -42.78 44.92
N ILE D 173 -18.12 -41.93 44.37
CA ILE D 173 -18.29 -41.37 43.00
C ILE D 173 -17.97 -42.44 41.93
N SER D 174 -18.94 -42.72 41.07
CA SER D 174 -18.75 -43.67 40.03
C SER D 174 -17.50 -43.37 39.19
N TYR D 175 -16.66 -44.38 38.90
CA TYR D 175 -15.56 -44.22 37.95
C TYR D 175 -15.39 -45.42 37.03
N SER D 176 -14.56 -45.26 35.99
CA SER D 176 -14.24 -46.36 35.10
C SER D 176 -12.83 -46.27 34.49
N GLN D 177 -12.15 -47.41 34.33
CA GLN D 177 -10.91 -47.43 33.55
C GLN D 177 -11.04 -48.24 32.28
N GLU D 178 -12.27 -48.61 31.93
CA GLU D 178 -12.50 -49.46 30.75
C GLU D 178 -12.14 -48.67 29.52
N ALA D 179 -11.53 -49.38 28.57
CA ALA D 179 -11.15 -48.81 27.29
C ALA D 179 -12.34 -48.15 26.59
N ASP D 180 -13.51 -48.81 26.56
CA ASP D 180 -14.65 -48.20 25.86
C ASP D 180 -15.06 -46.82 26.34
N ASP D 181 -15.23 -46.68 27.65
CA ASP D 181 -15.59 -45.45 28.29
C ASP D 181 -14.52 -44.35 28.10
N ARG D 182 -13.25 -44.71 28.04
CA ARG D 182 -12.20 -43.71 27.98
C ARG D 182 -12.06 -43.25 26.54
N VAL D 183 -12.07 -44.20 25.61
CA VAL D 183 -12.01 -43.90 24.20
C VAL D 183 -13.24 -43.03 23.78
N PHE D 184 -14.44 -43.36 24.31
CA PHE D 184 -15.62 -42.60 23.95
C PHE D 184 -15.41 -41.09 24.24
N ARG D 185 -14.55 -40.80 25.22
CA ARG D 185 -14.43 -39.47 25.78
C ARG D 185 -13.08 -38.82 25.47
N ALA D 186 -12.30 -39.37 24.55
CA ALA D 186 -11.06 -38.75 24.10
C ALA D 186 -11.29 -37.95 22.83
N HIS D 187 -12.56 -37.67 22.47
CA HIS D 187 -12.75 -37.01 21.18
C HIS D 187 -14.09 -36.31 21.17
N GLY D 188 -14.24 -35.32 20.29
CA GLY D 188 -15.56 -34.91 19.81
C GLY D 188 -15.83 -35.37 18.37
N HIS D 189 -16.31 -34.47 17.51
CA HIS D 189 -16.80 -34.87 16.18
C HIS D 189 -16.19 -34.10 15.01
N CYS D 190 -14.89 -33.84 15.07
CA CYS D 190 -14.18 -33.37 13.92
C CYS D 190 -13.94 -34.58 12.99
N LEU D 191 -13.79 -34.32 11.69
CA LEU D 191 -13.57 -35.34 10.72
C LEU D 191 -12.34 -36.17 11.09
N HIS D 192 -11.26 -35.50 11.42
CA HIS D 192 -10.02 -36.21 11.76
C HIS D 192 -10.23 -37.27 12.90
N GLU D 193 -10.96 -36.88 13.93
CA GLU D 193 -11.22 -37.72 15.06
C GLU D 193 -12.07 -38.88 14.61
N ILE D 194 -13.14 -38.61 13.88
CA ILE D 194 -13.94 -39.71 13.35
C ILE D 194 -13.16 -40.66 12.42
N PHE D 195 -12.35 -40.12 11.52
CA PHE D 195 -11.44 -40.95 10.78
C PHE D 195 -10.54 -41.82 11.66
N LEU D 196 -9.87 -41.25 12.66
CA LEU D 196 -9.05 -42.11 13.49
C LEU D 196 -9.85 -43.22 14.16
N LEU D 197 -11.07 -42.96 14.59
CA LEU D 197 -11.87 -43.97 15.24
C LEU D 197 -12.13 -45.16 14.32
N ARG D 198 -12.36 -44.84 13.04
CA ARG D 198 -12.70 -45.82 12.04
C ARG D 198 -11.47 -46.55 11.53
N GLU D 199 -10.29 -45.96 11.69
CA GLU D 199 -9.12 -46.35 10.91
C GLU D 199 -7.87 -46.66 11.74
N GLY D 200 -7.72 -46.01 12.87
CA GLY D 200 -6.54 -46.17 13.71
C GLY D 200 -6.91 -46.04 15.18
N MET D 201 -6.12 -45.23 15.89
CA MET D 201 -6.30 -45.00 17.32
C MET D 201 -5.67 -43.71 17.77
N PHE D 202 -6.19 -43.16 18.85
CA PHE D 202 -5.64 -41.91 19.43
C PHE D 202 -4.31 -42.17 20.14
N GLU D 203 -3.46 -41.15 20.19
CA GLU D 203 -2.21 -41.23 20.96
C GLU D 203 -2.44 -41.23 22.46
N ARG D 204 -3.47 -40.53 22.94
CA ARG D 204 -3.67 -40.30 24.37
C ARG D 204 -5.14 -40.23 24.62
N ILE D 205 -5.59 -40.96 25.63
CA ILE D 205 -6.99 -40.98 25.97
C ILE D 205 -7.01 -40.80 27.49
N PRO D 206 -8.16 -40.40 28.04
CA PRO D 206 -8.22 -40.30 29.49
C PRO D 206 -7.81 -41.60 30.17
N ASP D 207 -7.17 -41.45 31.31
CA ASP D 207 -6.86 -42.63 32.08
C ASP D 207 -8.00 -43.13 32.92
N ILE D 208 -8.95 -42.29 33.26
CA ILE D 208 -10.02 -42.72 34.14
C ILE D 208 -11.24 -41.84 33.90
N VAL D 209 -12.44 -42.42 33.88
CA VAL D 209 -13.63 -41.59 33.75
C VAL D 209 -14.29 -41.46 35.14
N LEU D 210 -14.71 -40.25 35.54
CA LEU D 210 -15.51 -40.00 36.71
C LEU D 210 -16.92 -39.43 36.39
N TRP D 211 -17.94 -39.86 37.11
CA TRP D 211 -19.29 -39.37 36.92
C TRP D 211 -19.87 -38.71 38.20
N PRO D 212 -19.48 -37.47 38.51
CA PRO D 212 -20.07 -36.76 39.61
C PRO D 212 -21.58 -36.55 39.37
N THR D 213 -22.34 -36.60 40.45
CA THR D 213 -23.78 -36.36 40.36
C THR D 213 -24.20 -34.96 40.90
N CYS D 214 -23.26 -34.13 41.39
CA CYS D 214 -23.60 -32.83 41.99
C CYS D 214 -22.35 -32.00 42.21
N HIS D 215 -22.56 -30.72 42.48
CA HIS D 215 -21.52 -29.76 42.73
C HIS D 215 -20.49 -30.24 43.80
N ASP D 216 -20.99 -30.70 44.96
CA ASP D 216 -20.08 -31.10 46.03
C ASP D 216 -19.12 -32.25 45.55
N ASP D 217 -19.61 -33.15 44.67
CA ASP D 217 -18.80 -34.18 44.06
C ASP D 217 -17.69 -33.58 43.19
N VAL D 218 -17.99 -32.51 42.47
CA VAL D 218 -16.98 -31.85 41.64
C VAL D 218 -15.95 -31.15 42.51
N VAL D 219 -16.40 -30.51 43.60
CA VAL D 219 -15.47 -29.94 44.55
C VAL D 219 -14.55 -31.05 45.04
N LYS D 220 -15.10 -32.18 45.44
CA LYS D 220 -14.31 -33.34 45.87
C LYS D 220 -13.26 -33.82 44.84
N ILE D 221 -13.67 -33.92 43.58
CA ILE D 221 -12.73 -34.27 42.53
C ILE D 221 -11.62 -33.27 42.27
N VAL D 222 -11.94 -32.00 42.07
CA VAL D 222 -10.92 -30.93 41.91
C VAL D 222 -9.90 -30.85 43.07
N ASN D 223 -10.36 -31.02 44.32
CA ASN D 223 -9.41 -31.21 45.44
C ASN D 223 -8.55 -32.49 45.36
N LEU D 224 -9.13 -33.66 45.07
CA LEU D 224 -8.29 -34.84 44.80
C LEU D 224 -7.20 -34.54 43.76
N ALA D 225 -7.55 -33.95 42.64
CA ALA D 225 -6.59 -33.59 41.60
C ALA D 225 -5.53 -32.59 42.09
N CYS D 226 -5.86 -31.72 43.03
CA CYS D 226 -4.85 -30.85 43.60
C CYS D 226 -3.87 -31.67 44.43
N LYS D 227 -4.43 -32.53 45.28
CA LYS D 227 -3.66 -33.36 46.17
C LYS D 227 -2.74 -34.37 45.42
N TYR D 228 -3.25 -35.05 44.38
CA TYR D 228 -2.46 -36.05 43.61
C TYR D 228 -1.89 -35.61 42.24
N ASN D 229 -1.79 -34.31 42.02
CA ASN D 229 -1.26 -33.76 40.76
C ASN D 229 -1.86 -34.34 39.42
N LEU D 230 -3.19 -34.35 39.33
CA LEU D 230 -3.90 -35.01 38.23
C LEU D 230 -4.39 -33.92 37.26
N CYS D 231 -4.76 -34.34 36.06
CA CYS D 231 -5.18 -33.35 35.11
C CYS D 231 -6.60 -33.68 34.69
N ILE D 232 -7.44 -32.66 34.61
CA ILE D 232 -8.85 -32.85 34.37
C ILE D 232 -9.33 -32.23 33.07
N ILE D 233 -10.06 -33.03 32.31
CA ILE D 233 -10.69 -32.58 31.10
C ILE D 233 -12.19 -32.84 31.22
N PRO D 234 -12.98 -31.79 31.42
CA PRO D 234 -14.42 -31.99 31.53
C PRO D 234 -15.04 -32.38 30.20
N ILE D 235 -16.11 -33.18 30.22
CA ILE D 235 -16.84 -33.47 29.00
C ILE D 235 -18.33 -33.46 29.31
N GLY D 236 -19.15 -32.83 28.46
CA GLY D 236 -20.61 -33.08 28.45
C GLY D 236 -21.10 -34.04 27.34
N GLY D 237 -21.66 -33.44 26.28
CA GLY D 237 -22.19 -34.24 25.19
C GLY D 237 -21.13 -34.84 24.30
N GLY D 238 -19.88 -34.36 24.43
CA GLY D 238 -18.79 -34.81 23.57
C GLY D 238 -18.96 -34.39 22.11
N THR D 239 -19.74 -33.34 21.84
CA THR D 239 -19.97 -32.81 20.49
C THR D 239 -19.02 -31.72 19.97
N SER D 240 -18.00 -31.35 20.76
CA SER D 240 -16.93 -30.42 20.29
C SER D 240 -16.55 -30.69 18.89
N VAL D 241 -16.48 -29.60 18.10
CA VAL D 241 -15.91 -29.65 16.76
C VAL D 241 -14.63 -28.81 16.67
N SER D 242 -13.80 -28.83 17.69
CA SER D 242 -12.64 -27.98 17.66
C SER D 242 -11.46 -28.62 18.34
N TYR D 243 -11.47 -29.94 18.46
CA TYR D 243 -10.46 -30.65 19.23
C TYR D 243 -10.43 -30.24 20.71
N GLY D 244 -11.56 -29.77 21.19
CA GLY D 244 -11.67 -29.28 22.53
C GLY D 244 -11.48 -30.34 23.59
N LEU D 245 -11.61 -31.62 23.19
CA LEU D 245 -11.57 -32.72 24.12
C LEU D 245 -10.32 -33.60 23.99
N MET D 246 -9.53 -33.39 22.93
CA MET D 246 -8.37 -34.18 22.63
C MET D 246 -7.35 -34.01 23.78
N CYS D 247 -6.87 -35.14 24.31
CA CYS D 247 -5.83 -35.17 25.31
C CYS D 247 -4.47 -34.86 24.70
N PRO D 248 -3.82 -33.77 25.16
CA PRO D 248 -2.43 -33.47 24.68
C PRO D 248 -1.56 -34.73 24.73
N ALA D 249 -0.84 -35.02 23.63
CA ALA D 249 -0.08 -36.30 23.56
C ALA D 249 1.03 -36.44 24.64
N ASP D 250 1.61 -35.33 25.03
CA ASP D 250 2.68 -35.38 26.02
C ASP D 250 2.19 -34.93 27.40
N GLU D 251 0.92 -35.19 27.73
CA GLU D 251 0.46 -35.00 29.08
C GLU D 251 0.78 -36.26 29.88
N THR D 252 1.82 -36.17 30.70
CA THR D 252 2.28 -37.35 31.48
C THR D 252 1.44 -37.62 32.76
N ARG D 253 0.65 -36.65 33.23
CA ARG D 253 -0.14 -36.88 34.42
C ARG D 253 -1.31 -37.75 34.09
N THR D 254 -1.85 -38.41 35.11
CA THR D 254 -3.12 -39.13 34.97
C THR D 254 -4.15 -38.09 34.58
N ILE D 255 -4.90 -38.40 33.52
CA ILE D 255 -5.97 -37.53 33.01
C ILE D 255 -7.31 -38.08 33.39
N ILE D 256 -8.09 -37.25 34.06
CA ILE D 256 -9.47 -37.56 34.40
C ILE D 256 -10.37 -36.99 33.32
N SER D 257 -11.29 -37.82 32.87
CA SER D 257 -12.42 -37.32 32.15
C SER D 257 -13.51 -37.11 33.17
N LEU D 258 -13.80 -35.86 33.48
CA LEU D 258 -14.83 -35.55 34.42
C LEU D 258 -16.15 -35.35 33.63
N ASP D 259 -16.93 -36.41 33.57
CA ASP D 259 -18.16 -36.49 32.73
C ASP D 259 -19.26 -35.90 33.57
N THR D 260 -19.96 -34.91 33.03
CA THR D 260 -21.04 -34.24 33.74
C THR D 260 -22.42 -34.84 33.48
N SER D 261 -22.51 -35.85 32.61
CA SER D 261 -23.84 -36.39 32.17
C SER D 261 -24.77 -36.83 33.31
N GLN D 262 -24.23 -37.23 34.45
CA GLN D 262 -25.09 -37.64 35.59
C GLN D 262 -25.40 -36.49 36.53
N MET D 263 -25.12 -35.26 36.13
CA MET D 263 -25.33 -34.09 36.98
C MET D 263 -26.26 -33.26 36.16
N ASN D 264 -27.53 -33.61 36.21
CA ASN D 264 -28.40 -33.28 35.08
C ASN D 264 -29.81 -32.85 35.46
N ARG D 265 -30.01 -32.55 36.74
CA ARG D 265 -31.28 -32.05 37.19
C ARG D 265 -31.60 -30.60 36.86
N ILE D 266 -32.89 -30.35 36.67
CA ILE D 266 -33.44 -29.05 36.88
C ILE D 266 -33.64 -28.96 38.42
N LEU D 267 -32.80 -28.20 39.11
CA LEU D 267 -32.95 -28.01 40.57
C LEU D 267 -34.27 -27.32 40.90
N TRP D 268 -34.62 -26.27 40.17
CA TRP D 268 -35.96 -25.65 40.32
C TRP D 268 -36.25 -24.65 39.23
N VAL D 269 -37.52 -24.55 38.90
CA VAL D 269 -38.01 -23.58 37.94
C VAL D 269 -38.57 -22.45 38.78
N ASP D 270 -38.12 -21.24 38.51
CA ASP D 270 -38.65 -19.99 39.12
C ASP D 270 -39.67 -19.25 38.21
N GLU D 271 -40.94 -19.51 38.41
CA GLU D 271 -41.95 -19.02 37.51
C GLU D 271 -42.13 -17.50 37.58
N ASN D 272 -41.93 -16.93 38.78
CA ASN D 272 -42.01 -15.50 39.01
C ASN D 272 -40.98 -14.70 38.24
N ASN D 273 -39.75 -15.22 38.16
CA ASN D 273 -38.64 -14.50 37.53
C ASN D 273 -38.37 -15.01 36.10
N LEU D 274 -39.12 -16.05 35.72
CA LEU D 274 -38.96 -16.79 34.44
C LEU D 274 -37.55 -17.24 34.27
N THR D 275 -37.05 -17.98 35.27
CA THR D 275 -35.72 -18.61 35.13
C THR D 275 -35.79 -20.03 35.61
N ALA D 276 -34.77 -20.80 35.25
CA ALA D 276 -34.60 -22.21 35.65
C ALA D 276 -33.19 -22.42 36.18
N HIS D 277 -33.10 -23.07 37.32
CA HIS D 277 -31.83 -23.43 37.92
C HIS D 277 -31.47 -24.88 37.54
N VAL D 278 -30.44 -25.05 36.76
CA VAL D 278 -30.19 -26.37 36.20
C VAL D 278 -28.74 -26.79 36.51
N GLU D 279 -28.46 -28.09 36.46
CA GLU D 279 -27.08 -28.57 36.59
C GLU D 279 -26.48 -28.65 35.21
N ALA D 280 -25.18 -28.51 35.14
CA ALA D 280 -24.62 -28.21 33.88
C ALA D 280 -24.61 -29.41 32.95
N GLY D 281 -24.92 -30.58 33.45
CA GLY D 281 -24.86 -31.75 32.58
C GLY D 281 -26.12 -32.07 31.80
N ILE D 282 -27.17 -31.31 32.00
CA ILE D 282 -28.43 -31.64 31.35
C ILE D 282 -28.32 -31.31 29.85
N THR D 283 -28.84 -32.18 29.01
CA THR D 283 -28.83 -31.90 27.57
C THR D 283 -29.92 -30.93 27.19
N GLY D 284 -29.77 -30.32 26.00
CA GLY D 284 -30.79 -29.52 25.38
C GLY D 284 -32.09 -30.29 25.30
N GLN D 285 -32.02 -31.51 24.82
CA GLN D 285 -33.25 -32.23 24.59
C GLN D 285 -34.07 -32.40 25.89
N GLU D 286 -33.36 -32.79 26.94
CA GLU D 286 -33.98 -33.17 28.19
C GLU D 286 -34.48 -31.92 28.91
N LEU D 287 -33.65 -30.88 28.92
CA LEU D 287 -34.07 -29.55 29.37
C LEU D 287 -35.39 -29.11 28.72
N GLU D 288 -35.49 -29.13 27.38
CA GLU D 288 -36.75 -28.71 26.74
C GLU D 288 -37.84 -29.64 27.12
N ARG D 289 -37.55 -30.94 27.20
CA ARG D 289 -38.64 -31.91 27.41
C ARG D 289 -39.32 -31.67 28.77
N GLN D 290 -38.50 -31.43 29.79
CA GLN D 290 -38.97 -31.25 31.14
C GLN D 290 -39.71 -29.92 31.33
N LEU D 291 -39.12 -28.84 30.81
CA LEU D 291 -39.70 -27.50 30.92
C LEU D 291 -41.02 -27.47 30.17
N LYS D 292 -41.09 -28.20 29.05
CA LYS D 292 -42.33 -28.27 28.33
C LYS D 292 -43.47 -28.82 29.22
N GLU D 293 -43.15 -29.72 30.16
CA GLU D 293 -44.22 -30.26 31.03
C GLU D 293 -44.80 -29.15 31.93
N SER D 294 -44.06 -28.10 32.23
CA SER D 294 -44.69 -27.00 32.92
C SER D 294 -45.25 -25.94 31.99
N GLY D 295 -45.05 -26.05 30.67
CA GLY D 295 -45.44 -24.99 29.74
C GLY D 295 -44.35 -23.94 29.42
N TYR D 296 -43.07 -24.31 29.62
CA TYR D 296 -41.92 -23.41 29.44
C TYR D 296 -40.94 -23.99 28.44
N CYS D 297 -40.02 -23.16 27.97
CA CYS D 297 -38.92 -23.60 27.08
C CYS D 297 -37.80 -22.57 27.25
N THR D 298 -36.56 -22.94 26.91
CA THR D 298 -35.49 -21.98 26.86
C THR D 298 -35.35 -21.43 25.44
N GLY D 299 -35.74 -22.23 24.43
CA GLY D 299 -35.64 -21.82 23.01
C GLY D 299 -34.21 -21.80 22.51
N HIS D 300 -33.32 -22.44 23.25
CA HIS D 300 -31.97 -22.59 22.80
C HIS D 300 -31.84 -23.93 22.04
N GLU D 301 -31.61 -23.84 20.75
CA GLU D 301 -31.67 -25.02 19.94
C GLU D 301 -30.48 -25.13 18.98
N PRO D 302 -29.28 -25.46 19.51
CA PRO D 302 -28.18 -25.81 18.65
C PRO D 302 -28.54 -27.11 17.94
N ASP D 303 -27.95 -27.36 16.75
CA ASP D 303 -28.24 -28.61 15.99
C ASP D 303 -27.78 -29.87 16.77
N SER D 304 -26.86 -29.68 17.72
CA SER D 304 -26.40 -30.78 18.55
C SER D 304 -27.18 -30.96 19.90
N LEU D 305 -28.39 -30.36 20.02
CA LEU D 305 -29.12 -30.37 21.29
C LEU D 305 -29.50 -31.77 21.83
N GLU D 306 -29.41 -32.81 21.02
CA GLU D 306 -29.71 -34.12 21.55
C GLU D 306 -28.68 -34.46 22.60
N PHE D 307 -27.46 -33.93 22.40
CA PHE D 307 -26.36 -34.30 23.29
C PHE D 307 -25.64 -33.13 23.95
N SER D 308 -25.65 -31.91 23.36
CA SER D 308 -24.85 -30.85 23.97
C SER D 308 -25.50 -30.45 25.28
N THR D 309 -24.71 -29.89 26.19
CA THR D 309 -25.17 -29.70 27.55
C THR D 309 -25.07 -28.22 27.88
N VAL D 310 -25.74 -27.78 28.95
CA VAL D 310 -25.67 -26.42 29.43
C VAL D 310 -24.22 -25.93 29.67
N GLY D 311 -23.47 -26.71 30.44
CA GLY D 311 -22.04 -26.45 30.64
C GLY D 311 -21.24 -26.35 29.34
N GLY D 312 -21.53 -27.22 28.37
CA GLY D 312 -20.84 -27.16 27.10
C GLY D 312 -21.16 -25.82 26.43
N TRP D 313 -22.45 -25.45 26.36
CA TRP D 313 -22.89 -24.23 25.68
C TRP D 313 -22.15 -23.02 26.22
N ILE D 314 -22.17 -22.87 27.55
CA ILE D 314 -21.47 -21.78 28.20
C ILE D 314 -19.97 -21.84 27.94
N SER D 315 -19.40 -23.04 27.84
CA SER D 315 -17.92 -23.20 27.65
C SER D 315 -17.39 -22.80 26.25
N THR D 316 -18.27 -22.95 25.26
CA THR D 316 -17.90 -22.75 23.86
C THR D 316 -18.64 -21.59 23.25
N ARG D 317 -19.35 -20.81 24.08
CA ARG D 317 -20.22 -19.72 23.55
C ARG D 317 -21.22 -20.24 22.44
N ALA D 318 -21.98 -21.27 22.74
CA ALA D 318 -22.93 -21.86 21.79
C ALA D 318 -23.96 -20.87 21.25
N SER D 319 -24.52 -21.19 20.10
CA SER D 319 -25.50 -20.37 19.46
C SER D 319 -26.59 -21.28 18.94
N GLY D 320 -27.82 -20.89 19.05
CA GLY D 320 -28.83 -21.78 18.57
C GLY D 320 -29.78 -21.13 17.57
N MET D 321 -30.55 -21.98 16.93
CA MET D 321 -31.19 -21.60 15.69
C MET D 321 -32.23 -20.52 15.92
N LYS D 322 -32.72 -20.33 17.14
CA LYS D 322 -33.68 -19.29 17.32
C LYS D 322 -33.21 -18.20 18.24
N LYS D 323 -31.95 -17.78 18.07
CA LYS D 323 -31.36 -16.74 18.90
C LYS D 323 -32.06 -15.43 18.67
N ASN D 324 -32.72 -15.27 17.52
CA ASN D 324 -33.42 -14.03 17.22
C ASN D 324 -34.44 -13.70 18.30
N ILE D 325 -35.00 -14.73 18.90
CA ILE D 325 -36.08 -14.54 19.88
C ILE D 325 -35.51 -14.77 21.27
N TYR D 326 -34.67 -15.78 21.43
CA TYR D 326 -34.36 -16.23 22.76
C TYR D 326 -32.99 -15.76 23.22
N GLY D 327 -32.18 -15.28 22.26
CA GLY D 327 -30.77 -14.93 22.52
C GLY D 327 -29.82 -16.14 22.44
N ASN D 328 -28.55 -15.83 22.39
CA ASN D 328 -27.47 -16.79 22.31
C ASN D 328 -27.12 -17.09 23.79
N ILE D 329 -26.19 -18.03 24.04
CA ILE D 329 -25.90 -18.40 25.42
C ILE D 329 -25.57 -17.20 26.32
N GLU D 330 -24.87 -16.19 25.77
CA GLU D 330 -24.48 -15.01 26.58
C GLU D 330 -25.68 -14.17 27.03
N ASP D 331 -26.80 -14.30 26.33
CA ASP D 331 -28.02 -13.58 26.60
C ASP D 331 -28.90 -14.40 27.56
N LEU D 332 -28.80 -15.74 27.48
CA LEU D 332 -29.67 -16.68 28.21
C LEU D 332 -29.27 -16.91 29.64
N VAL D 333 -27.98 -16.85 29.95
CA VAL D 333 -27.45 -17.20 31.29
C VAL D 333 -27.44 -15.98 32.17
N VAL D 334 -28.24 -16.03 33.23
CA VAL D 334 -28.37 -15.00 34.27
C VAL D 334 -27.32 -15.18 35.41
N HIS D 335 -26.82 -16.40 35.59
CA HIS D 335 -26.02 -16.77 36.78
C HIS D 335 -25.42 -18.16 36.56
N MET D 336 -24.30 -18.39 37.28
CA MET D 336 -23.55 -19.60 37.17
C MET D 336 -22.58 -19.81 38.38
N LYS D 337 -22.30 -21.09 38.64
CA LYS D 337 -21.41 -21.55 39.67
C LYS D 337 -20.30 -22.37 38.96
N VAL D 338 -19.04 -22.03 39.25
CA VAL D 338 -17.85 -22.66 38.67
C VAL D 338 -16.85 -23.14 39.76
N VAL D 339 -16.52 -24.42 39.77
CA VAL D 339 -15.48 -24.91 40.68
C VAL D 339 -14.11 -24.85 39.98
N THR D 340 -13.20 -24.11 40.60
CA THR D 340 -11.82 -24.03 40.11
C THR D 340 -10.88 -24.52 41.19
N PRO D 341 -9.60 -24.72 40.85
CA PRO D 341 -8.57 -25.13 41.83
C PRO D 341 -8.43 -24.13 42.97
N ARG D 342 -8.60 -22.87 42.63
CA ARG D 342 -8.50 -21.85 43.62
C ARG D 342 -9.70 -21.61 44.45
N GLY D 343 -10.85 -22.20 44.05
CA GLY D 343 -12.11 -22.10 44.79
C GLY D 343 -13.28 -21.94 43.83
N VAL D 344 -14.44 -21.54 44.38
CA VAL D 344 -15.69 -21.50 43.66
C VAL D 344 -16.05 -20.09 43.20
N ILE D 345 -16.36 -19.94 41.92
CA ILE D 345 -16.78 -18.64 41.37
C ILE D 345 -18.29 -18.55 41.26
N GLU D 346 -18.84 -17.46 41.81
CA GLU D 346 -20.27 -17.22 41.80
C GLU D 346 -20.60 -15.75 42.24
N LYS D 347 -21.45 -15.02 41.50
CA LYS D 347 -21.94 -13.71 41.99
C LYS D 347 -22.88 -13.92 43.17
N SER D 348 -23.01 -12.96 44.07
CA SER D 348 -23.92 -13.20 45.17
C SER D 348 -25.35 -13.00 44.80
N CYS D 349 -25.69 -12.28 43.75
CA CYS D 349 -27.10 -11.98 43.50
C CYS D 349 -27.54 -12.54 42.14
N GLN D 350 -28.83 -12.43 41.83
CA GLN D 350 -29.39 -13.07 40.64
C GLN D 350 -30.09 -12.00 39.83
N GLY D 351 -29.69 -10.78 40.10
CA GLY D 351 -30.17 -9.64 39.31
C GLY D 351 -29.94 -9.76 37.79
N PRO D 352 -30.80 -9.12 37.00
CA PRO D 352 -30.72 -9.17 35.55
C PRO D 352 -29.43 -8.52 34.92
N ARG D 353 -28.93 -7.43 35.48
CA ARG D 353 -27.83 -6.68 34.89
C ARG D 353 -27.14 -5.85 35.97
N MET D 354 -25.80 -5.87 35.97
CA MET D 354 -25.01 -5.17 36.98
CA MET D 354 -24.98 -5.21 36.99
C MET D 354 -23.89 -4.38 36.36
N SER D 355 -23.34 -3.47 37.16
CA SER D 355 -22.12 -2.69 36.87
C SER D 355 -21.20 -2.84 38.11
N THR D 356 -20.48 -3.95 38.22
CA THR D 356 -19.62 -4.16 39.37
C THR D 356 -18.30 -4.61 38.81
N GLY D 357 -17.73 -3.82 37.88
CA GLY D 357 -16.47 -4.13 37.22
C GLY D 357 -16.69 -5.03 36.01
N PRO D 358 -15.63 -5.46 35.33
CA PRO D 358 -15.71 -6.36 34.20
C PRO D 358 -16.55 -7.61 34.54
N ASP D 359 -17.45 -8.00 33.68
CA ASP D 359 -18.41 -9.04 33.98
C ASP D 359 -17.70 -10.40 34.00
N ILE D 360 -17.57 -11.02 35.18
CA ILE D 360 -16.82 -12.26 35.33
C ILE D 360 -17.49 -13.45 34.67
N HIS D 361 -18.76 -13.31 34.29
CA HIS D 361 -19.41 -14.38 33.57
C HIS D 361 -18.73 -14.49 32.25
N HIS D 362 -18.23 -13.36 31.76
CA HIS D 362 -17.53 -13.36 30.48
C HIS D 362 -16.06 -13.85 30.52
N PHE D 363 -15.55 -14.03 31.73
CA PHE D 363 -14.29 -14.71 31.91
C PHE D 363 -14.49 -16.22 31.77
N ILE D 364 -15.72 -16.70 31.86
CA ILE D 364 -16.04 -18.16 31.84
C ILE D 364 -16.73 -18.63 30.57
N MET D 365 -17.64 -17.81 30.07
CA MET D 365 -18.18 -18.04 28.76
C MET D 365 -17.10 -18.00 27.71
N GLY D 366 -17.01 -19.08 26.91
CA GLY D 366 -15.88 -19.27 25.98
C GLY D 366 -14.60 -19.84 26.60
N SER D 367 -14.57 -20.10 27.89
CA SER D 367 -13.35 -20.64 28.46
C SER D 367 -12.99 -22.08 28.04
N GLU D 368 -13.89 -22.80 27.36
CA GLU D 368 -13.50 -24.12 26.78
C GLU D 368 -12.75 -25.16 27.69
N GLY D 369 -13.26 -25.35 28.92
CA GLY D 369 -12.73 -26.34 29.90
C GLY D 369 -11.34 -26.12 30.50
N THR D 370 -10.76 -24.93 30.29
CA THR D 370 -9.39 -24.59 30.67
C THR D 370 -9.25 -23.97 32.09
N LEU D 371 -10.35 -23.66 32.73
CA LEU D 371 -10.33 -22.89 33.97
C LEU D 371 -10.94 -23.67 35.12
N GLY D 372 -12.03 -24.39 34.85
CA GLY D 372 -12.68 -25.18 35.89
C GLY D 372 -13.94 -25.86 35.40
N VAL D 373 -14.76 -26.31 36.34
CA VAL D 373 -15.95 -27.04 35.96
C VAL D 373 -17.16 -26.19 36.30
N ILE D 374 -17.98 -25.89 35.30
CA ILE D 374 -19.30 -25.30 35.49
C ILE D 374 -20.23 -26.40 35.98
N THR D 375 -20.75 -26.21 37.20
CA THR D 375 -21.59 -27.19 37.80
C THR D 375 -23.06 -26.80 37.72
N GLU D 376 -23.37 -25.51 37.88
CA GLU D 376 -24.75 -25.03 37.86
C GLU D 376 -24.89 -23.73 37.07
N ALA D 377 -26.09 -23.49 36.53
CA ALA D 377 -26.34 -22.25 35.83
C ALA D 377 -27.79 -21.87 36.01
N THR D 378 -28.07 -20.58 35.90
CA THR D 378 -29.44 -20.12 35.87
C THR D 378 -29.72 -19.60 34.48
N ILE D 379 -30.77 -20.15 33.87
CA ILE D 379 -31.07 -19.84 32.46
C ILE D 379 -32.43 -19.22 32.34
N LYS D 380 -32.55 -18.17 31.52
CA LYS D 380 -33.88 -17.62 31.21
C LYS D 380 -34.81 -18.69 30.56
N ILE D 381 -36.10 -18.63 30.85
CA ILE D 381 -37.07 -19.48 30.19
C ILE D 381 -38.28 -18.61 29.74
N ARG D 382 -39.17 -19.16 28.89
CA ARG D 382 -40.27 -18.39 28.26
C ARG D 382 -41.47 -19.34 28.11
N PRO D 383 -42.73 -18.81 28.14
CA PRO D 383 -43.91 -19.68 27.86
C PRO D 383 -43.70 -20.24 26.48
N THR D 384 -43.90 -21.54 26.35
CA THR D 384 -44.06 -22.21 25.06
C THR D 384 -44.80 -21.29 24.04
N PRO D 385 -44.23 -21.12 22.87
CA PRO D 385 -44.89 -20.26 21.88
C PRO D 385 -46.26 -20.84 21.43
N GLU D 386 -47.26 -19.99 21.27
CA GLU D 386 -48.63 -20.46 20.91
C GLU D 386 -48.68 -21.11 19.48
N TYR D 387 -48.10 -20.42 18.50
CA TYR D 387 -48.09 -20.84 17.08
C TYR D 387 -46.68 -20.86 16.42
N GLN D 388 -46.43 -21.87 15.57
CA GLN D 388 -45.26 -21.98 14.66
C GLN D 388 -45.74 -22.03 13.21
N LYS D 389 -44.95 -21.42 12.31
CA LYS D 389 -45.17 -21.45 10.84
C LYS D 389 -43.85 -21.48 10.12
N TYR D 390 -43.72 -22.34 9.11
CA TYR D 390 -42.55 -22.35 8.27
C TYR D 390 -42.84 -21.59 6.96
N GLY D 391 -41.76 -21.24 6.28
CA GLY D 391 -41.92 -20.54 5.04
C GLY D 391 -40.63 -20.69 4.28
N SER D 392 -40.65 -20.21 3.05
CA SER D 392 -39.44 -20.14 2.26
C SER D 392 -39.63 -19.04 1.24
N VAL D 393 -38.53 -18.49 0.74
CA VAL D 393 -38.58 -17.50 -0.33
C VAL D 393 -37.47 -17.93 -1.26
N ALA D 394 -37.72 -17.91 -2.55
CA ALA D 394 -36.70 -18.20 -3.57
C ALA D 394 -36.20 -16.88 -4.16
N PHE D 395 -34.89 -16.77 -4.43
CA PHE D 395 -34.29 -15.55 -5.03
C PHE D 395 -33.60 -15.85 -6.36
N PRO D 396 -33.60 -14.88 -7.33
CA PRO D 396 -32.91 -15.07 -8.60
C PRO D 396 -31.42 -15.46 -8.44
N ASN D 397 -30.77 -15.00 -7.39
CA ASN D 397 -29.39 -15.40 -7.08
C ASN D 397 -29.04 -15.18 -5.61
N PHE D 398 -27.85 -15.65 -5.22
CA PHE D 398 -27.37 -15.57 -3.86
C PHE D 398 -27.18 -14.14 -3.38
N GLU D 399 -26.63 -13.32 -4.23
CA GLU D 399 -26.44 -11.92 -3.90
C GLU D 399 -27.78 -11.26 -3.47
N GLN D 400 -28.85 -11.48 -4.22
CA GLN D 400 -30.13 -10.86 -3.92
C GLN D 400 -30.71 -11.37 -2.59
N GLY D 401 -30.52 -12.65 -2.31
CA GLY D 401 -30.94 -13.19 -1.04
C GLY D 401 -30.22 -12.51 0.13
N VAL D 402 -28.92 -12.24 -0.05
CA VAL D 402 -28.09 -11.64 0.99
C VAL D 402 -28.51 -10.18 1.28
N ALA D 403 -28.82 -9.46 0.19
CA ALA D 403 -29.27 -8.08 0.23
C ALA D 403 -30.57 -8.06 1.01
N CYS D 404 -31.40 -9.08 0.77
CA CYS D 404 -32.75 -9.15 1.35
C CYS D 404 -32.64 -9.39 2.84
N LEU D 405 -31.77 -10.33 3.20
CA LEU D 405 -31.51 -10.61 4.58
C LEU D 405 -30.94 -9.38 5.29
N ARG D 406 -30.08 -8.64 4.58
CA ARG D 406 -29.55 -7.40 5.14
C ARG D 406 -30.66 -6.40 5.48
N GLU D 407 -31.57 -6.19 4.55
CA GLU D 407 -32.74 -5.29 4.79
C GLU D 407 -33.67 -5.81 5.90
N ILE D 408 -33.82 -7.12 6.00
CA ILE D 408 -34.66 -7.65 7.07
C ILE D 408 -33.98 -7.36 8.40
N ALA D 409 -32.65 -7.42 8.46
CA ALA D 409 -31.94 -7.10 9.71
C ALA D 409 -32.01 -5.61 10.01
N LYS D 410 -32.03 -4.80 8.95
CA LYS D 410 -32.03 -3.34 9.11
C LYS D 410 -33.33 -2.89 9.74
N GLN D 411 -34.40 -3.59 9.39
CA GLN D 411 -35.76 -3.28 9.88
C GLN D 411 -36.07 -3.97 11.21
N ARG D 412 -35.05 -4.61 11.77
CA ARG D 412 -35.13 -5.49 12.93
C ARG D 412 -36.41 -6.31 12.96
N CYS D 413 -36.67 -7.00 11.84
CA CYS D 413 -37.83 -7.89 11.78
C CYS D 413 -37.47 -9.31 11.36
N ALA D 414 -36.34 -9.80 11.87
CA ALA D 414 -35.91 -11.17 11.59
C ALA D 414 -36.81 -12.15 12.34
N PRO D 415 -37.38 -13.12 11.64
CA PRO D 415 -38.25 -14.05 12.39
C PRO D 415 -37.41 -15.03 13.22
N ALA D 416 -38.07 -15.91 13.95
CA ALA D 416 -37.37 -16.84 14.84
C ALA D 416 -36.11 -17.34 14.15
N SER D 417 -36.29 -17.82 12.93
CA SER D 417 -35.16 -18.27 12.14
C SER D 417 -35.31 -17.87 10.68
N ILE D 418 -34.21 -17.45 10.11
CA ILE D 418 -34.15 -17.18 8.69
C ILE D 418 -32.74 -17.64 8.28
N ARG D 419 -32.66 -18.46 7.25
CA ARG D 419 -31.37 -18.92 6.75
C ARG D 419 -31.43 -18.81 5.25
N LEU D 420 -30.35 -18.36 4.63
CA LEU D 420 -30.28 -18.33 3.17
C LEU D 420 -29.30 -19.37 2.66
N MET D 421 -29.79 -20.23 1.78
CA MET D 421 -28.98 -21.31 1.20
C MET D 421 -28.58 -21.03 -0.22
N ASP D 422 -27.37 -21.35 -0.61
CA ASP D 422 -27.03 -21.22 -2.00
C ASP D 422 -27.54 -22.40 -2.82
N ASN D 423 -27.41 -22.36 -4.13
CA ASN D 423 -28.00 -23.35 -5.03
C ASN D 423 -27.61 -24.79 -4.67
N GLN D 424 -26.33 -25.02 -4.44
CA GLN D 424 -25.85 -26.33 -3.99
C GLN D 424 -26.68 -26.84 -2.81
N GLN D 425 -26.77 -26.07 -1.72
CA GLN D 425 -27.62 -26.47 -0.57
C GLN D 425 -29.08 -26.58 -0.95
N PHE D 426 -29.57 -25.72 -1.83
CA PHE D 426 -30.95 -25.86 -2.17
C PHE D 426 -31.16 -27.24 -2.80
N GLN D 427 -30.43 -27.52 -3.90
CA GLN D 427 -30.56 -28.80 -4.58
C GLN D 427 -30.36 -29.98 -3.63
N PHE D 428 -29.37 -29.87 -2.74
CA PHE D 428 -29.18 -30.85 -1.70
C PHE D 428 -30.56 -31.21 -1.12
N GLY D 429 -31.14 -30.30 -0.35
CA GLY D 429 -32.49 -30.49 0.18
C GLY D 429 -33.44 -31.10 -0.85
N HIS D 430 -33.71 -30.37 -1.92
CA HIS D 430 -34.65 -30.88 -2.94
C HIS D 430 -34.28 -32.29 -3.51
N ALA D 431 -33.16 -32.85 -3.08
CA ALA D 431 -32.77 -34.20 -3.49
C ALA D 431 -33.25 -35.24 -2.46
N LEU D 432 -33.79 -34.73 -1.35
CA LEU D 432 -34.40 -35.54 -0.30
C LEU D 432 -35.89 -35.25 -0.24
N ASN D 461 -30.30 -22.47 -11.45
CA ASN D 461 -28.87 -22.84 -11.37
C ASN D 461 -27.96 -21.92 -10.52
N GLN D 462 -28.46 -20.73 -10.19
CA GLN D 462 -27.83 -19.87 -9.20
C GLN D 462 -28.85 -19.41 -8.15
N LEU D 463 -30.09 -19.79 -8.41
CA LEU D 463 -31.24 -19.58 -7.57
C LEU D 463 -30.95 -20.00 -6.12
N SER D 464 -31.13 -19.06 -5.19
CA SER D 464 -30.92 -19.34 -3.75
C SER D 464 -32.23 -19.31 -2.96
N VAL D 465 -32.27 -19.99 -1.82
CA VAL D 465 -33.55 -20.14 -1.11
C VAL D 465 -33.41 -19.82 0.37
N ALA D 466 -34.32 -19.01 0.89
CA ALA D 466 -34.28 -18.65 2.31
C ALA D 466 -35.30 -19.51 3.04
N THR D 467 -34.95 -20.10 4.18
CA THR D 467 -35.92 -20.93 4.89
C THR D 467 -36.32 -20.12 6.10
N LEU D 468 -37.57 -20.22 6.49
CA LEU D 468 -38.10 -19.31 7.48
C LEU D 468 -38.79 -20.08 8.59
N LEU D 469 -38.65 -19.61 9.81
CA LEU D 469 -39.50 -20.14 10.89
C LEU D 469 -40.05 -19.01 11.72
N PHE D 470 -41.34 -19.02 11.95
CA PHE D 470 -41.97 -18.02 12.78
C PHE D 470 -42.62 -18.70 13.98
N GLU D 471 -42.31 -18.24 15.18
CA GLU D 471 -43.08 -18.67 16.35
C GLU D 471 -43.41 -17.52 17.30
N GLY D 472 -44.58 -17.60 17.92
CA GLY D 472 -45.02 -16.58 18.85
C GLY D 472 -46.52 -16.60 18.79
N ASP D 473 -47.14 -15.54 19.28
CA ASP D 473 -48.58 -15.38 19.17
C ASP D 473 -48.97 -15.47 17.72
N ARG D 474 -50.12 -16.10 17.46
CA ARG D 474 -50.49 -16.33 16.08
C ARG D 474 -50.69 -15.02 15.31
N GLU D 475 -51.24 -14.01 15.97
CA GLU D 475 -51.61 -12.77 15.29
C GLU D 475 -50.33 -12.17 14.76
N LYS D 476 -49.39 -12.03 15.70
CA LYS D 476 -48.12 -11.39 15.54
C LYS D 476 -47.31 -12.15 14.49
N VAL D 477 -47.37 -13.49 14.55
CA VAL D 477 -46.75 -14.31 13.54
C VAL D 477 -47.24 -13.87 12.18
N LEU D 478 -48.57 -13.90 11.99
CA LEU D 478 -49.15 -13.63 10.69
C LEU D 478 -48.80 -12.27 10.21
N GLN D 479 -48.77 -11.31 11.12
CA GLN D 479 -48.43 -9.95 10.75
C GLN D 479 -46.95 -9.82 10.34
N HIS D 480 -46.08 -10.54 11.05
CA HIS D 480 -44.66 -10.52 10.77
C HIS D 480 -44.38 -11.25 9.47
N GLU D 481 -44.99 -12.40 9.29
CA GLU D 481 -44.90 -13.16 8.07
C GLU D 481 -45.14 -12.29 6.83
N LYS D 482 -46.17 -11.46 6.86
CA LYS D 482 -46.49 -10.62 5.72
C LYS D 482 -45.36 -9.58 5.50
N GLN D 483 -44.98 -8.87 6.56
CA GLN D 483 -43.81 -7.99 6.52
C GLN D 483 -42.60 -8.60 5.75
N VAL D 484 -42.23 -9.84 6.11
CA VAL D 484 -41.08 -10.48 5.53
C VAL D 484 -41.24 -10.71 4.02
N TYR D 485 -42.40 -11.20 3.57
CA TYR D 485 -42.64 -11.39 2.12
C TYR D 485 -42.64 -10.10 1.29
N ASP D 486 -43.24 -9.05 1.87
CA ASP D 486 -43.15 -7.69 1.34
C ASP D 486 -41.71 -7.27 1.06
N ILE D 487 -40.85 -7.35 2.08
CA ILE D 487 -39.48 -6.97 1.90
C ILE D 487 -38.80 -7.86 0.85
N ALA D 488 -39.02 -9.17 0.90
CA ALA D 488 -38.32 -10.05 -0.04
C ALA D 488 -38.71 -9.76 -1.50
N ALA D 489 -39.97 -9.38 -1.74
CA ALA D 489 -40.44 -9.02 -3.09
C ALA D 489 -39.59 -7.91 -3.68
N LYS D 490 -39.08 -7.01 -2.85
CA LYS D 490 -38.26 -5.96 -3.39
C LYS D 490 -36.90 -6.50 -3.92
N PHE D 491 -36.55 -7.73 -3.55
CA PHE D 491 -35.30 -8.37 -3.97
C PHE D 491 -35.49 -9.52 -4.95
N GLY D 492 -36.64 -9.52 -5.61
CA GLY D 492 -37.01 -10.57 -6.57
C GLY D 492 -37.51 -11.82 -5.89
N GLY D 493 -37.63 -11.78 -4.55
CA GLY D 493 -38.12 -12.91 -3.74
C GLY D 493 -39.56 -13.39 -3.94
N LEU D 494 -39.72 -14.68 -4.28
CA LEU D 494 -41.04 -15.31 -4.45
C LEU D 494 -41.23 -16.33 -3.36
N ALA D 495 -42.39 -16.33 -2.71
CA ALA D 495 -42.70 -17.38 -1.73
C ALA D 495 -42.62 -18.73 -2.43
N ALA D 496 -41.87 -19.63 -1.84
CA ALA D 496 -41.63 -20.96 -2.36
C ALA D 496 -42.40 -21.95 -1.48
N GLY D 497 -43.22 -21.44 -0.57
CA GLY D 497 -44.14 -22.28 0.15
C GLY D 497 -43.67 -22.77 1.50
N GLU D 498 -44.62 -23.34 2.23
CA GLU D 498 -44.40 -23.69 3.61
C GLU D 498 -43.84 -25.11 3.80
N ASP D 499 -43.93 -25.94 2.76
CA ASP D 499 -43.32 -27.27 2.78
C ASP D 499 -41.83 -27.20 2.55
N ASN D 500 -41.41 -26.33 1.65
CA ASN D 500 -39.98 -26.14 1.34
C ASN D 500 -39.20 -25.65 2.56
N GLY D 501 -39.81 -24.76 3.35
CA GLY D 501 -39.21 -24.33 4.59
C GLY D 501 -39.24 -25.45 5.62
N GLN D 502 -40.42 -26.05 5.78
CA GLN D 502 -40.61 -27.16 6.72
C GLN D 502 -39.64 -28.30 6.48
N ARG D 503 -39.23 -28.48 5.23
CA ARG D 503 -38.34 -29.58 4.91
C ARG D 503 -36.87 -29.31 5.30
N GLY D 504 -36.38 -28.08 5.11
CA GLY D 504 -35.01 -27.72 5.49
C GLY D 504 -34.81 -27.74 7.01
N TYR D 505 -35.94 -27.79 7.72
CA TYR D 505 -35.96 -27.81 9.18
C TYR D 505 -36.35 -29.19 9.77
N LEU D 506 -37.14 -29.97 9.02
CA LEU D 506 -37.36 -31.37 9.39
C LEU D 506 -36.13 -32.20 8.98
N LEU D 507 -35.24 -31.56 8.24
CA LEU D 507 -34.00 -32.16 7.86
C LEU D 507 -32.90 -31.81 8.86
N THR D 508 -33.09 -30.77 9.66
CA THR D 508 -31.97 -30.14 10.38
C THR D 508 -31.10 -31.14 11.15
N TYR D 509 -31.76 -32.16 11.66
CA TYR D 509 -31.19 -33.06 12.66
C TYR D 509 -30.62 -34.39 12.09
N VAL D 510 -30.79 -34.60 10.78
CA VAL D 510 -30.26 -35.76 10.09
C VAL D 510 -28.97 -35.52 9.30
N ILE D 511 -28.63 -34.26 8.98
CA ILE D 511 -27.44 -33.94 8.16
C ILE D 511 -26.17 -34.54 8.78
N ALA D 512 -26.13 -34.54 10.09
CA ALA D 512 -24.99 -35.05 10.84
C ALA D 512 -24.77 -36.56 10.58
N TYR D 513 -25.84 -37.30 10.25
CA TYR D 513 -25.73 -38.71 9.94
C TYR D 513 -25.25 -38.90 8.47
N MET D 514 -25.22 -37.81 7.70
CA MET D 514 -24.81 -37.89 6.28
C MET D 514 -23.32 -38.00 6.10
N ARG D 515 -22.58 -37.39 7.02
CA ARG D 515 -21.13 -37.46 7.01
C ARG D 515 -20.64 -38.92 7.20
N ASP D 516 -21.28 -39.67 8.09
CA ASP D 516 -21.05 -41.08 8.25
C ASP D 516 -21.31 -41.81 6.95
N LEU D 517 -22.38 -41.46 6.26
CA LEU D 517 -22.73 -42.18 5.05
C LEU D 517 -21.65 -41.95 4.02
N GLY D 518 -21.24 -40.68 3.90
CA GLY D 518 -20.13 -40.27 3.06
C GLY D 518 -18.88 -41.11 3.29
N LEU D 519 -18.43 -41.22 4.55
CA LEU D 519 -17.27 -42.04 4.87
C LEU D 519 -17.37 -43.48 4.33
N GLU D 520 -18.56 -44.09 4.27
CA GLU D 520 -18.70 -45.47 3.76
C GLU D 520 -18.33 -45.51 2.29
N TYR D 521 -18.48 -44.38 1.59
CA TYR D 521 -18.29 -44.33 0.13
C TYR D 521 -17.14 -43.43 -0.27
N TYR D 522 -16.09 -43.40 0.54
CA TYR D 522 -14.87 -42.61 0.29
C TYR D 522 -15.09 -41.07 0.21
N ILE D 523 -16.09 -40.53 0.87
CA ILE D 523 -16.23 -39.10 0.78
C ILE D 523 -15.96 -38.53 2.13
N ILE D 524 -15.02 -37.57 2.18
CA ILE D 524 -14.81 -36.87 3.43
C ILE D 524 -15.29 -35.42 3.35
N GLY D 525 -16.00 -35.02 4.39
CA GLY D 525 -16.60 -33.70 4.49
C GLY D 525 -16.61 -33.19 5.90
N GLU D 526 -16.83 -31.89 6.07
CA GLU D 526 -16.86 -31.27 7.37
C GLU D 526 -17.52 -29.90 7.12
N SER D 527 -18.03 -29.29 8.18
CA SER D 527 -18.58 -27.93 8.12
C SER D 527 -17.65 -26.95 8.82
N PHE D 528 -17.85 -25.65 8.60
CA PHE D 528 -17.06 -24.64 9.32
C PHE D 528 -17.73 -23.26 9.14
N GLU D 529 -17.51 -22.36 10.08
CA GLU D 529 -18.33 -21.21 10.06
C GLU D 529 -17.57 -19.94 10.47
N THR D 530 -18.16 -18.79 10.23
CA THR D 530 -17.54 -17.54 10.59
C THR D 530 -18.65 -16.55 10.69
N SER D 531 -18.35 -15.37 11.25
CA SER D 531 -19.23 -14.21 11.18
C SER D 531 -18.44 -13.13 10.54
N ALA D 532 -19.13 -12.17 9.94
CA ALA D 532 -18.53 -11.12 9.11
C ALA D 532 -19.49 -9.94 9.05
N PRO D 533 -18.95 -8.71 8.91
CA PRO D 533 -19.81 -7.53 8.65
C PRO D 533 -20.64 -7.77 7.43
N TRP D 534 -21.80 -7.13 7.32
CA TRP D 534 -22.65 -7.17 6.12
C TRP D 534 -21.91 -6.88 4.87
N ASP D 535 -21.07 -5.85 4.85
CA ASP D 535 -20.41 -5.51 3.59
C ASP D 535 -19.39 -6.47 3.10
N ARG D 536 -19.06 -7.51 3.88
CA ARG D 536 -18.09 -8.50 3.46
C ARG D 536 -18.71 -9.84 3.10
N VAL D 537 -19.98 -10.00 3.44
CA VAL D 537 -20.63 -11.30 3.31
C VAL D 537 -20.51 -11.90 1.90
N VAL D 538 -20.91 -11.15 0.87
CA VAL D 538 -20.92 -11.69 -0.48
C VAL D 538 -19.52 -12.11 -1.00
N ASP D 539 -18.53 -11.22 -0.83
CA ASP D 539 -17.17 -11.56 -1.24
C ASP D 539 -16.56 -12.77 -0.52
N LEU D 540 -16.71 -12.80 0.79
CA LEU D 540 -16.34 -13.93 1.60
C LEU D 540 -16.93 -15.21 1.01
N CYS D 541 -18.23 -15.27 0.77
CA CYS D 541 -18.83 -16.49 0.23
C CYS D 541 -18.18 -16.91 -1.09
N ARG D 542 -18.08 -15.98 -2.04
CA ARG D 542 -17.56 -16.33 -3.36
C ARG D 542 -16.12 -16.80 -3.18
N ASN D 543 -15.32 -15.95 -2.53
CA ASN D 543 -13.88 -16.15 -2.49
C ASN D 543 -13.49 -17.39 -1.74
N VAL D 544 -14.19 -17.69 -0.65
CA VAL D 544 -13.88 -18.85 0.18
C VAL D 544 -14.26 -20.11 -0.55
N LYS D 545 -15.47 -20.15 -1.13
CA LYS D 545 -15.89 -21.34 -1.90
C LYS D 545 -14.96 -21.62 -3.04
N GLU D 546 -14.43 -20.53 -3.63
CA GLU D 546 -13.45 -20.61 -4.74
C GLU D 546 -12.06 -21.04 -4.27
N ARG D 547 -11.61 -20.53 -3.11
CA ARG D 547 -10.37 -21.03 -2.51
C ARG D 547 -10.40 -22.56 -2.35
N ILE D 548 -11.50 -23.08 -1.85
CA ILE D 548 -11.67 -24.50 -1.61
C ILE D 548 -11.51 -25.37 -2.88
N ARG D 549 -12.17 -24.99 -3.97
CA ARG D 549 -12.02 -25.65 -5.26
C ARG D 549 -10.60 -25.62 -5.82
N ARG D 550 -9.92 -24.49 -5.67
CA ARG D 550 -8.57 -24.33 -6.26
C ARG D 550 -7.59 -25.25 -5.58
N GLU D 551 -7.71 -25.31 -4.25
CA GLU D 551 -6.84 -26.11 -3.40
C GLU D 551 -6.99 -27.61 -3.63
N CYS D 552 -8.22 -28.09 -3.77
CA CYS D 552 -8.47 -29.49 -3.97
C CYS D 552 -7.89 -29.95 -5.27
N LYS D 553 -8.02 -29.09 -6.29
CA LYS D 553 -7.44 -29.26 -7.63
C LYS D 553 -5.91 -29.23 -7.60
N GLU D 554 -5.32 -28.28 -6.86
CA GLU D 554 -3.86 -28.24 -6.71
C GLU D 554 -3.26 -29.47 -6.00
N LYS D 555 -4.06 -30.11 -5.14
CA LYS D 555 -3.68 -31.31 -4.40
C LYS D 555 -4.13 -32.58 -5.10
N GLY D 556 -4.68 -32.44 -6.28
CA GLY D 556 -4.93 -33.60 -7.12
C GLY D 556 -6.30 -34.24 -7.03
N VAL D 557 -7.16 -33.73 -6.16
CA VAL D 557 -8.57 -34.19 -6.10
C VAL D 557 -9.20 -34.12 -7.51
N GLN D 558 -9.79 -35.23 -7.95
CA GLN D 558 -10.16 -35.38 -9.37
C GLN D 558 -11.49 -34.70 -9.72
N PHE D 559 -12.45 -34.68 -8.81
CA PHE D 559 -13.70 -33.95 -9.06
C PHE D 559 -13.82 -32.69 -8.21
N PRO D 560 -14.34 -31.58 -8.82
CA PRO D 560 -14.60 -30.35 -8.10
C PRO D 560 -15.29 -30.70 -6.79
N PRO D 561 -14.67 -30.36 -5.65
CA PRO D 561 -15.29 -30.65 -4.36
C PRO D 561 -16.69 -30.06 -4.25
N LEU D 562 -17.51 -30.63 -3.38
CA LEU D 562 -18.65 -29.92 -2.88
C LEU D 562 -18.12 -28.78 -2.05
N SER D 563 -18.54 -27.58 -2.42
CA SER D 563 -18.17 -26.38 -1.68
C SER D 563 -19.36 -25.43 -1.58
N THR D 564 -20.00 -25.39 -0.41
CA THR D 564 -21.34 -24.79 -0.29
C THR D 564 -21.53 -23.90 0.92
N CYS D 565 -22.42 -22.93 0.83
CA CYS D 565 -22.63 -22.04 1.99
C CYS D 565 -24.06 -21.58 2.22
N ARG D 566 -24.37 -21.30 3.49
CA ARG D 566 -25.59 -20.59 3.85
C ARG D 566 -25.34 -19.43 4.83
N VAL D 567 -26.19 -18.42 4.76
CA VAL D 567 -26.25 -17.43 5.79
C VAL D 567 -27.24 -17.94 6.80
N THR D 568 -26.73 -18.19 8.01
CA THR D 568 -27.45 -18.91 9.03
C THR D 568 -27.92 -18.07 10.25
N GLN D 569 -27.43 -16.83 10.35
CA GLN D 569 -27.94 -15.88 11.33
C GLN D 569 -27.59 -14.50 10.80
N THR D 570 -28.46 -13.54 11.07
CA THR D 570 -28.24 -12.16 10.79
C THR D 570 -28.20 -11.42 12.14
N TYR D 571 -27.53 -10.28 12.13
CA TYR D 571 -27.35 -9.46 13.31
C TYR D 571 -27.39 -8.06 12.82
N ASP D 572 -27.43 -7.11 13.75
CA ASP D 572 -27.33 -5.67 13.39
C ASP D 572 -26.05 -5.41 12.58
N ALA D 573 -24.91 -5.87 13.11
CA ALA D 573 -23.60 -5.50 12.53
C ALA D 573 -23.02 -6.50 11.48
N GLY D 574 -23.74 -7.57 11.17
CA GLY D 574 -23.21 -8.53 10.17
C GLY D 574 -23.99 -9.85 10.20
N ALA D 575 -23.34 -10.94 9.75
CA ALA D 575 -23.97 -12.25 9.62
C ALA D 575 -23.09 -13.44 10.02
N CYS D 576 -23.75 -14.56 10.35
CA CYS D 576 -23.06 -15.84 10.45
C CYS D 576 -23.07 -16.62 9.09
N ILE D 577 -21.90 -16.99 8.58
CA ILE D 577 -21.85 -17.82 7.37
C ILE D 577 -21.36 -19.22 7.69
N PHE D 578 -22.08 -20.20 7.17
CA PHE D 578 -21.77 -21.58 7.44
C PHE D 578 -21.36 -22.34 6.17
N PHE D 579 -20.20 -22.98 6.18
CA PHE D 579 -19.78 -23.74 4.97
C PHE D 579 -19.84 -25.26 5.18
N TYR D 580 -20.02 -25.98 4.09
CA TYR D 580 -19.74 -27.40 4.04
C TYR D 580 -18.82 -27.59 2.87
N PHE D 581 -17.87 -28.49 3.09
CA PHE D 581 -16.84 -28.91 2.14
C PHE D 581 -16.67 -30.49 2.19
N ALA D 582 -16.64 -31.13 1.01
CA ALA D 582 -16.54 -32.60 0.91
C ALA D 582 -15.99 -33.05 -0.43
N PHE D 583 -15.14 -34.06 -0.43
CA PHE D 583 -14.66 -34.60 -1.72
C PHE D 583 -14.52 -36.10 -1.74
N ASN D 584 -14.57 -36.70 -2.92
CA ASN D 584 -14.19 -38.10 -3.03
C ASN D 584 -12.64 -38.26 -2.97
N TYR D 585 -12.12 -38.86 -1.89
CA TYR D 585 -10.69 -39.13 -1.77
C TYR D 585 -10.15 -40.51 -2.25
N ARG D 586 -11.04 -41.39 -2.74
CA ARG D 586 -10.63 -42.72 -3.24
C ARG D 586 -9.58 -42.47 -4.31
N GLY D 587 -8.35 -42.94 -4.03
CA GLY D 587 -7.19 -42.80 -4.91
C GLY D 587 -6.21 -41.67 -4.58
N ILE D 588 -6.54 -40.83 -3.60
CA ILE D 588 -5.62 -39.78 -3.16
C ILE D 588 -4.60 -40.44 -2.25
N SER D 589 -3.37 -39.96 -2.36
CA SER D 589 -2.27 -40.48 -1.57
C SER D 589 -2.39 -40.35 -0.03
N ASP D 590 -2.66 -39.14 0.49
CA ASP D 590 -2.77 -38.95 1.94
C ASP D 590 -3.96 -38.04 2.31
N PRO D 591 -5.15 -38.66 2.41
CA PRO D 591 -6.44 -37.97 2.29
C PRO D 591 -6.69 -36.98 3.41
N LEU D 592 -6.22 -37.31 4.61
CA LEU D 592 -6.37 -36.47 5.78
C LEU D 592 -5.49 -35.25 5.79
N ALA D 593 -4.31 -35.34 5.20
CA ALA D 593 -3.48 -34.14 5.04
C ALA D 593 -4.03 -33.24 3.96
N VAL D 594 -4.56 -33.82 2.86
CA VAL D 594 -5.21 -33.00 1.85
C VAL D 594 -6.43 -32.26 2.44
N PHE D 595 -7.29 -33.00 3.15
CA PHE D 595 -8.46 -32.38 3.74
C PHE D 595 -8.10 -31.22 4.70
N GLU D 596 -7.15 -31.50 5.57
CA GLU D 596 -6.77 -30.61 6.63
C GLU D 596 -6.01 -29.39 6.10
N GLN D 597 -5.23 -29.52 5.06
CA GLN D 597 -4.57 -28.37 4.47
C GLN D 597 -5.61 -27.45 3.81
N THR D 598 -6.56 -28.08 3.09
CA THR D 598 -7.66 -27.37 2.46
C THR D 598 -8.49 -26.62 3.50
N GLU D 599 -8.71 -27.24 4.65
CA GLU D 599 -9.50 -26.59 5.70
C GLU D 599 -8.67 -25.38 6.26
N ALA D 600 -7.41 -25.61 6.58
CA ALA D 600 -6.58 -24.54 7.05
C ALA D 600 -6.54 -23.39 6.02
N ALA D 601 -6.48 -23.71 4.72
CA ALA D 601 -6.48 -22.68 3.68
C ALA D 601 -7.81 -21.90 3.58
N ALA D 602 -8.94 -22.59 3.70
CA ALA D 602 -10.22 -21.90 3.71
C ALA D 602 -10.28 -20.94 4.91
N ARG D 603 -9.77 -21.35 6.07
CA ARG D 603 -9.63 -20.40 7.18
C ARG D 603 -8.83 -19.15 6.81
N GLU D 604 -7.66 -19.33 6.20
CA GLU D 604 -6.86 -18.17 5.79
C GLU D 604 -7.70 -17.28 4.92
N GLU D 605 -8.43 -17.88 3.97
CA GLU D 605 -9.38 -17.15 3.10
C GLU D 605 -10.46 -16.35 3.86
N ILE D 606 -11.02 -16.97 4.88
CA ILE D 606 -12.02 -16.34 5.73
C ILE D 606 -11.45 -15.08 6.40
N LEU D 607 -10.28 -15.21 7.02
CA LEU D 607 -9.70 -14.11 7.74
C LEU D 607 -9.31 -13.03 6.79
N ALA D 608 -8.92 -13.42 5.58
CA ALA D 608 -8.41 -12.48 4.63
C ALA D 608 -9.57 -11.73 3.96
N ASN D 609 -10.79 -12.19 4.17
CA ASN D 609 -11.96 -11.56 3.59
C ASN D 609 -12.76 -10.97 4.72
N GLY D 610 -12.12 -10.75 5.86
CA GLY D 610 -12.80 -10.02 6.93
C GLY D 610 -13.76 -10.81 7.80
N GLY D 611 -13.75 -12.12 7.67
CA GLY D 611 -14.46 -12.99 8.62
C GLY D 611 -13.78 -13.27 9.96
N SER D 612 -14.56 -13.68 10.97
CA SER D 612 -13.97 -13.92 12.24
C SER D 612 -13.39 -15.34 12.32
N LEU D 613 -12.65 -15.59 13.41
CA LEU D 613 -12.06 -16.89 13.64
C LEU D 613 -13.14 -17.98 13.84
N SER D 614 -14.27 -17.59 14.39
CA SER D 614 -15.41 -18.51 14.71
C SER D 614 -16.53 -17.64 15.20
N HIS D 615 -17.71 -17.94 14.70
CA HIS D 615 -18.91 -17.33 15.18
C HIS D 615 -19.37 -18.09 16.40
N HIS D 616 -19.36 -19.43 16.35
CA HIS D 616 -19.88 -20.24 17.49
C HIS D 616 -19.15 -21.57 17.84
N HIS D 617 -18.53 -22.29 16.91
CA HIS D 617 -17.86 -23.55 17.25
C HIS D 617 -16.68 -23.41 18.22
N GLY D 618 -16.13 -22.18 18.30
CA GLY D 618 -15.07 -21.90 19.27
C GLY D 618 -13.74 -22.27 18.65
N VAL D 619 -12.70 -22.39 19.49
CA VAL D 619 -11.29 -22.43 19.01
C VAL D 619 -10.65 -23.77 19.30
N GLY D 620 -10.80 -24.25 20.53
CA GLY D 620 -10.24 -25.53 20.96
C GLY D 620 -8.76 -25.52 20.73
N LYS D 621 -8.27 -26.62 20.11
CA LYS D 621 -6.91 -26.74 19.61
C LYS D 621 -6.83 -26.54 18.09
N LEU D 622 -7.97 -26.61 17.41
CA LEU D 622 -7.96 -26.57 15.98
C LEU D 622 -7.59 -25.17 15.45
N ARG D 623 -7.97 -24.12 16.16
CA ARG D 623 -7.79 -22.76 15.64
C ARG D 623 -6.87 -21.87 16.49
N LYS D 624 -6.28 -22.47 17.53
CA LYS D 624 -5.26 -21.89 18.39
C LYS D 624 -4.24 -21.00 17.69
N GLN D 625 -3.70 -21.47 16.58
CA GLN D 625 -2.65 -20.69 15.88
C GLN D 625 -3.08 -19.31 15.43
N TRP D 626 -4.38 -19.03 15.26
CA TRP D 626 -4.86 -17.68 14.81
C TRP D 626 -5.28 -16.78 16.00
N LEU D 627 -5.32 -17.33 17.19
CA LEU D 627 -5.94 -16.66 18.32
C LEU D 627 -5.28 -15.29 18.67
N LYS D 628 -3.97 -15.32 18.91
CA LYS D 628 -3.21 -14.16 19.23
C LYS D 628 -3.45 -13.04 18.24
N GLU D 629 -3.50 -13.33 16.95
CA GLU D 629 -3.78 -12.30 15.95
C GLU D 629 -5.20 -11.74 16.05
N SER D 630 -6.17 -12.59 16.41
CA SER D 630 -7.58 -12.24 16.49
C SER D 630 -7.94 -11.34 17.62
N ILE D 631 -7.25 -11.53 18.76
CA ILE D 631 -7.61 -10.85 20.01
C ILE D 631 -6.48 -9.89 20.51
N SER D 632 -5.39 -9.83 19.74
CA SER D 632 -4.17 -9.04 20.01
C SER D 632 -3.31 -9.71 21.07
N ASP D 633 -2.04 -9.38 21.11
CA ASP D 633 -1.13 -9.91 22.10
C ASP D 633 -1.59 -9.61 23.50
N VAL D 634 -2.00 -8.35 23.74
CA VAL D 634 -2.37 -8.01 25.10
C VAL D 634 -3.61 -8.79 25.57
N GLY D 635 -4.59 -8.90 24.67
CA GLY D 635 -5.77 -9.77 24.88
C GLY D 635 -5.36 -11.20 25.23
N PHE D 636 -4.59 -11.82 24.39
CA PHE D 636 -4.02 -13.09 24.73
C PHE D 636 -3.33 -13.13 26.13
N GLY D 637 -2.47 -12.16 26.45
CA GLY D 637 -1.81 -12.09 27.76
C GLY D 637 -2.82 -12.01 28.90
N MET D 638 -3.95 -11.31 28.67
CA MET D 638 -4.98 -11.26 29.70
C MET D 638 -5.66 -12.63 29.98
N LEU D 639 -6.05 -13.35 28.94
CA LEU D 639 -6.57 -14.74 29.19
C LEU D 639 -5.58 -15.61 29.98
N LYS D 640 -4.31 -15.54 29.58
CA LYS D 640 -3.26 -16.34 30.19
C LYS D 640 -3.12 -15.96 31.67
N SER D 641 -3.24 -14.69 31.99
CA SER D 641 -3.08 -14.27 33.36
C SER D 641 -4.22 -14.75 34.28
N VAL D 642 -5.46 -14.76 33.77
CA VAL D 642 -6.56 -15.33 34.50
C VAL D 642 -6.36 -16.86 34.66
N LYS D 643 -6.03 -17.54 33.54
CA LYS D 643 -5.61 -18.96 33.56
C LYS D 643 -4.57 -19.32 34.65
N ASP D 644 -3.48 -18.54 34.74
CA ASP D 644 -2.44 -18.81 35.76
C ASP D 644 -2.90 -18.42 37.17
N TYR D 645 -3.94 -17.62 37.29
CA TYR D 645 -4.36 -17.31 38.60
C TYR D 645 -5.31 -18.38 39.13
N VAL D 646 -6.26 -18.72 38.30
CA VAL D 646 -7.30 -19.62 38.65
C VAL D 646 -6.77 -21.08 38.74
N ASP D 647 -5.75 -21.40 37.96
CA ASP D 647 -5.30 -22.79 37.81
C ASP D 647 -3.79 -22.80 37.65
N PRO D 648 -3.05 -22.36 38.68
CA PRO D 648 -1.59 -22.16 38.54
C PRO D 648 -0.80 -23.44 38.22
N THR D 649 -1.36 -24.63 38.50
CA THR D 649 -0.63 -25.86 38.24
C THR D 649 -1.27 -26.63 37.10
N ASN D 650 -2.16 -25.94 36.39
CA ASN D 650 -2.71 -26.40 35.09
C ASN D 650 -3.35 -27.74 35.20
N ILE D 651 -4.13 -27.92 36.26
CA ILE D 651 -4.96 -29.11 36.45
C ILE D 651 -5.90 -29.28 35.25
N PHE D 652 -6.44 -28.17 34.78
CA PHE D 652 -7.35 -28.14 33.63
C PHE D 652 -6.59 -28.06 32.31
N GLY D 653 -6.04 -29.22 31.91
CA GLY D 653 -4.96 -29.20 30.96
C GLY D 653 -5.26 -29.67 29.56
N ASN D 654 -6.52 -29.50 29.07
CA ASN D 654 -6.82 -29.83 27.66
C ASN D 654 -6.05 -28.96 26.63
N ARG D 655 -5.26 -28.00 27.10
CA ARG D 655 -4.49 -27.03 26.27
C ARG D 655 -5.25 -26.22 25.22
N ASN D 656 -6.55 -26.13 25.37
CA ASN D 656 -7.33 -25.31 24.42
C ASN D 656 -6.92 -23.82 24.45
N LEU D 657 -7.11 -23.13 23.34
CA LEU D 657 -7.01 -21.64 23.26
C LEU D 657 -5.57 -21.10 23.32
N LEU D 658 -4.96 -21.16 24.50
CA LEU D 658 -3.61 -20.66 24.68
C LEU D 658 -2.63 -21.80 24.42
PA FAD E . 19.12 12.79 -5.91
O1A FAD E . 19.21 14.00 -5.07
O2A FAD E . 18.25 11.68 -5.41
O5B FAD E . 20.57 12.25 -6.24
C5B FAD E . 20.69 11.25 -7.24
C4B FAD E . 22.16 10.88 -7.39
O4B FAD E . 22.85 11.91 -8.09
C3B FAD E . 22.82 10.76 -6.04
O3B FAD E . 23.75 9.72 -6.09
C2B FAD E . 23.53 12.09 -5.84
O2B FAD E . 24.62 11.98 -4.96
C1B FAD E . 23.87 12.50 -7.28
N9A FAD E . 23.71 13.96 -7.56
C8A FAD E . 22.55 14.72 -7.33
N7A FAD E . 22.76 16.00 -7.73
C5A FAD E . 24.03 16.03 -8.25
C6A FAD E . 24.79 17.05 -8.84
N6A FAD E . 24.31 18.29 -8.98
N1A FAD E . 26.09 16.77 -9.23
C2A FAD E . 26.61 15.50 -9.09
N3A FAD E . 25.86 14.51 -8.54
C4A FAD E . 24.62 14.77 -8.13
N1 FAD E . 13.74 8.40 -12.64
C2 FAD E . 13.59 8.45 -14.01
O2 FAD E . 14.58 8.43 -14.71
N3 FAD E . 12.36 8.57 -14.61
C4 FAD E . 11.20 8.55 -13.81
O4 FAD E . 10.06 8.63 -14.36
C4X FAD E . 11.34 8.45 -12.41
N5 FAD E . 10.23 8.45 -11.56
C5X FAD E . 10.33 8.36 -10.19
C6 FAD E . 9.20 8.38 -9.38
C7 FAD E . 9.31 8.32 -7.98
C7M FAD E . 8.08 8.32 -7.11
C8 FAD E . 10.58 8.21 -7.42
C8M FAD E . 10.84 8.13 -5.93
C9 FAD E . 11.68 8.19 -8.25
C9A FAD E . 11.60 8.29 -9.62
N10 FAD E . 12.74 8.28 -10.45
C10 FAD E . 12.60 8.37 -11.84
C1' FAD E . 14.15 8.18 -9.88
C2' FAD E . 14.78 9.54 -9.55
O2' FAD E . 13.88 10.59 -9.32
C3' FAD E . 15.66 9.98 -10.70
O3' FAD E . 16.75 9.09 -10.65
C4' FAD E . 16.17 11.42 -10.59
O4' FAD E . 17.08 11.63 -11.64
C5' FAD E . 16.94 11.72 -9.30
O5' FAD E . 17.05 13.13 -9.24
P FAD E . 17.27 13.91 -7.89
O1P FAD E . 17.49 15.37 -8.11
O2P FAD E . 16.25 13.50 -6.85
O3P FAD E . 18.69 13.33 -7.39
CL CL F . 9.75 5.89 -12.02
S SO4 G . 14.81 5.12 -30.46
O1 SO4 G . 15.00 6.14 -29.41
O2 SO4 G . 15.40 5.53 -31.73
O3 SO4 G . 13.37 5.03 -30.77
O4 SO4 G . 15.53 3.90 -30.07
S SO4 H . 2.66 13.38 -31.25
O1 SO4 H . 2.65 13.48 -29.78
O2 SO4 H . 3.57 14.37 -31.84
O3 SO4 H . 1.37 13.64 -31.88
O4 SO4 H . 3.05 12.01 -31.51
PA FAD I . 40.33 4.24 -41.31
O1A FAD I . 40.93 2.95 -41.85
O2A FAD I . 40.65 5.38 -42.25
O5B FAD I . 40.81 4.59 -39.82
C5B FAD I . 40.21 5.68 -39.12
C4B FAD I . 40.75 5.73 -37.68
O4B FAD I . 40.16 4.65 -36.99
C3B FAD I . 42.24 5.41 -37.63
O3B FAD I . 42.76 6.10 -36.54
C2B FAD I . 42.37 3.91 -37.38
O2B FAD I . 43.51 3.53 -36.59
C1B FAD I . 41.09 3.63 -36.64
N9A FAD I . 40.41 2.37 -36.94
C8A FAD I . 39.97 1.95 -38.16
N7A FAD I . 39.39 0.75 -37.95
C5A FAD I . 39.42 0.43 -36.62
C6A FAD I . 38.93 -0.68 -35.86
N6A FAD I . 38.16 -1.66 -36.35
N1A FAD I . 39.19 -0.68 -34.51
C2A FAD I . 39.83 0.40 -33.93
N3A FAD I . 40.28 1.47 -34.67
C4A FAD I . 40.07 1.47 -35.99
N1 FAD I . 33.31 10.87 -42.59
C2 FAD I . 32.07 11.01 -42.08
O2 FAD I . 31.89 10.87 -40.86
N3 FAD I . 31.06 11.31 -42.95
C4 FAD I . 31.29 11.41 -44.31
O4 FAD I . 30.31 11.66 -44.98
C4X FAD I . 32.58 11.27 -44.81
N5 FAD I . 32.91 11.38 -46.20
C5X FAD I . 34.23 11.23 -46.63
C6 FAD I . 34.52 11.33 -47.98
C7 FAD I . 35.85 11.15 -48.42
C7M FAD I . 36.17 11.29 -49.89
C8 FAD I . 36.85 10.87 -47.48
C8M FAD I . 38.28 10.68 -47.91
C9 FAD I . 36.56 10.74 -46.12
C9A FAD I . 35.24 10.94 -45.70
N10 FAD I . 34.94 10.83 -44.36
C10 FAD I . 33.61 11.00 -43.92
C1' FAD I . 36.07 10.50 -43.42
C2' FAD I . 36.15 8.97 -43.15
O2' FAD I . 35.59 8.20 -44.23
C3' FAD I . 35.46 8.51 -41.87
O3' FAD I . 36.15 9.10 -40.81
C4' FAD I . 35.42 6.99 -41.74
O4' FAD I . 34.87 6.65 -40.52
C5' FAD I . 36.76 6.29 -41.61
O5' FAD I . 36.53 4.89 -41.76
P FAD I . 37.66 3.87 -42.31
O1P FAD I . 37.17 2.48 -42.28
O2P FAD I . 38.14 4.38 -43.64
O3P FAD I . 38.75 4.04 -41.10
CL CL J . 33.15 14.18 -46.11
S SO4 K . 11.38 12.27 -45.03
O1 SO4 K . 11.64 13.50 -44.26
O2 SO4 K . 12.51 12.15 -45.99
O3 SO4 K . 10.11 12.30 -45.81
O4 SO4 K . 11.32 11.23 -43.98
S SO4 L . 18.54 16.42 -33.71
O1 SO4 L . 19.07 17.47 -32.84
O2 SO4 L . 19.15 16.42 -35.04
O3 SO4 L . 17.11 16.58 -34.01
O4 SO4 L . 18.82 15.14 -33.08
PA FAD M . -15.89 10.12 33.80
O1A FAD M . -14.95 11.20 33.28
O2A FAD M . -16.82 10.66 34.90
O5B FAD M . -15.06 8.82 34.28
C5B FAD M . -15.75 7.63 34.61
C4B FAD M . -14.72 6.57 35.02
O4B FAD M . -14.15 6.05 33.83
C3B FAD M . -13.49 7.05 35.75
O3B FAD M . -12.92 5.97 36.44
C2B FAD M . -12.54 7.37 34.60
O2B FAD M . -11.23 7.24 35.04
C1B FAD M . -12.78 6.28 33.62
N9A FAD M . -12.68 6.73 32.23
C8A FAD M . -13.28 7.84 31.66
N7A FAD M . -12.90 7.94 30.36
C5A FAD M . -12.07 6.87 30.06
C6A FAD M . -11.42 6.44 28.88
N6A FAD M . -11.64 7.04 27.71
N1A FAD M . -10.62 5.36 28.89
C2A FAD M . -10.47 4.67 30.03
N3A FAD M . -11.13 5.06 31.17
C4A FAD M . -11.94 6.12 31.21
N1 FAD M . -24.80 6.59 34.36
C2 FAD M . -25.53 5.73 33.58
O2 FAD M . -25.00 4.65 33.34
N3 FAD M . -26.79 6.04 33.12
C4 FAD M . -27.36 7.25 33.45
O4 FAD M . -28.50 7.56 33.03
C4X FAD M . -26.61 8.15 34.24
N5 FAD M . -27.14 9.39 34.56
C5X FAD M . -26.43 10.31 35.35
C6 FAD M . -27.00 11.57 35.66
C7 FAD M . -26.29 12.44 36.47
C7M FAD M . -26.87 13.78 36.81
C8 FAD M . -25.00 12.09 36.92
C8M FAD M . -24.19 13.04 37.77
C9 FAD M . -24.45 10.84 36.63
C9A FAD M . -25.15 9.94 35.82
N10 FAD M . -24.60 8.70 35.45
C10 FAD M . -25.35 7.82 34.70
C1' FAD M . -23.23 8.28 35.91
C2' FAD M . -22.15 8.66 34.86
O2' FAD M . -22.54 9.73 34.02
C3' FAD M . -21.75 7.47 34.00
O3' FAD M . -21.13 6.53 34.87
C4' FAD M . -20.86 7.85 32.81
O4' FAD M . -20.62 6.74 31.99
C5' FAD M . -19.44 8.34 33.08
O5' FAD M . -19.12 8.98 31.89
P FAD M . -18.00 10.12 31.89
O1P FAD M . -17.42 10.40 30.48
O2P FAD M . -18.45 11.37 32.57
O3P FAD M . -16.85 9.42 32.77
CL CL N . -28.43 8.30 36.72
S SO4 O . -41.94 1.20 21.41
O1 SO4 O . -41.34 2.40 21.93
O2 SO4 O . -42.24 1.29 19.97
O3 SO4 O . -43.21 0.94 22.08
O4 SO4 O . -41.06 0.08 21.75
PA FAD P . -18.23 -30.95 24.97
O1A FAD P . -18.32 -32.08 25.93
O2A FAD P . -17.92 -31.37 23.53
O5B FAD P . -17.08 -29.97 25.47
C5B FAD P . -16.99 -28.70 24.91
C4B FAD P . -15.79 -28.04 25.61
O4B FAD P . -16.21 -27.48 26.85
C3B FAD P . -14.65 -28.97 25.99
O3B FAD P . -13.47 -28.18 25.92
C2B FAD P . -14.90 -29.36 27.42
O2B FAD P . -13.70 -29.66 28.10
C1B FAD P . -15.59 -28.09 27.96
N9A FAD P . -16.70 -28.37 28.90
C8A FAD P . -17.76 -29.21 28.68
N7A FAD P . -18.53 -29.21 29.80
C5A FAD P . -17.97 -28.38 30.71
C6A FAD P . -18.37 -28.05 32.00
N6A FAD P . -19.57 -28.40 32.51
N1A FAD P . -17.55 -27.18 32.64
C2A FAD P . -16.39 -26.71 32.09
N3A FAD P . -15.99 -27.04 30.83
C4A FAD P . -16.81 -27.86 30.14
N1 FAD P . -22.56 -25.46 18.40
C2 FAD P . -23.33 -24.35 18.49
O2 FAD P . -22.95 -23.40 19.23
N3 FAD P . -24.47 -24.32 17.73
C4 FAD P . -24.85 -25.37 16.94
O4 FAD P . -25.91 -25.26 16.30
C4X FAD P . -24.05 -26.50 16.90
N5 FAD P . -24.38 -27.60 16.11
C5X FAD P . -23.62 -28.77 16.11
C6 FAD P . -24.04 -29.82 15.32
C7 FAD P . -23.27 -30.98 15.24
C7M FAD P . -23.76 -32.12 14.37
C8 FAD P . -22.09 -31.08 15.99
C8M FAD P . -21.25 -32.34 15.91
C9 FAD P . -21.70 -29.99 16.80
C9A FAD P . -22.45 -28.82 16.86
N10 FAD P . -22.11 -27.68 17.64
C10 FAD P . -22.91 -26.56 17.66
C1' FAD P . -20.87 -27.62 18.45
C2' FAD P . -21.05 -28.18 19.84
O2' FAD P . -22.25 -28.94 19.85
C3' FAD P . -21.14 -26.99 20.80
O3' FAD P . -19.85 -26.34 20.76
C4' FAD P . -21.62 -27.42 22.22
O4' FAD P . -21.73 -26.38 23.15
C5' FAD P . -20.73 -28.41 22.89
O5' FAD P . -21.48 -28.84 24.02
P FAD P . -21.08 -30.22 24.70
O1P FAD P . -21.84 -30.45 26.04
O2P FAD P . -21.12 -31.36 23.74
O3P FAD P . -19.54 -29.97 25.10
CL CL Q . -23.57 -26.59 13.76
S SO4 R . -41.48 -14.17 14.78
O1 SO4 R . -40.47 -13.60 15.68
O2 SO4 R . -41.38 -13.46 13.53
O3 SO4 R . -42.81 -13.96 15.38
O4 SO4 R . -41.14 -15.56 14.56
S SO4 S . -28.77 -8.18 17.30
O1 SO4 S . -29.57 -7.21 18.09
O2 SO4 S . -27.43 -7.62 17.07
O3 SO4 S . -29.61 -8.55 16.13
O4 SO4 S . -28.58 -9.34 18.21
#